data_4M9Z
#
_entry.id   4M9Z
#
_cell.length_a   178.167
_cell.length_b   178.167
_cell.length_c   200.738
_cell.angle_alpha   90.00
_cell.angle_beta   90.00
_cell.angle_gamma   90.00
#
_symmetry.space_group_name_H-M   'P 4 21 2'
#
loop_
_entity.id
_entity.type
_entity.pdbx_description
1 polymer 'Cell death protein 4'
2 polymer 'CED-3 fragment'
3 non-polymer 'MAGNESIUM ION'
4 non-polymer "ADENOSINE-5'-TRIPHOSPHATE"
#
loop_
_entity_poly.entity_id
_entity_poly.type
_entity_poly.pdbx_seq_one_letter_code
_entity_poly.pdbx_strand_id
1 'polypeptide(L)'
;(MSE)LCEIECRALSTAHTRLIHDFEPRDALTYLEGKNIFTEDHSELISK(MSE)STRLERIANFLRIYRRQASELGPLI
DFFNYNNQSHLADFLEDYIDFAINEPDLLRPVVIAPQFSRQ(MSE)LDRKLLLGNVPKQ(MSE)TCYIREYHVDRVIKKL
DE(MSE)CDLDSFFLFLHGRAGSGKSVIASQALSKSDQLIGINYDSIVWLKDSGTAPKSTFDLFTDILL(MSE)LKSEDD
LLNFPSVEHVTSVVLKR(MSE)ICNALIDRPNTLFVFDDVVQEETIRWAQELRLRCLVTTRDVEISNAASQTCEFIEVTS
LEIDECYDFLEAYG(MSE)P(MSE)PVGEKEEDVLNKTIELSSGNPATL(MSE)(MSE)FFKSCEPKTFEK(MSE)AQLN
NKLESRGLVGVECITPYSYKSLA(MSE)ALQRCVEVLSDEDRSALAFAVV(MSE)PPGVDIPVKLWSCVIPVDICSNEEE
QLDDEVADRLKRLSKRGALLSGKR(MSE)PVLTFKIDHIIH(MSE)FLKHVVDAQTIANGISILEQRLLEIGNNNVSVPE
RHIPSHFQKFRRSSASE(MSE)YPKTTEETVIRPEDFPKF(MSE)QLHQKFYDSLKNFACC
;
A,B,C,D
2 'polypeptide(L)' P(MSE)FNFLGC E,F,G,H
#
loop_
_chem_comp.id
_chem_comp.type
_chem_comp.name
_chem_comp.formula
ATP non-polymer ADENOSINE-5'-TRIPHOSPHATE 'C10 H16 N5 O13 P3'
MG non-polymer 'MAGNESIUM ION' 'Mg 2'
#
# COMPACT_ATOMS: atom_id res chain seq x y z
N MSE A 1 3.40 68.08 29.54
CA MSE A 1 4.12 66.86 29.20
C MSE A 1 5.55 67.16 28.76
O MSE A 1 5.85 68.29 28.33
CB MSE A 1 3.40 66.12 28.07
CG MSE A 1 2.56 64.93 28.51
SE MSE A 1 2.50 63.56 27.12
CE MSE A 1 4.41 63.19 27.00
N LEU A 2 6.42 66.17 28.87
CA LEU A 2 7.79 66.32 28.44
C LEU A 2 7.87 66.12 26.94
N CYS A 3 8.59 65.07 26.55
CA CYS A 3 8.70 64.61 25.17
C CYS A 3 9.74 63.49 25.16
N GLU A 4 10.09 63.01 23.98
CA GLU A 4 11.05 61.92 23.87
C GLU A 4 12.46 62.32 24.33
N ILE A 5 12.86 63.56 24.07
CA ILE A 5 14.18 64.08 24.48
C ILE A 5 14.39 64.25 26.01
N GLU A 6 13.48 64.94 26.68
CA GLU A 6 13.59 65.23 28.12
C GLU A 6 13.43 63.95 28.91
N CYS A 7 12.75 62.99 28.28
CA CYS A 7 12.54 61.71 28.90
C CYS A 7 13.74 60.85 28.57
N ARG A 8 14.41 61.13 27.46
CA ARG A 8 15.64 60.41 27.18
C ARG A 8 16.68 60.84 28.20
N ALA A 9 16.56 62.07 28.69
CA ALA A 9 17.46 62.56 29.72
C ALA A 9 17.13 61.89 31.05
N LEU A 10 15.84 61.85 31.36
CA LEU A 10 15.38 61.19 32.59
C LEU A 10 15.65 59.68 32.60
N SER A 11 15.82 59.09 31.43
CA SER A 11 16.08 57.67 31.30
C SER A 11 17.59 57.37 31.35
N THR A 12 18.37 58.20 30.67
CA THR A 12 19.82 58.04 30.68
C THR A 12 20.33 58.22 32.13
N ALA A 13 19.84 59.25 32.83
CA ALA A 13 20.22 59.45 34.23
C ALA A 13 19.41 58.63 35.25
N HIS A 14 19.18 57.35 34.96
CA HIS A 14 18.38 56.54 35.88
C HIS A 14 19.23 55.72 36.83
N THR A 15 20.37 55.19 36.37
CA THR A 15 21.29 54.51 37.30
C THR A 15 21.60 55.48 38.45
N ARG A 16 21.57 56.77 38.14
CA ARG A 16 21.88 57.79 39.11
C ARG A 16 20.63 58.13 39.89
N LEU A 17 19.50 58.32 39.22
CA LEU A 17 18.31 58.63 39.99
C LEU A 17 17.93 57.46 40.90
N ILE A 18 18.59 56.31 40.74
CA ILE A 18 18.40 55.17 41.62
C ILE A 18 19.46 55.14 42.72
N HIS A 19 20.68 55.57 42.37
CA HIS A 19 21.77 55.53 43.35
C HIS A 19 21.68 56.61 44.43
N ASP A 20 21.16 57.78 44.07
CA ASP A 20 21.01 58.85 45.05
C ASP A 20 19.88 59.82 44.66
N PHE A 21 18.76 59.70 45.40
CA PHE A 21 17.53 60.46 45.16
C PHE A 21 16.41 59.98 46.10
N GLU A 22 15.36 60.80 46.21
CA GLU A 22 14.18 60.46 46.99
C GLU A 22 13.05 61.41 46.62
N PRO A 23 11.92 60.86 46.17
CA PRO A 23 10.76 61.66 45.72
C PRO A 23 10.08 62.44 46.83
N ARG A 24 10.21 62.04 48.09
CA ARG A 24 9.61 62.79 49.18
C ARG A 24 10.26 64.17 49.30
N ASP A 25 11.55 64.23 48.98
CA ASP A 25 12.26 65.48 49.07
C ASP A 25 11.68 66.45 48.04
N ALA A 26 11.16 65.92 46.93
CA ALA A 26 10.72 66.81 45.87
C ALA A 26 9.22 67.02 45.87
N LEU A 27 8.47 66.19 46.58
CA LEU A 27 7.02 66.31 46.55
C LEU A 27 6.62 67.67 47.11
N THR A 28 7.25 68.03 48.22
CA THR A 28 6.99 69.31 48.87
C THR A 28 7.43 70.50 48.02
N TYR A 29 8.62 70.39 47.43
CA TYR A 29 9.17 71.42 46.56
C TYR A 29 8.45 71.60 45.21
N LEU A 30 7.71 70.57 44.81
CA LEU A 30 6.98 70.52 43.54
C LEU A 30 5.46 70.74 43.57
N GLU A 31 4.83 70.40 44.68
CA GLU A 31 3.42 70.78 44.89
C GLU A 31 3.25 72.28 44.74
N GLY A 32 4.34 73.01 44.93
CA GLY A 32 4.32 74.45 44.88
C GLY A 32 4.31 74.86 43.41
N LYS A 33 5.33 74.52 42.63
CA LYS A 33 5.33 74.93 41.23
C LYS A 33 4.26 74.32 40.31
N ASN A 34 3.23 73.66 40.86
CA ASN A 34 2.10 73.19 40.02
C ASN A 34 2.39 72.17 38.93
N ILE A 35 2.65 70.94 39.33
CA ILE A 35 3.04 69.89 38.39
C ILE A 35 2.48 68.59 38.99
N PHE A 36 1.79 68.75 40.12
CA PHE A 36 1.17 67.60 40.78
C PHE A 36 -0.27 67.87 41.25
N THR A 37 -0.87 66.88 41.90
CA THR A 37 -2.23 66.96 42.46
C THR A 37 -2.21 66.12 43.73
N GLU A 38 -3.10 66.37 44.70
CA GLU A 38 -2.96 65.70 45.99
C GLU A 38 -3.18 64.18 45.95
N ASP A 39 -3.70 63.64 44.86
CA ASP A 39 -3.62 62.18 44.74
C ASP A 39 -2.29 61.81 44.13
N HIS A 40 -1.76 62.63 43.23
CA HIS A 40 -0.47 62.34 42.65
C HIS A 40 0.53 62.21 43.82
N SER A 41 0.55 63.25 44.66
CA SER A 41 1.43 63.33 45.82
C SER A 41 1.08 62.29 46.89
N GLU A 42 -0.20 61.93 46.98
CA GLU A 42 -0.61 60.84 47.86
C GLU A 42 0.02 59.51 47.42
N LEU A 43 -0.09 59.24 46.11
CA LEU A 43 0.39 58.00 45.52
C LEU A 43 1.89 57.88 45.71
N ILE A 44 2.59 58.99 45.58
CA ILE A 44 4.04 58.95 45.75
C ILE A 44 4.60 59.11 47.18
N SER A 45 3.86 59.71 48.11
CA SER A 45 4.42 59.87 49.45
C SER A 45 4.36 58.60 50.34
N LYS A 46 3.30 57.82 50.21
CA LYS A 46 3.21 56.50 50.87
C LYS A 46 3.51 55.28 50.00
N MSE A 47 4.79 54.98 49.80
CA MSE A 47 5.23 53.81 49.03
C MSE A 47 6.40 53.14 49.72
O MSE A 47 7.41 53.77 50.02
CB MSE A 47 5.60 54.16 47.60
CG MSE A 47 4.51 54.89 46.83
SE MSE A 47 3.41 53.79 45.63
CE MSE A 47 3.75 52.02 46.35
N SER A 48 6.25 51.83 49.99
CA SER A 48 7.21 51.06 50.77
C SER A 48 8.66 51.17 50.28
N THR A 49 8.92 50.84 49.02
CA THR A 49 10.28 50.99 48.53
C THR A 49 10.46 52.37 47.87
N ARG A 50 11.70 52.78 47.70
CA ARG A 50 12.03 54.06 47.10
C ARG A 50 11.92 53.94 45.60
N LEU A 51 12.27 52.77 45.10
CA LEU A 51 12.16 52.45 43.68
C LEU A 51 10.73 52.58 43.16
N GLU A 52 9.78 52.44 44.08
CA GLU A 52 8.36 52.68 43.80
C GLU A 52 8.02 54.16 43.65
N ARG A 53 8.41 54.93 44.65
CA ARG A 53 8.20 56.37 44.64
C ARG A 53 8.91 57.03 43.48
N ILE A 54 10.02 56.42 43.08
CA ILE A 54 10.80 56.91 41.96
C ILE A 54 10.13 56.58 40.63
N ALA A 55 9.68 55.34 40.47
CA ALA A 55 9.03 54.98 39.22
C ALA A 55 7.69 55.70 39.02
N ASN A 56 6.96 55.91 40.11
CA ASN A 56 5.77 56.73 40.07
C ASN A 56 6.03 58.23 39.91
N PHE A 57 7.16 58.70 40.44
CA PHE A 57 7.50 60.10 40.31
C PHE A 57 7.93 60.45 38.91
N LEU A 58 8.70 59.56 38.29
CA LEU A 58 9.14 59.74 36.93
C LEU A 58 8.06 59.44 35.89
N ARG A 59 7.15 58.54 36.20
CA ARG A 59 6.00 58.31 35.34
C ARG A 59 5.07 59.51 35.40
N ILE A 60 4.59 59.83 36.59
CA ILE A 60 3.69 60.96 36.77
C ILE A 60 4.30 62.25 36.24
N TYR A 61 5.60 62.43 36.44
CA TYR A 61 6.23 63.68 36.02
C TYR A 61 6.23 63.75 34.50
N ARG A 62 6.53 62.65 33.82
CA ARG A 62 6.64 62.76 32.36
C ARG A 62 5.31 63.17 31.72
N ARG A 63 4.22 63.03 32.45
CA ARG A 63 2.88 63.36 31.94
C ARG A 63 2.43 64.76 32.37
N GLN A 64 2.83 65.11 33.58
CA GLN A 64 2.30 66.27 34.31
C GLN A 64 2.96 67.62 34.06
N ALA A 65 4.28 67.64 33.92
CA ALA A 65 5.00 68.90 33.83
C ALA A 65 5.02 69.47 32.43
N SER A 66 4.89 70.80 32.36
CA SER A 66 4.98 71.53 31.10
C SER A 66 6.38 71.55 30.53
N GLU A 67 7.38 71.17 31.33
CA GLU A 67 8.77 71.21 30.89
C GLU A 67 9.67 70.45 31.86
N LEU A 68 10.97 70.38 31.54
CA LEU A 68 11.92 69.69 32.39
C LEU A 68 12.71 70.71 33.22
N GLY A 69 12.02 71.72 33.74
CA GLY A 69 12.63 72.73 34.58
C GLY A 69 12.73 72.44 36.08
N PRO A 70 11.56 72.36 36.74
CA PRO A 70 11.36 72.14 38.19
C PRO A 70 11.89 70.79 38.69
N LEU A 71 12.93 70.30 38.06
CA LEU A 71 13.59 69.09 38.51
C LEU A 71 15.09 69.34 38.42
N ILE A 72 15.46 70.34 37.63
CA ILE A 72 16.80 70.90 37.70
C ILE A 72 16.86 71.89 38.86
N ASP A 73 15.84 72.74 38.93
CA ASP A 73 15.69 73.64 40.07
C ASP A 73 15.36 72.91 41.36
N PHE A 74 15.75 71.65 41.46
CA PHE A 74 15.61 70.89 42.69
C PHE A 74 16.76 70.02 43.11
N PHE A 75 17.31 69.26 42.16
CA PHE A 75 18.47 68.45 42.48
C PHE A 75 19.59 69.38 42.90
N ASN A 76 19.54 70.62 42.41
CA ASN A 76 20.40 71.68 42.89
C ASN A 76 20.26 71.97 44.38
N TYR A 77 19.10 72.47 44.80
CA TYR A 77 18.89 72.85 46.20
C TYR A 77 19.11 71.69 47.17
N ASN A 78 18.84 70.46 46.74
CA ASN A 78 18.92 69.33 47.65
C ASN A 78 20.31 68.73 47.83
N ASN A 79 21.33 69.48 47.43
CA ASN A 79 22.71 69.00 47.51
C ASN A 79 22.94 67.75 46.64
N GLN A 80 21.94 67.43 45.83
CA GLN A 80 22.03 66.36 44.85
C GLN A 80 22.27 67.03 43.50
N SER A 81 23.12 68.05 43.53
CA SER A 81 23.43 68.89 42.37
C SER A 81 24.19 68.12 41.30
N HIS A 82 24.80 67.02 41.72
CA HIS A 82 25.49 66.11 40.82
C HIS A 82 24.51 65.50 39.82
N LEU A 83 23.22 65.64 40.10
CA LEU A 83 22.16 65.22 39.18
C LEU A 83 21.75 66.33 38.20
N ALA A 84 21.27 67.45 38.76
CA ALA A 84 20.81 68.59 37.96
C ALA A 84 21.87 69.15 37.03
N ASP A 85 23.13 68.87 37.34
CA ASP A 85 24.19 69.30 36.46
C ASP A 85 24.18 68.37 35.25
N PHE A 86 24.05 67.07 35.48
CA PHE A 86 23.95 66.14 34.36
C PHE A 86 22.76 66.40 33.44
N LEU A 87 21.59 66.65 34.03
CA LEU A 87 20.43 66.89 33.16
C LEU A 87 20.49 68.25 32.45
N GLU A 88 20.98 69.29 33.11
CA GLU A 88 21.13 70.56 32.41
C GLU A 88 22.20 70.50 31.34
N ASP A 89 23.23 69.68 31.58
CA ASP A 89 24.26 69.48 30.59
C ASP A 89 23.68 68.79 29.37
N TYR A 90 22.84 67.80 29.60
CA TYR A 90 22.25 67.07 28.49
C TYR A 90 21.28 67.92 27.68
N ILE A 91 20.44 68.68 28.39
CA ILE A 91 19.51 69.55 27.71
C ILE A 91 20.20 70.71 27.01
N ASP A 92 21.40 71.06 27.45
CA ASP A 92 22.04 72.18 26.77
C ASP A 92 22.73 71.60 25.57
N PHE A 93 23.33 70.42 25.75
CA PHE A 93 23.90 69.73 24.60
C PHE A 93 22.78 69.06 23.80
N ALA A 94 21.58 69.64 23.84
CA ALA A 94 20.47 69.14 23.06
C ALA A 94 19.85 70.33 22.31
N ILE A 95 19.43 71.37 23.04
CA ILE A 95 18.86 72.53 22.36
C ILE A 95 19.92 73.34 21.58
N ASN A 96 20.97 73.79 22.27
CA ASN A 96 21.97 74.62 21.62
C ASN A 96 22.89 73.82 20.71
N GLU A 97 23.81 73.02 21.25
CA GLU A 97 24.65 72.21 20.37
C GLU A 97 24.12 70.77 20.27
N PRO A 98 23.33 70.48 19.22
CA PRO A 98 22.83 69.13 18.95
C PRO A 98 23.97 68.30 18.40
N ASP A 99 23.76 67.00 18.21
CA ASP A 99 24.78 66.11 17.67
C ASP A 99 25.80 65.84 18.76
N LEU A 100 26.32 66.91 19.35
CA LEU A 100 27.43 66.86 20.28
C LEU A 100 27.04 66.03 21.51
N LEU A 101 25.74 65.77 21.60
CA LEU A 101 25.10 65.07 22.71
C LEU A 101 25.50 63.61 22.88
N ARG A 102 25.53 62.88 21.78
CA ARG A 102 25.89 61.46 21.84
C ARG A 102 27.38 61.27 22.19
N PRO A 103 28.29 61.99 21.54
CA PRO A 103 29.70 61.85 21.93
C PRO A 103 29.97 62.36 23.36
N VAL A 104 29.42 63.51 23.75
CA VAL A 104 29.80 64.14 25.03
C VAL A 104 29.02 63.67 26.25
N VAL A 105 27.72 63.93 26.32
CA VAL A 105 26.96 63.70 27.56
C VAL A 105 26.32 62.30 27.64
N ILE A 106 26.47 61.50 26.58
CA ILE A 106 25.84 60.18 26.52
C ILE A 106 26.81 59.00 26.59
N ALA A 107 27.93 59.12 25.90
CA ALA A 107 28.95 58.07 25.81
C ALA A 107 29.75 57.73 27.09
N PRO A 108 30.12 58.73 27.93
CA PRO A 108 30.96 58.42 29.11
C PRO A 108 30.40 57.46 30.16
N GLN A 109 29.29 56.77 29.87
CA GLN A 109 28.74 55.81 30.83
C GLN A 109 28.44 54.48 30.17
N PHE A 110 28.79 54.34 28.88
CA PHE A 110 28.66 53.04 28.24
C PHE A 110 29.39 52.00 29.10
N SER A 111 28.95 50.75 28.99
CA SER A 111 29.50 49.66 29.77
C SER A 111 29.09 48.32 29.17
N ARG A 112 30.04 47.55 28.67
CA ARG A 112 29.73 46.33 27.93
C ARG A 112 28.97 45.29 28.80
N GLN A 113 28.40 45.74 29.92
CA GLN A 113 27.65 44.84 30.79
C GLN A 113 26.25 45.42 30.97
N MSE A 114 26.12 46.71 30.72
CA MSE A 114 24.82 47.38 30.74
C MSE A 114 24.06 47.07 29.45
O MSE A 114 22.84 46.87 29.44
CB MSE A 114 24.98 48.88 30.92
CG MSE A 114 25.31 49.29 32.35
SE MSE A 114 25.86 51.15 32.46
CE MSE A 114 26.04 51.29 34.40
N LEU A 115 24.85 47.01 28.37
CA LEU A 115 24.35 46.60 27.07
C LEU A 115 23.66 45.27 27.24
N ASP A 116 24.41 44.27 27.70
CA ASP A 116 23.92 42.90 27.83
C ASP A 116 22.60 42.82 28.61
N ARG A 117 22.52 43.57 29.70
CA ARG A 117 21.24 43.83 30.38
C ARG A 117 20.11 44.33 29.48
N LYS A 118 20.37 45.37 28.70
CA LYS A 118 19.31 45.92 27.85
C LYS A 118 18.93 44.98 26.70
N LEU A 119 19.92 44.32 26.11
CA LEU A 119 19.66 43.34 25.06
C LEU A 119 18.80 42.22 25.62
N LEU A 120 19.24 41.63 26.73
CA LEU A 120 18.50 40.52 27.33
C LEU A 120 17.06 40.93 27.67
N LEU A 121 16.90 42.13 28.23
CA LEU A 121 15.57 42.54 28.67
C LEU A 121 14.70 42.94 27.47
N GLY A 122 15.36 43.31 26.39
CA GLY A 122 14.69 43.64 25.14
C GLY A 122 14.52 42.45 24.23
N ASN A 123 14.77 41.27 24.79
CA ASN A 123 14.61 40.00 24.07
C ASN A 123 15.41 39.94 22.78
N VAL A 124 16.57 40.59 22.74
CA VAL A 124 17.46 40.41 21.60
C VAL A 124 18.13 39.05 21.75
N PRO A 125 18.11 38.26 20.66
CA PRO A 125 18.68 36.92 20.59
C PRO A 125 20.20 36.95 20.61
N LYS A 126 20.82 35.87 21.04
CA LYS A 126 22.25 35.88 21.27
C LYS A 126 22.95 35.92 19.92
N GLN A 127 23.73 36.97 19.69
CA GLN A 127 24.49 37.14 18.47
C GLN A 127 25.46 35.99 18.17
N MSE A 128 25.61 35.67 16.89
CA MSE A 128 26.49 34.60 16.46
C MSE A 128 27.94 35.09 16.39
O MSE A 128 28.18 36.27 16.20
CB MSE A 128 26.01 34.03 15.12
CG MSE A 128 24.64 33.40 15.26
SE MSE A 128 24.38 31.85 14.10
CE MSE A 128 25.97 30.88 14.64
N THR A 129 28.88 34.16 16.57
CA THR A 129 30.27 34.55 16.86
C THR A 129 31.38 33.97 15.97
N CYS A 130 31.31 32.69 15.61
CA CYS A 130 32.41 32.08 14.84
C CYS A 130 32.54 32.60 13.41
N TYR A 131 31.50 33.29 12.92
CA TYR A 131 31.63 34.03 11.67
C TYR A 131 30.62 35.15 11.66
N ILE A 132 31.06 36.32 11.21
CA ILE A 132 30.19 37.47 11.07
C ILE A 132 30.30 37.96 9.64
N ARG A 133 29.16 38.14 8.99
CA ARG A 133 29.21 38.72 7.66
C ARG A 133 29.48 40.20 7.92
N GLU A 134 30.74 40.59 7.75
CA GLU A 134 31.22 41.96 8.03
C GLU A 134 30.32 42.99 7.36
N TYR A 135 30.42 43.06 6.04
CA TYR A 135 29.77 44.06 5.21
C TYR A 135 28.36 44.42 5.68
N HIS A 136 27.54 43.40 5.86
CA HIS A 136 26.12 43.62 6.06
C HIS A 136 25.91 44.18 7.45
N VAL A 137 26.41 43.49 8.48
CA VAL A 137 26.28 43.98 9.85
C VAL A 137 26.80 45.42 10.00
N ASP A 138 27.85 45.75 9.27
CA ASP A 138 28.41 47.09 9.30
C ASP A 138 27.38 48.06 8.75
N ARG A 139 26.83 47.75 7.57
CA ARG A 139 25.94 48.69 6.90
C ARG A 139 24.62 48.85 7.65
N VAL A 140 24.15 47.77 8.27
CA VAL A 140 23.02 47.87 9.20
C VAL A 140 23.34 48.88 10.29
N ILE A 141 24.46 48.72 10.97
CA ILE A 141 24.75 49.66 12.07
C ILE A 141 24.84 51.10 11.56
N LYS A 142 25.50 51.29 10.41
CA LYS A 142 25.61 52.62 9.81
C LYS A 142 24.22 53.22 9.57
N LYS A 143 23.40 52.52 8.79
CA LYS A 143 22.08 53.02 8.42
C LYS A 143 21.13 53.14 9.60
N LEU A 144 21.46 52.51 10.72
CA LEU A 144 20.64 52.71 11.92
C LEU A 144 21.09 53.99 12.60
N ASP A 145 22.39 54.20 12.64
CA ASP A 145 22.92 55.46 13.16
C ASP A 145 22.36 56.66 12.40
N GLU A 146 22.22 56.54 11.07
CA GLU A 146 21.76 57.69 10.30
C GLU A 146 20.32 58.09 10.61
N MSE A 147 19.60 57.19 11.28
CA MSE A 147 18.16 57.38 11.40
C MSE A 147 17.73 57.54 12.86
O MSE A 147 16.59 57.86 13.14
CB MSE A 147 17.39 56.23 10.75
CG MSE A 147 17.87 55.85 9.37
SE MSE A 147 16.56 54.76 8.43
CE MSE A 147 17.77 53.54 7.52
N CYS A 148 18.65 57.29 13.80
CA CYS A 148 18.36 57.45 15.23
C CYS A 148 17.82 58.85 15.56
N ASP A 149 18.11 59.79 14.67
CA ASP A 149 17.61 61.14 14.75
C ASP A 149 16.11 61.18 14.47
N LEU A 150 15.71 60.50 13.40
CA LEU A 150 14.32 60.38 12.95
C LEU A 150 13.29 60.00 14.01
N ASP A 151 12.07 60.47 13.77
CA ASP A 151 10.95 60.29 14.70
C ASP A 151 10.31 58.92 14.45
N SER A 152 10.46 58.43 13.22
CA SER A 152 9.92 57.13 12.84
C SER A 152 10.45 56.71 11.47
N PHE A 153 10.80 55.43 11.33
CA PHE A 153 11.47 54.95 10.11
C PHE A 153 11.51 53.42 9.97
N PHE A 154 11.56 52.94 8.74
CA PHE A 154 11.70 51.51 8.46
C PHE A 154 13.03 51.08 7.84
N LEU A 155 13.69 50.11 8.45
CA LEU A 155 14.86 49.47 7.85
C LEU A 155 14.52 48.02 7.52
N PHE A 156 14.58 47.68 6.23
CA PHE A 156 14.21 46.34 5.78
C PHE A 156 15.44 45.50 5.47
N LEU A 157 15.79 44.60 6.38
CA LEU A 157 16.90 43.70 6.11
C LEU A 157 16.29 42.46 5.44
N HIS A 158 15.96 42.58 4.16
CA HIS A 158 15.23 41.51 3.46
C HIS A 158 16.06 40.55 2.63
N GLY A 159 15.72 39.27 2.67
CA GLY A 159 16.38 38.28 1.83
C GLY A 159 15.61 36.98 1.73
N ARG A 160 16.19 36.03 1.01
CA ARG A 160 15.73 34.63 0.99
C ARG A 160 15.56 34.08 2.42
N ALA A 161 15.04 32.87 2.50
CA ALA A 161 14.87 32.18 3.77
C ALA A 161 16.18 31.49 4.10
N GLY A 162 16.56 31.55 5.37
CA GLY A 162 17.85 31.09 5.84
C GLY A 162 19.03 31.89 5.33
N SER A 163 18.76 33.01 4.67
CA SER A 163 19.82 33.83 4.09
C SER A 163 20.64 34.53 5.18
N GLY A 164 20.15 34.48 6.43
CA GLY A 164 20.93 34.96 7.56
C GLY A 164 20.59 36.34 8.10
N LYS A 165 19.44 36.88 7.71
CA LYS A 165 19.05 38.23 8.12
C LYS A 165 18.93 38.48 9.62
N SER A 166 18.20 37.62 10.32
CA SER A 166 17.90 37.89 11.73
C SER A 166 19.19 37.85 12.52
N VAL A 167 20.03 36.90 12.14
CA VAL A 167 21.31 36.70 12.77
C VAL A 167 22.20 37.93 12.58
N ILE A 168 22.20 38.45 11.35
CA ILE A 168 22.91 39.67 11.01
C ILE A 168 22.42 40.84 11.87
N ALA A 169 21.13 40.82 12.19
CA ALA A 169 20.55 41.87 13.03
C ALA A 169 20.93 41.68 14.49
N SER A 170 21.13 40.42 14.86
CA SER A 170 21.52 40.01 16.20
C SER A 170 22.91 40.53 16.46
N GLN A 171 23.72 40.53 15.40
CA GLN A 171 25.12 40.90 15.51
C GLN A 171 25.19 42.42 15.42
N ALA A 172 24.34 42.98 14.56
CA ALA A 172 24.29 44.42 14.36
C ALA A 172 23.82 45.20 15.60
N LEU A 173 23.03 44.56 16.45
CA LEU A 173 22.66 45.20 17.71
C LEU A 173 23.54 44.72 18.85
N SER A 174 24.59 43.98 18.52
CA SER A 174 25.47 43.39 19.51
C SER A 174 26.95 43.71 19.30
N LYS A 175 27.28 44.14 18.09
CA LYS A 175 28.64 44.55 17.77
C LYS A 175 29.01 45.88 18.41
N SER A 176 28.56 46.98 17.82
CA SER A 176 28.84 48.31 18.38
C SER A 176 28.46 48.40 19.86
N ASP A 177 28.84 49.50 20.51
CA ASP A 177 28.32 49.79 21.84
C ASP A 177 27.48 51.04 21.78
N GLN A 178 27.38 51.60 20.58
CA GLN A 178 26.71 52.87 20.34
C GLN A 178 25.19 52.76 20.16
N LEU A 179 24.76 51.86 19.28
CA LEU A 179 23.34 51.71 18.94
C LEU A 179 22.37 51.63 20.11
N ILE A 180 22.69 50.88 21.14
CA ILE A 180 21.83 50.85 22.32
C ILE A 180 22.48 51.62 23.48
N GLY A 181 21.90 52.77 23.80
CA GLY A 181 22.44 53.62 24.84
C GLY A 181 22.82 54.98 24.29
N ILE A 182 23.60 54.96 23.22
CA ILE A 182 24.08 56.18 22.57
C ILE A 182 23.05 56.63 21.53
N ASN A 183 22.71 55.74 20.61
CA ASN A 183 21.76 56.10 19.54
C ASN A 183 20.32 55.83 19.94
N TYR A 184 20.08 54.70 20.61
CA TYR A 184 18.76 54.38 21.11
C TYR A 184 18.88 53.93 22.57
N ASP A 185 17.93 54.33 23.42
CA ASP A 185 18.04 53.98 24.83
C ASP A 185 17.72 52.51 25.06
N SER A 186 16.65 52.03 24.45
CA SER A 186 16.28 50.65 24.64
C SER A 186 15.99 49.92 23.33
N ILE A 187 15.91 48.60 23.46
CA ILE A 187 15.58 47.71 22.36
C ILE A 187 14.38 46.82 22.71
N VAL A 188 13.46 46.69 21.76
CA VAL A 188 12.39 45.71 21.87
C VAL A 188 12.42 44.87 20.60
N TRP A 189 12.82 43.61 20.76
CA TRP A 189 12.98 42.70 19.64
C TRP A 189 11.94 41.61 19.81
N LEU A 190 11.02 41.54 18.86
CA LEU A 190 9.87 40.64 18.93
C LEU A 190 9.80 39.77 17.68
N LYS A 191 9.63 38.47 17.87
CA LYS A 191 9.43 37.61 16.71
C LYS A 191 7.98 37.56 16.32
N ASP A 192 7.76 37.82 15.04
CA ASP A 192 6.43 37.89 14.46
C ASP A 192 6.00 36.50 14.00
N SER A 193 6.25 36.25 12.71
CA SER A 193 5.95 34.98 12.04
C SER A 193 4.44 34.79 11.93
N GLY A 194 3.71 35.90 11.95
CA GLY A 194 2.27 35.90 11.94
C GLY A 194 1.63 35.71 10.58
N THR A 195 0.64 34.81 10.51
CA THR A 195 -0.01 34.49 9.26
C THR A 195 -1.50 34.75 9.42
N ALA A 196 -2.02 34.33 10.57
CA ALA A 196 -3.40 34.60 10.91
C ALA A 196 -3.62 36.11 11.03
N PRO A 197 -4.88 36.55 11.05
CA PRO A 197 -5.21 37.97 11.24
C PRO A 197 -5.20 38.36 12.72
N LYS A 198 -5.30 37.37 13.60
CA LYS A 198 -5.21 37.65 15.03
C LYS A 198 -3.76 37.82 15.48
N SER A 199 -2.83 37.46 14.61
CA SER A 199 -1.41 37.46 14.92
C SER A 199 -0.93 38.90 15.06
N THR A 200 -1.47 39.76 14.18
CA THR A 200 -1.08 41.16 14.10
C THR A 200 -1.54 41.97 15.31
N PHE A 201 -2.53 41.44 16.04
CA PHE A 201 -2.97 42.13 17.25
C PHE A 201 -2.21 41.59 18.47
N ASP A 202 -2.00 40.26 18.48
CA ASP A 202 -1.30 39.57 19.56
C ASP A 202 0.15 40.05 19.68
N LEU A 203 0.71 40.38 18.51
CA LEU A 203 2.08 40.85 18.44
C LEU A 203 2.16 42.07 19.32
N PHE A 204 1.34 43.07 18.98
CA PHE A 204 1.34 44.35 19.66
C PHE A 204 0.79 44.25 21.09
N THR A 205 0.18 43.11 21.42
CA THR A 205 -0.16 42.81 22.82
C THR A 205 1.15 42.56 23.54
N ASP A 206 2.10 41.97 22.82
CA ASP A 206 3.33 41.60 23.49
C ASP A 206 4.32 42.76 23.34
N ILE A 207 4.06 43.70 22.42
CA ILE A 207 4.78 44.96 22.48
C ILE A 207 4.36 45.70 23.74
N LEU A 208 3.12 46.20 23.74
CA LEU A 208 2.47 46.76 24.93
C LEU A 208 2.97 46.15 26.25
N LEU A 209 3.21 44.84 26.28
CA LEU A 209 3.75 44.20 27.50
C LEU A 209 5.29 44.16 27.62
N MSE A 210 5.98 44.17 26.48
CA MSE A 210 7.45 44.36 26.40
C MSE A 210 7.89 45.70 26.93
O MSE A 210 9.04 45.88 27.35
CB MSE A 210 7.95 44.17 24.96
CG MSE A 210 8.21 42.71 24.58
SE MSE A 210 9.08 41.72 26.01
CE MSE A 210 10.73 42.72 26.03
N LEU A 211 6.98 46.66 26.87
CA LEU A 211 7.25 47.99 27.34
C LEU A 211 7.06 48.02 28.85
N LYS A 212 5.95 47.45 29.30
CA LYS A 212 5.55 47.52 30.69
C LYS A 212 6.59 47.04 31.71
N SER A 213 6.66 47.76 32.82
CA SER A 213 7.59 47.57 33.95
C SER A 213 7.47 46.17 34.55
N GLU A 214 8.49 45.66 35.26
CA GLU A 214 8.32 44.34 35.88
C GLU A 214 7.11 44.47 36.80
N ASP A 215 7.03 45.63 37.47
CA ASP A 215 5.79 46.00 38.13
C ASP A 215 4.81 46.26 37.01
N ASP A 216 3.56 45.99 37.29
CA ASP A 216 2.44 46.11 36.37
C ASP A 216 2.79 45.19 35.19
N LEU A 217 3.31 44.00 35.49
CA LEU A 217 3.20 42.82 34.63
C LEU A 217 2.24 41.88 35.33
N LEU A 218 2.13 42.13 36.63
CA LEU A 218 1.16 41.52 37.54
C LEU A 218 -0.27 41.94 37.23
N ASN A 219 -0.46 43.23 37.07
CA ASN A 219 -1.76 43.82 36.76
C ASN A 219 -2.35 43.52 35.39
N PHE A 220 -1.59 42.90 34.47
CA PHE A 220 -2.09 42.51 33.14
C PHE A 220 -3.54 42.01 33.27
N PRO A 221 -4.48 42.73 32.62
CA PRO A 221 -5.91 42.42 32.53
C PRO A 221 -6.23 41.37 31.48
N SER A 222 -7.50 40.99 31.35
CA SER A 222 -7.90 40.14 30.24
C SER A 222 -7.85 40.95 28.94
N VAL A 223 -6.66 41.51 28.68
CA VAL A 223 -6.37 42.31 27.51
C VAL A 223 -6.52 41.55 26.18
N GLU A 224 -6.46 40.23 26.25
CA GLU A 224 -6.76 39.36 25.10
C GLU A 224 -7.99 39.83 24.32
N HIS A 225 -8.96 40.39 25.05
CA HIS A 225 -10.16 40.96 24.46
C HIS A 225 -10.29 42.45 24.76
N VAL A 226 -9.90 43.27 23.80
CA VAL A 226 -9.86 44.72 23.92
C VAL A 226 -9.51 45.25 22.53
N THR A 227 -10.18 46.33 22.14
CA THR A 227 -10.12 46.81 20.77
C THR A 227 -8.72 47.15 20.27
N SER A 228 -8.57 47.28 18.96
CA SER A 228 -7.30 47.68 18.37
C SER A 228 -6.94 49.13 18.69
N VAL A 229 -7.94 50.00 18.66
CA VAL A 229 -7.77 51.42 18.98
C VAL A 229 -7.26 51.64 20.40
N VAL A 230 -7.59 50.69 21.26
CA VAL A 230 -7.26 50.76 22.67
C VAL A 230 -5.89 50.16 22.93
N LEU A 231 -5.59 48.99 22.38
CA LEU A 231 -4.22 48.48 22.48
C LEU A 231 -3.23 49.53 21.92
N LYS A 232 -3.63 50.18 20.82
CA LYS A 232 -2.80 51.22 20.18
C LYS A 232 -2.63 52.45 21.06
N ARG A 233 -3.73 52.94 21.62
CA ARG A 233 -3.67 54.11 22.49
C ARG A 233 -2.88 53.78 23.76
N MSE A 234 -3.12 52.60 24.32
CA MSE A 234 -2.39 52.10 25.48
C MSE A 234 -0.90 52.05 25.20
O MSE A 234 -0.08 52.30 26.08
CB MSE A 234 -2.85 50.69 25.88
CG MSE A 234 -4.14 50.59 26.67
SE MSE A 234 -4.39 48.72 27.20
CE MSE A 234 -6.19 48.85 27.95
N ILE A 235 -0.55 51.78 23.94
CA ILE A 235 0.85 51.75 23.57
C ILE A 235 1.42 53.16 23.44
N CYS A 236 0.83 54.01 22.61
CA CYS A 236 1.43 55.34 22.44
C CYS A 236 1.44 56.08 23.78
N ASN A 237 0.58 55.64 24.70
CA ASN A 237 0.66 56.05 26.10
C ASN A 237 1.93 55.51 26.70
N ALA A 238 1.90 54.23 27.06
CA ALA A 238 3.04 53.52 27.64
C ALA A 238 4.36 53.67 26.86
N LEU A 239 4.34 54.39 25.76
CA LEU A 239 5.54 54.57 24.94
C LEU A 239 6.29 55.82 25.36
N ILE A 240 5.70 56.60 26.26
CA ILE A 240 6.39 57.77 26.75
C ILE A 240 7.63 57.33 27.56
N ASP A 241 7.46 56.39 28.50
CA ASP A 241 8.59 55.96 29.34
C ASP A 241 9.68 55.30 28.54
N ARG A 242 9.53 55.24 27.22
CA ARG A 242 10.51 54.60 26.37
C ARG A 242 10.93 55.60 25.28
N PRO A 243 11.88 56.48 25.62
CA PRO A 243 12.57 57.39 24.71
C PRO A 243 13.43 56.60 23.73
N ASN A 244 13.64 57.12 22.51
CA ASN A 244 14.37 56.42 21.45
C ASN A 244 14.51 54.93 21.70
N THR A 245 13.47 54.20 21.30
CA THR A 245 13.44 52.76 21.44
C THR A 245 13.45 52.18 20.05
N LEU A 246 14.36 51.24 19.83
CA LEU A 246 14.44 50.60 18.53
C LEU A 246 13.57 49.36 18.62
N PHE A 247 12.87 49.07 17.52
CA PHE A 247 12.00 47.91 17.46
C PHE A 247 12.48 46.95 16.40
N VAL A 248 12.90 45.76 16.78
CA VAL A 248 13.13 44.72 15.80
C VAL A 248 11.91 43.82 15.65
N PHE A 249 11.46 43.67 14.42
CA PHE A 249 10.33 42.82 14.08
C PHE A 249 10.82 41.62 13.28
N ASP A 250 11.34 40.64 14.02
CA ASP A 250 11.98 39.50 13.38
C ASP A 250 10.90 38.68 12.70
N ASP A 251 11.06 38.53 11.37
CA ASP A 251 10.23 37.67 10.52
C ASP A 251 8.85 38.25 10.31
N VAL A 252 8.74 39.41 9.66
CA VAL A 252 7.42 39.94 9.35
C VAL A 252 6.94 39.32 8.03
N VAL A 253 5.71 38.82 8.05
CA VAL A 253 5.00 38.34 6.86
C VAL A 253 3.80 39.19 6.40
N GLN A 254 3.03 39.69 7.37
CA GLN A 254 1.84 40.48 7.09
C GLN A 254 2.11 41.98 6.99
N GLU A 255 1.70 42.62 5.89
CA GLU A 255 1.82 44.07 5.75
C GLU A 255 0.97 44.82 6.76
N GLU A 256 0.22 44.07 7.56
CA GLU A 256 -0.60 44.64 8.60
C GLU A 256 0.27 45.05 9.77
N THR A 257 1.23 44.19 10.12
CA THR A 257 2.34 44.59 10.98
C THR A 257 2.81 45.98 10.56
N ILE A 258 3.50 46.08 9.42
CA ILE A 258 4.00 47.35 8.88
C ILE A 258 3.01 48.51 8.97
N ARG A 259 1.72 48.23 8.76
CA ARG A 259 0.77 49.32 8.94
C ARG A 259 0.64 49.74 10.40
N TRP A 260 0.64 48.79 11.33
CA TRP A 260 0.59 49.18 12.73
C TRP A 260 1.86 49.92 13.15
N ALA A 261 3.00 49.33 12.80
CA ALA A 261 4.29 49.95 13.04
C ALA A 261 4.35 51.39 12.54
N GLN A 262 3.64 51.67 11.46
CA GLN A 262 3.69 53.01 10.86
C GLN A 262 2.59 53.96 11.36
N GLU A 263 1.53 53.40 11.92
CA GLU A 263 0.48 54.20 12.55
C GLU A 263 0.92 54.56 13.95
N LEU A 264 1.76 53.70 14.51
CA LEU A 264 2.23 53.86 15.88
C LEU A 264 3.53 54.65 15.89
N ARG A 265 3.90 55.20 14.73
CA ARG A 265 5.11 56.02 14.57
C ARG A 265 6.31 55.43 15.30
N LEU A 266 6.52 54.14 15.07
CA LEU A 266 7.58 53.36 15.70
C LEU A 266 8.87 53.40 14.89
N ARG A 267 9.99 53.07 15.55
CA ARG A 267 11.27 52.95 14.86
C ARG A 267 11.58 51.48 14.66
N CYS A 268 11.57 51.05 13.41
CA CYS A 268 11.64 49.62 13.15
C CYS A 268 12.74 49.09 12.24
N LEU A 269 13.46 48.11 12.79
CA LEU A 269 14.23 47.16 12.02
C LEU A 269 13.22 46.05 11.76
N VAL A 270 13.28 45.47 10.57
CA VAL A 270 12.34 44.42 10.16
C VAL A 270 13.09 43.33 9.43
N THR A 271 13.13 42.13 9.98
CA THR A 271 13.63 41.06 9.11
C THR A 271 12.45 40.39 8.44
N THR A 272 12.57 40.17 7.13
CA THR A 272 11.49 39.58 6.37
C THR A 272 11.98 38.91 5.09
N ARG A 273 11.11 38.11 4.49
CA ARG A 273 11.42 37.49 3.21
C ARG A 273 10.69 38.15 2.05
N ASP A 274 9.41 38.48 2.27
CA ASP A 274 8.60 39.18 1.28
C ASP A 274 8.80 40.69 1.42
N VAL A 275 9.32 41.33 0.37
CA VAL A 275 9.72 42.73 0.42
C VAL A 275 8.57 43.74 0.18
N GLU A 276 7.53 43.29 -0.53
CA GLU A 276 6.48 44.21 -0.98
C GLU A 276 5.64 44.76 0.14
N ILE A 277 5.80 44.18 1.32
CA ILE A 277 5.06 44.67 2.46
C ILE A 277 5.43 46.14 2.71
N SER A 278 6.53 46.58 2.08
CA SER A 278 6.98 47.94 2.34
C SER A 278 6.18 48.96 1.57
N ASN A 279 5.52 48.52 0.51
CA ASN A 279 4.62 49.42 -0.19
C ASN A 279 3.45 49.81 0.71
N ALA A 280 3.19 49.02 1.75
CA ALA A 280 2.17 49.40 2.72
C ALA A 280 2.47 50.70 3.48
N ALA A 281 3.76 50.96 3.72
CA ALA A 281 4.21 52.14 4.47
C ALA A 281 4.58 53.36 3.61
N SER A 282 3.91 54.47 3.89
CA SER A 282 4.24 55.78 3.35
C SER A 282 5.18 56.61 4.24
N GLN A 283 6.48 56.43 4.11
CA GLN A 283 7.42 56.92 5.12
C GLN A 283 8.87 56.72 4.69
N THR A 284 9.79 57.17 5.54
CA THR A 284 11.21 56.90 5.36
C THR A 284 11.40 55.40 5.31
N CYS A 285 11.50 54.84 4.10
CA CYS A 285 11.83 53.44 4.00
C CYS A 285 13.15 53.21 3.30
N GLU A 286 14.00 52.45 3.99
CA GLU A 286 15.35 52.13 3.55
C GLU A 286 15.55 50.63 3.62
N PHE A 287 16.39 50.12 2.72
CA PHE A 287 16.46 48.70 2.49
C PHE A 287 17.90 48.21 2.50
N ILE A 288 18.09 47.00 3.01
CA ILE A 288 19.37 46.31 2.96
C ILE A 288 19.05 44.88 2.61
N GLU A 289 19.53 44.46 1.44
CA GLU A 289 19.18 43.16 0.93
C GLU A 289 20.25 42.13 1.30
N VAL A 290 19.82 41.04 1.93
CA VAL A 290 20.75 39.99 2.31
C VAL A 290 20.90 39.05 1.14
N THR A 291 21.93 39.24 0.34
CA THR A 291 22.14 38.40 -0.82
C THR A 291 22.60 37.00 -0.40
N SER A 292 22.63 36.09 -1.37
CA SER A 292 23.17 34.76 -1.17
C SER A 292 24.68 34.86 -0.92
N LEU A 293 25.19 34.06 0.02
CA LEU A 293 26.63 34.04 0.31
C LEU A 293 27.48 33.82 -0.94
N GLU A 294 28.25 34.86 -1.28
CA GLU A 294 29.20 34.85 -2.37
C GLU A 294 30.12 33.63 -2.25
N ILE A 295 30.74 33.21 -3.35
CA ILE A 295 31.49 31.96 -3.36
C ILE A 295 32.63 31.98 -2.33
N ASP A 296 33.22 33.17 -2.14
CA ASP A 296 34.35 33.36 -1.22
C ASP A 296 33.99 33.40 0.27
N GLU A 297 32.87 34.05 0.59
CA GLU A 297 32.41 34.12 1.98
C GLU A 297 32.08 32.73 2.51
N CYS A 298 31.69 31.84 1.62
CA CYS A 298 31.34 30.48 2.03
C CYS A 298 32.64 29.82 2.49
N TYR A 299 33.72 30.06 1.76
CA TYR A 299 35.05 29.54 2.12
C TYR A 299 35.32 30.04 3.52
N ASP A 300 35.18 31.36 3.70
CA ASP A 300 35.44 31.99 5.00
C ASP A 300 34.65 31.29 6.11
N PHE A 301 33.37 31.02 5.85
CA PHE A 301 32.41 30.35 6.74
C PHE A 301 32.81 28.92 7.12
N LEU A 302 33.44 28.25 6.16
CA LEU A 302 33.86 26.87 6.27
C LEU A 302 35.07 26.87 7.19
N GLU A 303 36.05 27.67 6.83
CA GLU A 303 37.21 27.91 7.67
C GLU A 303 36.73 28.26 9.08
N ALA A 304 35.76 29.17 9.15
CA ALA A 304 35.21 29.64 10.41
C ALA A 304 34.72 28.53 11.34
N TYR A 305 34.06 27.49 10.85
CA TYR A 305 33.70 26.42 11.77
C TYR A 305 34.57 25.17 11.53
N GLY A 306 35.87 25.25 11.79
CA GLY A 306 36.76 24.11 11.59
C GLY A 306 36.82 23.18 10.37
N MSE A 307 36.54 23.71 9.18
CA MSE A 307 36.56 22.89 7.97
C MSE A 307 37.88 22.80 7.20
O MSE A 307 38.46 23.81 6.83
CB MSE A 307 35.52 23.43 6.98
CG MSE A 307 34.85 22.45 6.03
SE MSE A 307 34.45 20.63 6.57
CE MSE A 307 33.80 20.02 4.83
N PRO A 308 38.35 21.57 6.97
CA PRO A 308 39.62 21.29 6.31
C PRO A 308 39.53 21.84 4.89
N MSE A 309 40.49 22.64 4.46
CA MSE A 309 40.47 23.25 3.13
C MSE A 309 41.14 22.33 2.13
O MSE A 309 42.08 21.62 2.47
CB MSE A 309 41.16 24.63 3.14
CG MSE A 309 40.25 25.79 2.74
SE MSE A 309 38.65 25.90 3.83
CE MSE A 309 39.57 26.28 5.49
N PRO A 310 40.65 22.34 0.87
CA PRO A 310 40.97 21.35 -0.15
C PRO A 310 42.45 21.29 -0.48
N VAL A 311 42.79 20.27 -1.25
CA VAL A 311 44.14 20.05 -1.75
C VAL A 311 43.94 19.52 -3.16
N GLY A 312 43.53 18.27 -3.31
CA GLY A 312 43.21 17.77 -4.64
C GLY A 312 42.25 18.73 -5.35
N GLU A 313 42.18 18.61 -6.67
CA GLU A 313 41.37 19.49 -7.51
C GLU A 313 39.91 19.10 -7.35
N LYS A 314 39.68 17.79 -7.36
CA LYS A 314 38.37 17.28 -7.06
C LYS A 314 38.16 17.23 -5.55
N GLU A 315 38.29 18.40 -4.94
CA GLU A 315 37.97 18.63 -3.54
C GLU A 315 37.53 20.09 -3.41
N GLU A 316 38.29 20.99 -4.03
CA GLU A 316 37.81 22.35 -4.24
C GLU A 316 36.59 22.25 -5.13
N ASP A 317 36.58 21.25 -6.01
CA ASP A 317 35.41 20.99 -6.84
C ASP A 317 34.26 20.44 -6.03
N VAL A 318 34.54 19.57 -5.05
CA VAL A 318 33.48 19.08 -4.17
C VAL A 318 32.81 20.22 -3.44
N LEU A 319 33.61 21.22 -3.06
CA LEU A 319 33.06 22.32 -2.30
C LEU A 319 32.39 23.39 -3.17
N ASN A 320 32.88 23.60 -4.40
CA ASN A 320 32.16 24.45 -5.34
C ASN A 320 30.86 23.80 -5.80
N LYS A 321 30.85 22.48 -5.78
CA LYS A 321 29.63 21.72 -5.98
C LYS A 321 28.65 22.03 -4.86
N THR A 322 29.11 21.98 -3.61
CA THR A 322 28.22 22.31 -2.50
C THR A 322 27.72 23.76 -2.59
N ILE A 323 28.61 24.70 -2.90
CA ILE A 323 28.21 26.11 -2.97
C ILE A 323 27.23 26.38 -4.12
N GLU A 324 27.39 25.64 -5.21
CA GLU A 324 26.44 25.76 -6.32
C GLU A 324 25.11 25.14 -5.95
N LEU A 325 25.16 23.93 -5.41
CA LEU A 325 23.96 23.20 -5.01
C LEU A 325 23.17 24.01 -3.99
N SER A 326 23.77 24.25 -2.82
CA SER A 326 23.14 25.08 -1.79
C SER A 326 23.24 26.56 -2.15
N SER A 327 22.96 26.88 -3.42
CA SER A 327 23.08 28.22 -4.02
C SER A 327 23.25 29.39 -3.05
N GLY A 328 24.42 29.42 -2.41
CA GLY A 328 24.74 30.40 -1.39
C GLY A 328 23.67 30.57 -0.32
N ASN A 329 23.61 29.65 0.62
CA ASN A 329 22.62 29.74 1.67
C ASN A 329 23.10 29.34 3.04
N PRO A 330 23.35 30.34 3.92
CA PRO A 330 23.81 30.23 5.31
C PRO A 330 23.26 28.99 5.98
N ALA A 331 21.92 28.95 6.10
CA ALA A 331 21.19 27.91 6.83
C ALA A 331 21.43 26.48 6.34
N THR A 332 21.28 26.24 5.04
CA THR A 332 21.51 24.90 4.52
C THR A 332 22.98 24.55 4.53
N LEU A 333 23.83 25.57 4.48
CA LEU A 333 25.27 25.36 4.62
C LEU A 333 25.57 24.88 6.04
N MSE A 334 24.96 25.52 7.03
CA MSE A 334 25.15 25.15 8.43
C MSE A 334 24.66 23.73 8.66
O MSE A 334 25.32 22.92 9.32
CB MSE A 334 24.43 26.13 9.36
CG MSE A 334 24.71 25.95 10.84
SE MSE A 334 26.39 26.71 11.46
CE MSE A 334 27.56 25.21 11.08
N MSE A 335 23.48 23.43 8.11
CA MSE A 335 22.92 22.11 8.21
C MSE A 335 23.86 21.10 7.59
O MSE A 335 24.04 19.97 8.08
CB MSE A 335 21.57 22.03 7.48
CG MSE A 335 20.37 22.62 8.20
SE MSE A 335 18.95 23.04 6.92
CE MSE A 335 18.89 21.36 5.95
N PHE A 336 24.51 21.56 6.53
CA PHE A 336 25.47 20.79 5.77
C PHE A 336 26.65 20.42 6.69
N PHE A 337 27.31 21.40 7.32
CA PHE A 337 28.43 21.08 8.23
C PHE A 337 27.94 20.11 9.29
N LYS A 338 26.90 20.54 10.00
CA LYS A 338 26.31 19.75 11.09
C LYS A 338 26.01 18.32 10.67
N SER A 339 25.95 18.08 9.37
CA SER A 339 25.55 16.79 8.85
C SER A 339 26.73 16.14 8.14
N CYS A 340 27.87 16.82 8.17
CA CYS A 340 29.07 16.28 7.54
C CYS A 340 29.84 15.30 8.42
N GLU A 341 29.24 14.89 9.54
CA GLU A 341 29.76 13.87 10.49
C GLU A 341 31.30 13.63 10.47
N PRO A 342 31.85 12.73 9.61
CA PRO A 342 33.27 12.42 9.83
C PRO A 342 34.19 13.61 9.56
N LYS A 343 33.69 14.58 8.78
CA LYS A 343 34.36 15.82 8.37
C LYS A 343 35.11 15.70 7.04
N THR A 344 35.31 14.48 6.58
CA THR A 344 36.04 14.24 5.35
C THR A 344 35.36 14.93 4.16
N PHE A 345 36.17 15.44 3.23
CA PHE A 345 35.68 15.84 1.90
C PHE A 345 34.90 14.72 1.22
N GLU A 346 35.27 13.49 1.55
CA GLU A 346 34.64 12.30 1.01
C GLU A 346 33.15 12.30 1.38
N LYS A 347 32.84 12.23 2.67
CA LYS A 347 31.45 12.23 3.13
C LYS A 347 30.75 13.56 2.76
N MSE A 348 31.54 14.57 2.42
CA MSE A 348 31.00 15.84 1.95
C MSE A 348 30.48 15.71 0.51
O MSE A 348 29.43 16.26 0.16
CB MSE A 348 32.07 16.93 2.04
CG MSE A 348 31.55 18.29 2.45
SE MSE A 348 31.06 19.38 0.91
CE MSE A 348 32.49 20.70 0.99
N ALA A 349 31.18 14.92 -0.29
CA ALA A 349 30.71 14.66 -1.64
C ALA A 349 29.57 13.67 -1.55
N GLN A 350 29.64 12.81 -0.53
CA GLN A 350 28.53 11.92 -0.21
C GLN A 350 27.28 12.76 -0.09
N LEU A 351 27.37 13.84 0.68
CA LEU A 351 26.20 14.68 0.89
C LEU A 351 25.83 15.34 -0.44
N ASN A 352 26.84 15.79 -1.18
CA ASN A 352 26.59 16.40 -2.49
C ASN A 352 25.77 15.49 -3.42
N ASN A 353 25.93 14.18 -3.23
CA ASN A 353 25.14 13.18 -3.93
C ASN A 353 23.75 13.17 -3.35
N LYS A 354 23.72 12.86 -2.06
CA LYS A 354 22.52 12.81 -1.23
C LYS A 354 21.53 13.95 -1.51
N LEU A 355 22.04 15.11 -1.93
CA LEU A 355 21.21 16.28 -2.16
C LEU A 355 20.40 16.27 -3.46
N GLU A 356 20.94 15.68 -4.52
CA GLU A 356 20.19 15.61 -5.78
C GLU A 356 19.20 14.45 -5.86
N SER A 357 19.55 13.33 -5.24
CA SER A 357 18.69 12.15 -5.28
C SER A 357 17.92 11.83 -3.99
N ARG A 358 17.73 12.82 -3.13
CA ARG A 358 16.94 12.65 -1.91
C ARG A 358 16.55 14.04 -1.42
N GLY A 359 16.93 15.03 -2.22
CA GLY A 359 16.70 16.43 -1.95
C GLY A 359 17.30 16.93 -0.65
N LEU A 360 16.74 18.04 -0.15
CA LEU A 360 17.25 18.69 1.04
C LEU A 360 17.14 17.76 2.24
N VAL A 361 16.38 16.69 2.07
CA VAL A 361 16.07 15.78 3.15
C VAL A 361 17.29 14.90 3.42
N GLY A 362 18.33 15.06 2.60
CA GLY A 362 19.51 14.23 2.74
C GLY A 362 20.40 14.87 3.78
N VAL A 363 20.14 16.14 4.05
CA VAL A 363 20.98 16.93 4.94
C VAL A 363 20.20 17.68 6.02
N GLU A 364 18.88 17.46 6.06
CA GLU A 364 18.05 18.03 7.13
C GLU A 364 18.54 17.61 8.53
N CYS A 365 18.70 18.60 9.41
CA CYS A 365 19.34 18.41 10.71
C CYS A 365 18.90 19.36 11.82
N ILE A 366 19.21 19.00 13.06
CA ILE A 366 19.07 19.92 14.18
C ILE A 366 20.11 21.01 13.95
N THR A 367 19.65 22.24 13.77
CA THR A 367 20.51 23.37 13.44
C THR A 367 20.06 24.62 14.21
N PRO A 368 20.97 25.58 14.44
CA PRO A 368 20.57 26.89 14.98
C PRO A 368 19.33 27.51 14.32
N TYR A 369 19.00 27.04 13.12
CA TYR A 369 17.76 27.37 12.45
C TYR A 369 16.58 26.73 13.18
N SER A 370 15.46 27.44 13.30
CA SER A 370 14.28 26.88 13.95
C SER A 370 13.75 25.66 13.18
N TYR A 371 14.29 25.46 11.98
CA TYR A 371 13.80 24.50 10.99
C TYR A 371 14.76 23.33 10.73
N LYS A 372 14.23 22.10 10.70
CA LYS A 372 15.04 20.95 10.35
C LYS A 372 15.62 21.07 8.94
N SER A 373 14.82 21.61 8.02
CA SER A 373 15.27 21.81 6.65
C SER A 373 14.59 22.99 5.98
N LEU A 374 15.26 23.54 4.97
CA LEU A 374 14.83 24.77 4.27
C LEU A 374 13.45 24.63 3.61
N ALA A 375 12.98 23.40 3.49
CA ALA A 375 11.71 23.12 2.84
C ALA A 375 10.55 23.55 3.74
N MSE A 376 10.79 23.52 5.05
CA MSE A 376 9.76 23.91 6.00
C MSE A 376 9.55 25.42 5.91
O MSE A 376 8.47 25.92 6.25
CB MSE A 376 10.15 23.48 7.42
CG MSE A 376 10.46 22.00 7.58
SE MSE A 376 9.28 20.83 6.55
CE MSE A 376 7.57 21.30 7.37
N ALA A 377 10.59 26.13 5.50
CA ALA A 377 10.57 27.60 5.41
C ALA A 377 9.88 27.99 4.12
N LEU A 378 10.39 27.44 3.01
CA LEU A 378 9.84 27.84 1.72
C LEU A 378 8.38 27.45 1.70
N GLN A 379 8.03 26.38 2.44
CA GLN A 379 6.64 26.01 2.66
C GLN A 379 5.79 27.27 2.82
N ARG A 380 6.11 28.00 3.89
CA ARG A 380 5.35 29.17 4.26
C ARG A 380 5.48 30.14 3.11
N CYS A 381 6.71 30.32 2.62
CA CYS A 381 6.93 31.29 1.54
C CYS A 381 6.03 31.07 0.31
N VAL A 382 5.55 29.84 0.15
CA VAL A 382 4.80 29.40 -1.02
C VAL A 382 3.30 29.45 -0.75
N GLU A 383 2.93 29.32 0.51
CA GLU A 383 1.51 29.38 0.85
C GLU A 383 0.95 30.80 0.70
N VAL A 384 1.69 31.81 1.15
CA VAL A 384 1.22 33.19 1.06
C VAL A 384 1.02 33.68 -0.38
N LEU A 385 1.66 32.99 -1.32
CA LEU A 385 1.75 33.43 -2.71
C LEU A 385 0.43 33.50 -3.47
N SER A 386 0.27 34.57 -4.26
CA SER A 386 -0.84 34.69 -5.20
C SER A 386 -1.02 33.32 -5.90
N ASP A 387 -2.27 32.86 -5.99
CA ASP A 387 -2.59 31.56 -6.59
C ASP A 387 -1.92 31.27 -7.94
N GLU A 388 -1.85 32.31 -8.76
CA GLU A 388 -1.23 32.23 -10.08
C GLU A 388 0.28 32.18 -9.92
N ASP A 389 0.77 32.89 -8.92
CA ASP A 389 2.20 32.88 -8.68
C ASP A 389 2.57 31.51 -8.15
N ARG A 390 1.65 30.91 -7.39
CA ARG A 390 1.87 29.56 -6.89
C ARG A 390 1.98 28.62 -8.09
N SER A 391 1.28 28.99 -9.16
CA SER A 391 1.29 28.16 -10.38
C SER A 391 2.60 28.32 -11.17
N ALA A 392 2.91 29.56 -11.53
CA ALA A 392 4.19 29.92 -12.18
C ALA A 392 5.36 29.25 -11.47
N LEU A 393 5.35 29.36 -10.14
CA LEU A 393 6.40 28.80 -9.32
C LEU A 393 6.32 27.29 -9.53
N ALA A 394 5.12 26.73 -9.50
CA ALA A 394 4.97 25.27 -9.54
C ALA A 394 5.60 24.73 -10.82
N PHE A 395 5.62 25.56 -11.86
CA PHE A 395 6.18 25.18 -13.15
C PHE A 395 7.67 25.48 -13.34
N ALA A 396 8.19 26.54 -12.73
CA ALA A 396 9.64 26.81 -12.88
C ALA A 396 10.57 25.64 -12.49
N VAL A 397 10.00 24.50 -12.12
CA VAL A 397 10.76 23.27 -11.90
C VAL A 397 11.47 22.87 -13.20
N VAL A 398 10.67 22.67 -14.24
CA VAL A 398 11.14 22.15 -15.53
C VAL A 398 12.14 23.05 -16.27
N MSE A 399 12.94 23.78 -15.52
CA MSE A 399 14.00 24.58 -16.12
C MSE A 399 15.38 23.94 -15.97
O MSE A 399 15.49 22.85 -15.41
CB MSE A 399 13.98 25.98 -15.48
CG MSE A 399 12.94 26.88 -16.08
SE MSE A 399 12.86 26.64 -18.01
CE MSE A 399 11.50 27.96 -18.38
N PRO A 400 16.42 24.63 -16.44
CA PRO A 400 17.81 24.32 -16.09
C PRO A 400 18.26 25.24 -14.96
N PRO A 401 18.84 24.68 -13.90
CA PRO A 401 19.21 25.53 -12.78
C PRO A 401 20.57 26.19 -12.99
N GLY A 402 20.76 27.37 -12.42
CA GLY A 402 22.01 28.09 -12.51
C GLY A 402 22.29 28.40 -13.96
N VAL A 403 21.25 28.86 -14.66
CA VAL A 403 21.35 29.27 -16.08
C VAL A 403 20.45 30.47 -16.35
N ASP A 404 21.00 31.48 -17.00
CA ASP A 404 20.26 32.69 -17.38
C ASP A 404 19.49 32.52 -18.69
N ILE A 405 18.15 32.65 -18.63
CA ILE A 405 17.28 32.29 -19.75
C ILE A 405 16.16 33.32 -20.00
N PRO A 406 15.84 33.58 -21.28
CA PRO A 406 14.92 34.59 -21.83
C PRO A 406 13.46 34.44 -21.40
N VAL A 407 12.66 35.50 -21.60
CA VAL A 407 11.27 35.52 -21.18
C VAL A 407 10.42 34.57 -22.02
N LYS A 408 10.64 34.56 -23.33
CA LYS A 408 9.88 33.68 -24.21
C LYS A 408 10.18 32.24 -23.81
N LEU A 409 11.46 31.93 -23.58
CA LEU A 409 11.81 30.60 -23.07
C LEU A 409 11.04 30.26 -21.79
N TRP A 410 10.46 31.28 -21.15
CA TRP A 410 9.65 31.04 -19.96
C TRP A 410 8.17 31.02 -20.32
N SER A 411 7.79 31.89 -21.25
CA SER A 411 6.40 31.98 -21.71
C SER A 411 5.84 30.62 -22.13
N CYS A 412 6.74 29.68 -22.39
CA CYS A 412 6.35 28.37 -22.89
C CYS A 412 5.77 27.51 -21.78
N VAL A 413 6.42 27.52 -20.62
CA VAL A 413 5.94 26.71 -19.51
C VAL A 413 5.01 27.44 -18.54
N ILE A 414 5.17 28.75 -18.41
CA ILE A 414 4.39 29.49 -17.42
C ILE A 414 2.97 29.73 -17.94
N PRO A 415 1.96 29.42 -17.10
CA PRO A 415 0.54 29.66 -17.34
C PRO A 415 0.19 31.14 -17.51
N VAL A 416 -1.04 31.40 -17.95
CA VAL A 416 -1.67 32.72 -18.04
C VAL A 416 -3.09 32.51 -18.56
N ASP A 417 -4.05 33.24 -17.99
CA ASP A 417 -5.42 33.20 -18.49
C ASP A 417 -5.54 33.86 -19.86
N GLU A 424 -2.89 35.63 -26.71
CA GLU A 424 -2.53 36.79 -27.52
C GLU A 424 -1.03 36.76 -27.77
N GLN A 425 -0.39 37.92 -28.00
CA GLN A 425 0.98 37.81 -28.45
C GLN A 425 2.07 38.47 -27.61
N LEU A 426 1.72 39.37 -26.68
CA LEU A 426 2.78 39.89 -25.81
C LEU A 426 2.83 39.22 -24.44
N ASP A 427 3.83 38.37 -24.19
CA ASP A 427 3.98 37.78 -22.86
C ASP A 427 4.95 38.53 -21.96
N ASP A 428 4.55 39.68 -21.44
CA ASP A 428 5.33 40.34 -20.40
C ASP A 428 4.77 39.94 -19.04
N GLU A 429 3.48 39.59 -19.04
CA GLU A 429 2.79 39.11 -17.85
C GLU A 429 3.60 38.02 -17.14
N VAL A 430 4.32 37.23 -17.94
CA VAL A 430 5.23 36.22 -17.43
C VAL A 430 6.29 36.92 -16.60
N ALA A 431 6.88 37.96 -17.17
CA ALA A 431 7.89 38.75 -16.47
C ALA A 431 7.36 39.36 -15.18
N ASP A 432 6.12 39.84 -15.21
CA ASP A 432 5.54 40.46 -14.02
C ASP A 432 5.44 39.43 -12.90
N ARG A 433 5.07 38.21 -13.30
CA ARG A 433 4.96 37.12 -12.35
C ARG A 433 6.30 36.68 -11.80
N LEU A 434 7.28 36.54 -12.70
CA LEU A 434 8.61 36.11 -12.32
C LEU A 434 9.30 37.15 -11.44
N LYS A 435 8.92 38.42 -11.63
CA LYS A 435 9.35 39.47 -10.72
C LYS A 435 8.72 39.39 -9.35
N ARG A 436 7.38 39.43 -9.25
CA ARG A 436 6.76 39.18 -7.93
C ARG A 436 7.41 37.99 -7.24
N LEU A 437 7.78 37.03 -8.05
CA LEU A 437 8.33 35.76 -7.58
C LEU A 437 9.73 35.92 -7.04
N SER A 438 10.54 36.79 -7.64
CA SER A 438 11.81 37.08 -7.01
C SER A 438 11.70 38.05 -5.83
N LYS A 439 10.90 39.10 -5.94
CA LYS A 439 10.57 40.00 -4.81
C LYS A 439 10.01 39.36 -3.52
N ARG A 440 9.34 38.21 -3.62
CA ARG A 440 8.51 37.66 -2.55
C ARG A 440 8.99 36.32 -1.96
N GLY A 441 10.23 36.30 -1.48
CA GLY A 441 10.77 35.11 -0.86
C GLY A 441 12.08 34.84 -1.56
N ALA A 442 12.34 35.71 -2.53
CA ALA A 442 13.54 35.66 -3.37
C ALA A 442 13.65 34.27 -3.94
N LEU A 443 12.63 33.91 -4.73
CA LEU A 443 12.55 32.58 -5.27
C LEU A 443 13.15 32.50 -6.67
N LEU A 444 13.02 33.58 -7.43
CA LEU A 444 13.66 33.64 -8.74
C LEU A 444 14.98 34.40 -8.64
N SER A 445 15.10 35.46 -9.44
CA SER A 445 16.38 36.15 -9.73
C SER A 445 16.26 36.92 -11.04
N GLY A 446 16.02 38.22 -10.94
CA GLY A 446 15.91 39.06 -12.12
C GLY A 446 17.22 39.70 -12.54
N LYS A 447 17.41 39.81 -13.86
CA LYS A 447 18.65 40.31 -14.42
C LYS A 447 18.35 41.02 -15.74
N ARG A 448 18.28 42.34 -15.68
CA ARG A 448 17.72 43.17 -16.73
C ARG A 448 18.39 42.98 -18.09
N MSE A 449 19.67 43.33 -18.16
CA MSE A 449 20.44 43.10 -19.37
C MSE A 449 21.52 42.02 -19.26
O MSE A 449 21.89 41.63 -18.15
CB MSE A 449 21.09 44.42 -19.74
CG MSE A 449 22.32 44.75 -18.89
SE MSE A 449 23.97 44.25 -19.76
CE MSE A 449 23.46 44.90 -21.50
N PRO A 450 22.06 41.55 -20.40
CA PRO A 450 21.93 41.89 -21.85
C PRO A 450 20.52 41.86 -22.40
N VAL A 451 19.76 40.83 -22.03
CA VAL A 451 18.37 40.74 -22.44
C VAL A 451 17.54 40.37 -21.22
N LEU A 452 16.32 40.89 -21.16
CA LEU A 452 15.41 40.64 -20.05
C LEU A 452 15.28 39.14 -19.81
N THR A 453 15.94 38.71 -18.75
CA THR A 453 16.04 37.30 -18.38
C THR A 453 15.91 37.11 -16.88
N PHE A 454 15.36 35.98 -16.47
CA PHE A 454 15.29 35.63 -15.06
C PHE A 454 16.16 34.39 -14.91
N LYS A 455 16.17 33.82 -13.72
CA LYS A 455 16.96 32.61 -13.48
C LYS A 455 16.53 31.97 -12.18
N ILE A 456 16.50 30.65 -12.17
CA ILE A 456 16.18 29.88 -10.98
C ILE A 456 17.45 29.21 -10.46
N ASP A 457 17.73 29.40 -9.17
CA ASP A 457 18.91 28.84 -8.52
C ASP A 457 18.74 27.35 -8.25
N HIS A 458 19.73 26.72 -7.64
CA HIS A 458 19.61 25.29 -7.42
C HIS A 458 18.84 24.84 -6.17
N ILE A 459 19.02 25.50 -5.03
CA ILE A 459 18.26 25.14 -3.81
C ILE A 459 16.79 25.41 -4.03
N ILE A 460 16.55 26.58 -4.61
CA ILE A 460 15.22 27.05 -4.97
C ILE A 460 14.59 26.19 -6.06
N HIS A 461 15.40 25.29 -6.63
CA HIS A 461 14.91 24.35 -7.63
C HIS A 461 14.62 23.05 -6.89
N MSE A 462 15.66 22.47 -6.29
CA MSE A 462 15.53 21.18 -5.58
C MSE A 462 14.53 21.22 -4.43
O MSE A 462 14.22 20.18 -3.83
CB MSE A 462 16.88 20.73 -5.02
CG MSE A 462 17.93 20.39 -6.07
SE MSE A 462 19.67 20.02 -5.25
CE MSE A 462 20.39 21.82 -5.28
N PHE A 463 14.03 22.40 -4.13
CA PHE A 463 12.89 22.55 -3.23
C PHE A 463 11.72 21.95 -3.99
N LEU A 464 11.46 22.56 -5.12
CA LEU A 464 10.40 22.16 -6.05
C LEU A 464 10.53 20.73 -6.55
N LYS A 465 11.73 20.27 -6.87
CA LYS A 465 11.93 18.85 -7.20
C LYS A 465 11.08 17.91 -6.33
N HIS A 466 11.54 17.57 -5.13
CA HIS A 466 10.77 16.63 -4.30
C HIS A 466 9.52 17.23 -3.65
N VAL A 467 8.81 18.14 -4.32
CA VAL A 467 7.69 18.80 -3.65
C VAL A 467 6.49 19.05 -4.57
N VAL A 468 6.73 19.41 -5.83
CA VAL A 468 5.62 19.54 -6.76
C VAL A 468 5.16 18.18 -7.26
N ASP A 469 3.93 18.13 -7.74
CA ASP A 469 3.31 16.91 -8.25
C ASP A 469 4.15 16.25 -9.34
N ALA A 470 4.57 15.01 -9.12
CA ALA A 470 5.43 14.27 -10.05
C ALA A 470 4.94 14.39 -11.50
N GLN A 471 3.63 14.56 -11.66
CA GLN A 471 3.02 14.75 -12.96
C GLN A 471 3.35 16.09 -13.59
N THR A 472 3.14 17.16 -12.83
CA THR A 472 3.28 18.52 -13.32
C THR A 472 4.67 18.80 -13.88
N ILE A 473 5.65 18.02 -13.39
CA ILE A 473 6.99 18.05 -13.94
C ILE A 473 6.99 17.55 -15.39
N ALA A 474 6.55 16.30 -15.59
CA ALA A 474 6.55 15.71 -16.93
C ALA A 474 5.66 16.49 -17.90
N ASN A 475 4.60 17.08 -17.35
CA ASN A 475 3.72 17.89 -18.18
C ASN A 475 4.44 19.15 -18.58
N GLY A 476 5.30 19.68 -17.73
CA GLY A 476 5.99 20.89 -18.11
C GLY A 476 7.08 20.59 -19.12
N ILE A 477 7.69 19.41 -18.99
CA ILE A 477 8.72 19.01 -19.94
C ILE A 477 8.16 18.81 -21.34
N SER A 478 7.03 18.09 -21.45
CA SER A 478 6.39 17.95 -22.76
C SER A 478 5.77 19.24 -23.34
N ILE A 479 5.02 19.94 -22.51
CA ILE A 479 4.42 21.24 -22.86
C ILE A 479 5.51 22.23 -23.29
N LEU A 480 6.74 21.91 -22.92
CA LEU A 480 7.89 22.70 -23.34
C LEU A 480 8.32 22.17 -24.71
N GLU A 481 8.50 20.86 -24.81
CA GLU A 481 8.93 20.22 -26.06
C GLU A 481 8.03 20.59 -27.27
N GLN A 482 6.83 21.11 -27.00
CA GLN A 482 5.96 21.59 -28.09
C GLN A 482 6.50 22.87 -28.76
N ARG A 483 6.57 23.98 -28.01
CA ARG A 483 7.02 25.29 -28.51
C ARG A 483 8.47 25.24 -29.02
N LEU A 484 9.09 24.11 -28.73
CA LEU A 484 10.50 23.78 -28.92
C LEU A 484 11.01 23.60 -30.36
N LEU A 485 10.46 24.31 -31.33
CA LEU A 485 10.76 24.02 -32.74
C LEU A 485 10.37 25.12 -33.72
N GLU A 486 9.36 25.91 -33.36
CA GLU A 486 8.44 26.60 -34.28
C GLU A 486 8.75 26.52 -35.77
N ILE A 487 9.36 27.58 -36.29
CA ILE A 487 9.77 27.65 -37.69
C ILE A 487 11.26 27.42 -37.86
N GLU A 521 27.84 28.36 -20.54
CA GLU A 521 28.89 29.34 -20.27
C GLU A 521 28.32 30.72 -20.03
N THR A 522 29.18 31.63 -19.57
CA THR A 522 28.87 33.03 -19.27
C THR A 522 28.40 33.81 -20.51
N VAL A 523 27.74 33.09 -21.42
CA VAL A 523 27.12 33.63 -22.61
C VAL A 523 25.68 33.15 -22.68
N ILE A 524 24.76 34.10 -22.87
CA ILE A 524 23.36 33.77 -22.99
C ILE A 524 23.07 33.04 -24.30
N ARG A 525 22.03 32.22 -24.25
CA ARG A 525 21.62 31.40 -25.37
C ARG A 525 20.94 32.29 -26.39
N PRO A 526 21.48 32.30 -27.61
CA PRO A 526 21.02 33.16 -28.70
C PRO A 526 19.70 32.75 -29.32
N GLU A 527 19.07 33.73 -29.97
CA GLU A 527 17.78 33.56 -30.59
C GLU A 527 17.87 32.79 -31.90
N ASP A 528 19.09 32.49 -32.33
CA ASP A 528 19.26 31.65 -33.50
C ASP A 528 19.16 30.19 -33.05
N PHE A 529 19.36 30.00 -31.75
CA PHE A 529 19.44 28.68 -31.11
C PHE A 529 18.44 28.37 -29.95
N PRO A 530 17.24 28.99 -29.92
CA PRO A 530 16.40 28.55 -28.80
C PRO A 530 15.72 27.22 -29.07
N LYS A 531 15.41 26.96 -30.34
CA LYS A 531 14.74 25.74 -30.76
C LYS A 531 15.34 24.45 -30.18
N PHE A 532 16.63 24.46 -29.82
CA PHE A 532 17.19 23.27 -29.18
C PHE A 532 17.68 23.59 -27.76
N MSE A 533 16.78 23.43 -26.79
CA MSE A 533 17.16 23.44 -25.38
C MSE A 533 18.00 22.22 -25.01
O MSE A 533 18.29 21.98 -23.83
CB MSE A 533 15.91 23.42 -24.53
CG MSE A 533 14.96 22.32 -24.97
SE MSE A 533 14.50 20.94 -23.69
CE MSE A 533 15.93 19.68 -24.01
N GLN A 534 18.42 21.46 -26.02
CA GLN A 534 19.12 20.21 -25.80
C GLN A 534 20.50 20.46 -25.22
N LEU A 535 20.94 21.72 -25.25
CA LEU A 535 22.20 22.12 -24.63
C LEU A 535 22.10 21.68 -23.16
N HIS A 536 20.94 21.89 -22.57
CA HIS A 536 20.64 21.56 -21.18
C HIS A 536 20.03 20.17 -21.02
N GLN A 537 20.33 19.29 -21.98
CA GLN A 537 19.90 17.89 -21.96
C GLN A 537 20.19 17.16 -20.65
N LYS A 538 21.36 17.42 -20.08
CA LYS A 538 21.80 16.83 -18.82
C LYS A 538 20.72 17.06 -17.76
N PHE A 539 20.47 18.34 -17.53
CA PHE A 539 19.53 18.78 -16.51
C PHE A 539 18.09 18.57 -16.97
N TYR A 540 17.89 17.74 -17.99
CA TYR A 540 16.54 17.47 -18.43
C TYR A 540 16.41 15.97 -18.37
N ASP A 541 17.52 15.28 -18.59
CA ASP A 541 17.55 13.83 -18.56
C ASP A 541 17.37 13.43 -17.11
N SER A 542 17.75 14.34 -16.20
CA SER A 542 17.64 14.04 -14.80
C SER A 542 16.19 14.18 -14.39
N LEU A 543 15.46 15.17 -14.96
CA LEU A 543 14.00 15.18 -14.67
C LEU A 543 13.24 14.07 -15.36
N LYS A 544 13.55 13.72 -16.62
CA LYS A 544 12.84 12.62 -17.26
C LYS A 544 13.07 11.33 -16.53
N ASN A 545 14.31 11.09 -16.08
CA ASN A 545 14.59 9.93 -15.25
C ASN A 545 13.81 10.01 -13.95
N PHE A 546 13.71 11.21 -13.39
CA PHE A 546 13.02 11.43 -12.13
C PHE A 546 11.54 11.05 -12.20
N ALA A 547 10.79 11.71 -13.08
CA ALA A 547 9.34 11.55 -13.15
C ALA A 547 8.89 10.18 -13.64
N CYS A 548 9.85 9.29 -13.87
CA CYS A 548 9.54 7.92 -14.24
C CYS A 548 9.99 6.96 -13.14
N CYS A 549 9.66 7.30 -11.90
CA CYS A 549 10.00 6.45 -10.76
C CYS A 549 8.91 6.52 -9.71
N MSE B 2 -0.69 18.47 -6.73
CA MSE B 2 -0.13 19.65 -7.39
C MSE B 2 1.05 20.21 -6.59
O MSE B 2 2.07 20.60 -7.14
CB MSE B 2 -1.21 20.71 -7.57
CG MSE B 2 -0.73 22.14 -7.56
SE MSE B 2 0.25 22.68 -9.15
CE MSE B 2 -0.13 24.59 -9.06
N PHE B 3 0.89 20.22 -5.28
CA PHE B 3 1.89 20.77 -4.36
C PHE B 3 1.87 19.94 -3.08
N ASN B 4 2.73 18.93 -3.03
CA ASN B 4 2.71 17.94 -1.95
C ASN B 4 2.60 18.55 -0.56
N PHE B 5 1.36 18.91 -0.22
CA PHE B 5 1.01 19.59 1.03
C PHE B 5 1.72 20.94 1.11
N LEU B 6 1.70 21.65 -0.02
CA LEU B 6 2.27 22.99 -0.16
C LEU B 6 3.78 23.05 0.06
N GLY B 7 4.39 21.88 0.27
CA GLY B 7 5.83 21.80 0.46
C GLY B 7 6.26 20.93 1.63
N MSE C 1 26.69 58.97 46.63
CA MSE C 1 26.41 57.67 47.23
C MSE C 1 27.74 57.02 47.61
O MSE C 1 28.78 57.38 47.08
CB MSE C 1 25.61 56.79 46.27
CG MSE C 1 24.91 55.63 46.98
SE MSE C 1 25.47 53.86 46.43
CE MSE C 1 24.37 52.84 47.70
N LEU C 2 27.71 56.07 48.55
CA LEU C 2 28.94 55.39 48.93
C LEU C 2 29.40 54.27 47.99
N CYS C 3 29.42 53.04 48.51
CA CYS C 3 29.72 51.81 47.78
C CYS C 3 29.77 50.67 48.80
N GLU C 4 30.19 49.48 48.39
CA GLU C 4 30.23 48.36 49.32
C GLU C 4 31.20 48.49 50.51
N ILE C 5 32.38 49.07 50.29
CA ILE C 5 33.35 49.27 51.37
C ILE C 5 32.91 50.29 52.42
N GLU C 6 32.55 51.49 51.97
CA GLU C 6 32.17 52.60 52.85
C GLU C 6 30.85 52.33 53.58
N CYS C 7 30.01 51.48 52.99
CA CYS C 7 28.74 51.13 53.62
C CYS C 7 29.04 49.96 54.53
N ARG C 8 30.08 49.20 54.18
CA ARG C 8 30.52 48.15 55.08
C ARG C 8 31.12 48.81 56.31
N ALA C 9 31.68 50.00 56.17
CA ALA C 9 32.20 50.71 57.32
C ALA C 9 31.11 51.32 58.22
N LEU C 10 30.16 52.01 57.59
CA LEU C 10 29.03 52.57 58.33
C LEU C 10 28.14 51.51 58.98
N SER C 11 28.19 50.29 58.43
CA SER C 11 27.37 49.19 58.96
C SER C 11 28.13 48.43 60.03
N THR C 12 29.41 48.18 59.78
CA THR C 12 30.29 47.48 60.71
C THR C 12 30.46 48.25 62.02
N ALA C 13 30.69 49.55 61.90
CA ALA C 13 30.81 50.41 63.10
C ALA C 13 29.50 50.93 63.70
N HIS C 14 28.49 50.07 63.84
CA HIS C 14 27.21 50.54 64.38
C HIS C 14 27.10 50.26 65.87
N THR C 15 27.64 49.11 66.30
CA THR C 15 27.74 48.76 67.71
C THR C 15 28.45 49.92 68.39
N ARG C 16 29.31 50.55 67.60
CA ARG C 16 30.14 51.66 68.02
C ARG C 16 29.37 52.96 67.90
N LEU C 17 28.73 53.16 66.75
CA LEU C 17 27.96 54.39 66.54
C LEU C 17 26.76 54.57 67.49
N ILE C 18 26.46 53.58 68.32
CA ILE C 18 25.40 53.73 69.32
C ILE C 18 25.89 54.15 70.71
N HIS C 19 27.07 53.71 71.10
CA HIS C 19 27.56 54.00 72.44
C HIS C 19 27.95 55.46 72.58
N ASP C 20 28.43 56.08 71.51
CA ASP C 20 28.82 57.48 71.62
C ASP C 20 28.76 58.25 70.30
N PHE C 21 27.71 59.05 70.17
CA PHE C 21 27.45 59.85 68.97
C PHE C 21 26.13 60.60 69.08
N GLU C 22 25.95 61.59 68.21
CA GLU C 22 24.73 62.37 68.12
C GLU C 22 24.83 63.17 66.82
N PRO C 23 23.86 63.01 65.93
CA PRO C 23 23.82 63.67 64.62
C PRO C 23 23.65 65.19 64.65
N ARG C 24 23.08 65.72 65.73
CA ARG C 24 22.93 67.16 65.85
C ARG C 24 24.28 67.86 65.88
N ASP C 25 25.26 67.22 66.50
CA ASP C 25 26.60 67.81 66.58
C ASP C 25 27.12 67.96 65.17
N ALA C 26 26.67 67.08 64.29
CA ALA C 26 27.19 67.05 62.95
C ALA C 26 26.25 67.75 61.98
N LEU C 27 25.01 68.00 62.40
CA LEU C 27 24.02 68.54 61.47
C LEU C 27 24.44 69.88 60.91
N THR C 28 24.94 70.74 61.80
CA THR C 28 25.37 72.06 61.38
C THR C 28 26.59 71.91 60.48
N TYR C 29 27.47 70.99 60.88
CA TYR C 29 28.70 70.75 60.13
C TYR C 29 28.39 70.13 58.79
N LEU C 30 27.21 69.56 58.65
CA LEU C 30 26.91 68.98 57.38
C LEU C 30 26.00 69.92 56.61
N GLU C 31 25.16 70.69 57.32
CA GLU C 31 24.46 71.77 56.60
C GLU C 31 25.51 72.71 56.01
N GLY C 32 26.70 72.70 56.61
CA GLY C 32 27.78 73.59 56.22
C GLY C 32 28.66 73.17 55.06
N LYS C 33 29.35 72.03 55.16
CA LYS C 33 30.22 71.63 54.06
C LYS C 33 29.45 71.24 52.80
N ASN C 34 28.17 71.58 52.79
CA ASN C 34 27.28 71.41 51.65
C ASN C 34 27.11 69.95 51.26
N ILE C 35 26.41 69.20 52.09
CA ILE C 35 26.27 67.77 51.90
C ILE C 35 24.94 67.39 52.56
N PHE C 36 24.27 68.40 53.10
CA PHE C 36 22.95 68.22 53.72
C PHE C 36 22.05 69.40 53.31
N THR C 37 20.82 69.41 53.83
CA THR C 37 19.87 70.49 53.56
C THR C 37 19.05 70.71 54.82
N GLU C 38 18.56 71.93 55.01
CA GLU C 38 17.88 72.24 56.27
C GLU C 38 16.56 71.49 56.48
N ASP C 39 16.05 70.84 55.45
CA ASP C 39 14.98 69.89 55.72
C ASP C 39 15.54 68.54 56.07
N HIS C 40 16.65 68.15 55.46
CA HIS C 40 17.31 66.90 55.79
C HIS C 40 17.63 66.93 57.28
N SER C 41 18.29 68.04 57.64
CA SER C 41 18.72 68.30 59.00
C SER C 41 17.50 68.51 59.89
N GLU C 42 16.41 69.01 59.32
CA GLU C 42 15.15 69.10 60.08
C GLU C 42 14.69 67.68 60.44
N LEU C 43 14.71 66.79 59.46
CA LEU C 43 14.27 65.41 59.62
C LEU C 43 15.10 64.75 60.71
N ILE C 44 16.40 65.02 60.76
CA ILE C 44 17.21 64.37 61.78
C ILE C 44 17.25 65.11 63.14
N SER C 45 17.01 66.42 63.16
CA SER C 45 17.08 67.23 64.39
C SER C 45 15.91 67.18 65.39
N LYS C 46 14.68 67.05 64.91
CA LYS C 46 13.56 66.84 65.82
C LYS C 46 13.19 65.37 65.87
N MSE C 47 13.95 64.61 66.65
CA MSE C 47 13.71 63.18 66.82
C MSE C 47 13.86 62.75 68.28
O MSE C 47 14.88 63.00 68.92
CB MSE C 47 14.65 62.34 65.96
CG MSE C 47 14.65 62.69 64.46
SE MSE C 47 12.89 62.63 63.64
CE MSE C 47 12.61 60.72 63.48
N SER C 48 12.81 62.11 68.78
CA SER C 48 12.66 61.73 70.19
C SER C 48 13.82 60.91 70.75
N THR C 49 14.12 59.79 70.12
CA THR C 49 15.22 58.94 70.54
C THR C 49 16.52 59.25 69.78
N ARG C 50 17.63 58.76 70.33
CA ARG C 50 18.94 59.00 69.79
C ARG C 50 19.11 57.99 68.65
N LEU C 51 18.53 56.81 68.83
CA LEU C 51 18.50 55.79 67.78
C LEU C 51 17.78 56.25 66.50
N GLU C 52 16.90 57.23 66.68
CA GLU C 52 16.23 57.90 65.56
C GLU C 52 17.14 58.81 64.78
N ARG C 53 17.77 59.71 65.51
CA ARG C 53 18.70 60.65 64.93
C ARG C 53 19.85 59.91 64.27
N ILE C 54 20.21 58.76 64.83
CA ILE C 54 21.26 57.93 64.27
C ILE C 54 20.86 57.17 63.02
N ALA C 55 19.69 56.52 63.06
CA ALA C 55 19.23 55.77 61.88
C ALA C 55 18.89 56.66 60.68
N ASN C 56 18.34 57.84 60.96
CA ASN C 56 18.14 58.84 59.92
C ASN C 56 19.43 59.49 59.47
N PHE C 57 20.41 59.62 60.35
CA PHE C 57 21.66 60.22 59.92
C PHE C 57 22.41 59.27 59.00
N LEU C 58 22.40 57.98 59.33
CA LEU C 58 23.05 57.00 58.47
C LEU C 58 22.29 56.68 57.18
N ARG C 59 20.97 56.76 57.21
CA ARG C 59 20.20 56.65 55.95
C ARG C 59 20.34 57.89 55.05
N ILE C 60 19.91 59.04 55.56
CA ILE C 60 19.99 60.36 54.91
C ILE C 60 21.38 60.77 54.40
N TYR C 61 22.44 60.45 55.11
CA TYR C 61 23.80 60.86 54.70
C TYR C 61 24.27 60.29 53.36
N ARG C 62 23.96 59.03 53.09
CA ARG C 62 24.46 58.33 51.90
C ARG C 62 24.07 58.89 50.52
N ARG C 63 23.07 59.77 50.41
CA ARG C 63 22.71 60.23 49.07
C ARG C 63 23.42 61.48 48.59
N GLN C 64 23.72 62.38 49.50
CA GLN C 64 24.13 63.74 49.13
C GLN C 64 25.64 63.85 48.90
N ALA C 65 26.43 63.18 49.73
CA ALA C 65 27.88 63.31 49.66
C ALA C 65 28.49 62.39 48.61
N SER C 66 29.49 62.91 47.91
CA SER C 66 30.28 62.15 46.94
C SER C 66 31.19 61.10 47.60
N GLU C 67 31.36 61.20 48.92
CA GLU C 67 32.25 60.32 49.66
C GLU C 67 32.03 60.38 51.18
N LEU C 68 32.81 59.60 51.92
CA LEU C 68 32.74 59.53 53.38
C LEU C 68 33.85 60.36 54.04
N GLY C 69 34.03 61.58 53.56
CA GLY C 69 35.02 62.48 54.14
C GLY C 69 34.52 63.30 55.32
N PRO C 70 33.53 64.19 55.11
CA PRO C 70 32.98 65.09 56.13
C PRO C 70 32.29 64.38 57.31
N LEU C 71 32.78 63.20 57.65
CA LEU C 71 32.31 62.46 58.83
C LEU C 71 33.54 61.90 59.55
N ILE C 72 34.64 61.79 58.83
CA ILE C 72 35.94 61.56 59.46
C ILE C 72 36.47 62.88 59.97
N ASP C 73 36.41 63.92 59.14
CA ASP C 73 36.76 65.26 59.55
C ASP C 73 35.76 65.87 60.54
N PHE C 74 35.07 64.99 61.25
CA PHE C 74 34.15 65.48 62.27
C PHE C 74 34.29 64.78 63.61
N PHE C 75 34.36 63.44 63.65
CA PHE C 75 34.58 62.68 64.88
C PHE C 75 35.94 63.01 65.55
N ASN C 76 36.89 63.47 64.74
CA ASN C 76 38.15 64.00 65.24
C ASN C 76 37.96 65.17 66.22
N TYR C 77 37.44 66.28 65.70
CA TYR C 77 37.24 67.49 66.48
C TYR C 77 36.32 67.33 67.69
N ASN C 78 35.35 66.42 67.60
CA ASN C 78 34.34 66.24 68.64
C ASN C 78 34.68 65.34 69.83
N ASN C 79 35.97 65.06 70.04
CA ASN C 79 36.41 64.16 71.11
C ASN C 79 35.87 62.73 70.98
N GLN C 80 35.24 62.44 69.86
CA GLN C 80 34.78 61.09 69.54
C GLN C 80 35.77 60.49 68.55
N SER C 81 37.05 60.76 68.79
CA SER C 81 38.11 60.32 67.89
C SER C 81 38.28 58.81 67.83
N HIS C 82 37.84 58.10 68.87
CA HIS C 82 37.88 56.63 68.85
C HIS C 82 37.02 56.02 67.74
N LEU C 83 36.14 56.83 67.14
CA LEU C 83 35.35 56.40 66.00
C LEU C 83 36.12 56.67 64.69
N ALA C 84 36.44 57.95 64.47
CA ALA C 84 37.17 58.39 63.28
C ALA C 84 38.52 57.71 63.10
N ASP C 85 39.07 57.18 64.18
CA ASP C 85 40.31 56.42 64.08
C ASP C 85 39.99 55.07 63.47
N PHE C 86 38.93 54.44 63.93
CA PHE C 86 38.49 53.18 63.34
C PHE C 86 38.19 53.34 61.86
N LEU C 87 37.46 54.40 61.51
CA LEU C 87 37.12 54.62 60.11
C LEU C 87 38.31 55.03 59.24
N GLU C 88 39.22 55.85 59.76
CA GLU C 88 40.44 56.19 59.01
C GLU C 88 41.36 54.99 58.86
N ASP C 89 41.38 54.13 59.87
CA ASP C 89 42.15 52.90 59.81
C ASP C 89 41.60 52.00 58.74
N TYR C 90 40.28 51.93 58.65
CA TYR C 90 39.59 51.08 57.67
C TYR C 90 39.77 51.60 56.23
N ILE C 91 39.69 52.93 56.11
CA ILE C 91 39.87 53.61 54.84
C ILE C 91 41.32 53.41 54.46
N ASP C 92 42.17 53.15 55.44
CA ASP C 92 43.56 52.94 55.10
C ASP C 92 43.61 51.48 54.67
N PHE C 93 42.88 50.62 55.36
CA PHE C 93 42.83 49.23 54.92
C PHE C 93 41.94 49.02 53.71
N ALA C 94 41.87 50.02 52.83
CA ALA C 94 41.14 49.83 51.58
C ALA C 94 41.64 50.80 50.50
N ILE C 95 41.97 52.02 50.87
CA ILE C 95 42.56 52.97 49.92
C ILE C 95 44.02 52.59 49.70
N ASN C 96 44.61 52.21 50.84
CA ASN C 96 46.02 51.84 50.96
C ASN C 96 46.29 50.36 50.87
N GLU C 97 45.26 49.56 50.59
CA GLU C 97 45.57 48.16 50.45
C GLU C 97 44.68 47.71 49.34
N PRO C 98 45.28 47.10 48.32
CA PRO C 98 44.46 46.67 47.18
C PRO C 98 44.13 45.21 47.34
N ASP C 99 44.09 44.77 48.59
CA ASP C 99 43.84 43.38 48.86
C ASP C 99 43.09 43.33 50.15
N LEU C 100 42.07 42.48 50.19
CA LEU C 100 41.21 42.43 51.35
C LEU C 100 40.89 40.96 51.50
N LEU C 101 39.68 40.57 51.12
CA LEU C 101 39.19 39.26 51.54
C LEU C 101 38.64 38.39 50.40
N ARG C 102 38.24 38.98 49.28
CA ARG C 102 37.73 38.20 48.13
C ARG C 102 36.46 37.41 48.54
N PRO C 103 35.79 36.73 47.60
CA PRO C 103 34.77 35.78 48.09
C PRO C 103 35.36 34.46 48.61
N VAL C 104 35.54 34.38 49.93
CA VAL C 104 36.13 33.23 50.63
C VAL C 104 35.43 33.04 51.97
N VAL C 105 36.19 32.81 53.04
CA VAL C 105 35.63 32.38 54.32
C VAL C 105 36.12 33.24 55.49
N ILE C 106 35.15 33.73 56.25
CA ILE C 106 35.38 34.44 57.51
C ILE C 106 34.21 34.26 58.49
N ALA C 107 33.22 33.48 58.05
CA ALA C 107 32.15 33.04 58.93
C ALA C 107 31.86 31.56 58.73
N PRO C 108 32.68 30.71 59.37
CA PRO C 108 32.83 29.30 59.00
C PRO C 108 31.63 28.47 59.40
N GLN C 109 31.56 27.28 58.82
CA GLN C 109 30.44 26.33 58.85
C GLN C 109 29.65 26.56 57.57
N PHE C 110 30.33 26.77 56.45
CA PHE C 110 29.66 26.79 55.16
C PHE C 110 28.99 25.42 54.92
N SER C 111 29.23 24.52 55.87
CA SER C 111 28.71 23.17 55.92
C SER C 111 27.19 23.15 56.03
N ARG C 112 26.63 24.20 56.63
CA ARG C 112 25.19 24.38 56.67
C ARG C 112 24.66 25.44 55.70
N GLN C 113 25.52 26.27 55.16
CA GLN C 113 25.03 27.27 54.24
C GLN C 113 24.86 26.62 52.85
N MSE C 114 25.97 26.58 52.12
CA MSE C 114 26.07 25.94 50.80
C MSE C 114 25.68 24.45 50.73
O MSE C 114 24.85 24.07 49.92
CB MSE C 114 27.50 26.08 50.26
CG MSE C 114 27.70 25.42 48.90
SE MSE C 114 29.30 24.32 48.73
CE MSE C 114 28.60 22.64 49.40
N LEU C 115 26.26 23.65 51.62
CA LEU C 115 25.88 22.24 51.74
C LEU C 115 24.43 22.04 52.16
N ASP C 116 23.96 22.77 53.16
CA ASP C 116 22.59 22.56 53.60
C ASP C 116 21.71 23.44 52.74
N ARG C 117 21.70 24.74 53.03
CA ARG C 117 20.62 25.63 52.64
C ARG C 117 20.44 25.82 51.12
N LYS C 118 21.48 26.24 50.40
CA LYS C 118 21.31 26.53 48.97
C LYS C 118 21.13 25.31 48.09
N LEU C 119 21.85 24.22 48.36
CA LEU C 119 21.67 23.02 47.55
C LEU C 119 20.25 22.54 47.70
N LEU C 120 19.80 22.37 48.95
CA LEU C 120 18.45 21.89 49.22
C LEU C 120 17.40 22.79 48.59
N LEU C 121 17.60 24.10 48.68
CA LEU C 121 16.58 25.02 48.20
C LEU C 121 16.59 25.13 46.66
N GLY C 122 17.74 24.85 46.07
CA GLY C 122 17.89 24.80 44.63
C GLY C 122 17.55 23.43 44.05
N ASN C 123 16.98 22.58 44.90
CA ASN C 123 16.56 21.24 44.55
C ASN C 123 17.66 20.33 44.00
N VAL C 124 18.90 20.56 44.44
CA VAL C 124 19.98 19.65 44.06
C VAL C 124 19.81 18.38 44.90
N PRO C 125 19.83 17.21 44.25
CA PRO C 125 19.70 15.91 44.91
C PRO C 125 20.88 15.54 45.80
N LYS C 126 20.62 14.71 46.79
CA LYS C 126 21.60 14.37 47.83
C LYS C 126 22.75 13.51 47.34
N GLN C 127 23.74 14.14 46.72
CA GLN C 127 24.97 13.50 46.22
C GLN C 127 25.29 12.08 46.73
N MSE C 128 25.80 11.25 45.86
CA MSE C 128 26.19 9.90 46.27
C MSE C 128 27.55 9.93 46.96
O MSE C 128 28.36 10.81 46.70
CB MSE C 128 26.17 8.95 45.08
CG MSE C 128 24.76 8.80 44.54
SE MSE C 128 24.32 7.03 43.87
CE MSE C 128 24.60 6.03 45.51
N THR C 129 27.78 8.97 47.86
CA THR C 129 28.88 9.06 48.79
C THR C 129 29.78 7.82 48.80
N CYS C 130 29.17 6.64 48.74
CA CYS C 130 29.91 5.39 48.85
C CYS C 130 30.80 5.08 47.65
N TYR C 131 30.60 5.80 46.54
CA TYR C 131 31.56 5.77 45.44
C TYR C 131 31.46 7.06 44.64
N ILE C 132 32.61 7.60 44.27
CA ILE C 132 32.65 8.80 43.45
C ILE C 132 33.48 8.53 42.21
N ARG C 133 32.98 8.83 41.03
CA ARG C 133 33.83 8.69 39.87
C ARG C 133 34.75 9.90 39.86
N GLU C 134 35.99 9.72 40.29
CA GLU C 134 36.93 10.82 40.44
C GLU C 134 36.99 11.63 39.14
N TYR C 135 37.63 11.03 38.14
CA TYR C 135 37.94 11.70 36.88
C TYR C 135 36.83 12.62 36.40
N HIS C 136 35.60 12.10 36.34
CA HIS C 136 34.55 12.84 35.65
C HIS C 136 34.03 13.99 36.52
N VAL C 137 33.61 13.70 37.75
CA VAL C 137 33.14 14.76 38.64
C VAL C 137 34.17 15.88 38.75
N ASP C 138 35.44 15.48 38.74
CA ASP C 138 36.55 16.41 38.81
C ASP C 138 36.55 17.29 37.56
N ARG C 139 36.47 16.67 36.37
CA ARG C 139 36.56 17.43 35.13
C ARG C 139 35.36 18.36 35.00
N VAL C 140 34.21 17.90 35.46
CA VAL C 140 33.05 18.78 35.58
C VAL C 140 33.33 20.00 36.43
N ILE C 141 33.79 19.81 37.67
CA ILE C 141 34.03 20.97 38.54
C ILE C 141 35.04 21.93 37.93
N LYS C 142 36.12 21.38 37.40
CA LYS C 142 37.15 22.18 36.72
C LYS C 142 36.59 23.03 35.58
N LYS C 143 35.98 22.33 34.62
CA LYS C 143 35.44 22.95 33.41
C LYS C 143 34.27 23.89 33.72
N LEU C 144 33.68 23.76 34.91
CA LEU C 144 32.65 24.71 35.35
C LEU C 144 33.32 25.95 35.92
N ASP C 145 34.40 25.73 36.66
CA ASP C 145 35.23 26.81 37.17
C ASP C 145 35.76 27.70 36.06
N GLU C 146 36.13 27.12 34.92
CA GLU C 146 36.76 27.92 33.87
C GLU C 146 35.77 28.95 33.29
N MSE C 147 34.48 28.75 33.56
CA MSE C 147 33.42 29.48 32.87
C MSE C 147 32.56 30.44 33.71
O MSE C 147 31.76 31.19 33.15
CB MSE C 147 32.48 28.51 32.16
CG MSE C 147 33.16 27.43 31.35
SE MSE C 147 31.88 26.65 30.09
CE MSE C 147 32.45 24.80 30.17
N CYS C 148 32.69 30.41 35.04
CA CYS C 148 31.90 31.30 35.90
C CYS C 148 31.98 32.79 35.54
N ASP C 149 33.03 33.18 34.84
CA ASP C 149 33.17 34.55 34.38
C ASP C 149 32.12 34.80 33.29
N LEU C 150 32.02 33.86 32.36
CA LEU C 150 31.07 33.92 31.25
C LEU C 150 29.62 34.20 31.64
N ASP C 151 28.91 34.84 30.72
CA ASP C 151 27.53 35.28 30.91
C ASP C 151 26.52 34.16 30.63
N SER C 152 26.89 33.21 29.78
CA SER C 152 26.02 32.09 29.42
C SER C 152 26.76 31.03 28.62
N PHE C 153 26.46 29.77 28.92
CA PHE C 153 27.23 28.64 28.40
C PHE C 153 26.54 27.31 28.64
N PHE C 154 26.81 26.34 27.77
CA PHE C 154 26.27 25.00 27.94
C PHE C 154 27.36 23.99 28.29
N LEU C 155 27.13 23.21 29.34
CA LEU C 155 27.99 22.07 29.60
C LEU C 155 27.14 20.81 29.44
N PHE C 156 27.55 19.97 28.52
CA PHE C 156 26.82 18.76 28.20
C PHE C 156 27.48 17.56 28.82
N LEU C 157 26.92 17.08 29.93
CA LEU C 157 27.45 15.88 30.55
C LEU C 157 26.65 14.73 29.97
N HIS C 158 26.99 14.32 28.76
CA HIS C 158 26.20 13.32 28.05
C HIS C 158 26.70 11.88 28.05
N GLY C 159 25.75 10.95 28.16
CA GLY C 159 26.06 9.54 28.07
C GLY C 159 24.84 8.67 27.85
N ARG C 160 25.07 7.37 27.84
CA ARG C 160 24.03 6.33 27.86
C ARG C 160 23.01 6.56 28.98
N ALA C 161 21.97 5.74 28.98
CA ALA C 161 20.97 5.79 30.04
C ALA C 161 21.53 4.98 31.20
N GLY C 162 21.41 5.54 32.41
CA GLY C 162 21.98 4.95 33.59
C GLY C 162 23.50 5.00 33.60
N SER C 163 24.07 5.75 32.66
CA SER C 163 25.53 5.85 32.54
C SER C 163 26.12 6.65 33.70
N GLY C 164 25.26 7.31 34.49
CA GLY C 164 25.68 7.96 35.72
C GLY C 164 25.83 9.47 35.72
N LYS C 165 25.30 10.12 34.69
CA LYS C 165 25.51 11.57 34.52
C LYS C 165 24.96 12.46 35.63
N SER C 166 23.72 12.20 36.04
CA SER C 166 23.04 13.10 36.97
C SER C 166 23.72 13.01 38.32
N VAL C 167 24.13 11.80 38.66
CA VAL C 167 24.79 11.54 39.92
C VAL C 167 26.12 12.31 39.98
N ILE C 168 26.87 12.28 38.89
CA ILE C 168 28.09 13.05 38.74
C ILE C 168 27.82 14.53 38.92
N ALA C 169 26.65 14.98 38.45
CA ALA C 169 26.28 16.38 38.61
C ALA C 169 25.90 16.71 40.05
N SER C 170 25.33 15.72 40.72
CA SER C 170 24.95 15.81 42.12
C SER C 170 26.21 16.00 42.94
N GLN C 171 27.27 15.33 42.52
CA GLN C 171 28.50 15.30 43.31
C GLN C 171 29.34 16.53 42.99
N ALA C 172 29.35 16.93 41.72
CA ALA C 172 30.14 18.08 41.31
C ALA C 172 29.64 19.39 41.91
N LEU C 173 28.35 19.47 42.22
CA LEU C 173 27.87 20.66 42.92
C LEU C 173 27.75 20.46 44.43
N SER C 174 28.27 19.35 44.93
CA SER C 174 28.12 19.04 46.35
C SER C 174 29.46 18.72 46.99
N LYS C 175 30.43 18.37 46.15
CA LYS C 175 31.79 18.15 46.58
C LYS C 175 32.50 19.45 46.94
N SER C 176 33.00 20.16 45.94
CA SER C 176 33.67 21.45 46.16
C SER C 176 32.87 22.42 47.02
N ASP C 177 33.51 23.52 47.42
CA ASP C 177 32.79 24.63 48.03
C ASP C 177 32.88 25.86 47.14
N GLN C 178 33.55 25.71 46.00
CA GLN C 178 33.82 26.83 45.12
C GLN C 178 32.64 27.16 44.20
N LEU C 179 32.17 26.13 43.50
CA LEU C 179 31.10 26.29 42.50
C LEU C 179 29.88 27.04 43.01
N ILE C 180 29.43 26.72 44.23
CA ILE C 180 28.32 27.46 44.80
C ILE C 180 28.80 28.39 45.91
N GLY C 181 28.79 29.70 45.63
CA GLY C 181 29.28 30.68 46.58
C GLY C 181 30.46 31.51 46.08
N ILE C 182 31.48 30.82 45.57
CA ILE C 182 32.68 31.47 45.05
C ILE C 182 32.53 31.77 43.55
N ASN C 183 32.22 30.74 42.77
CA ASN C 183 32.09 30.85 41.33
C ASN C 183 30.68 31.19 40.87
N TYR C 184 29.68 30.66 41.57
CA TYR C 184 28.31 30.99 41.24
C TYR C 184 27.56 31.28 42.53
N ASP C 185 26.66 32.26 42.49
CA ASP C 185 25.92 32.64 43.69
C ASP C 185 24.83 31.67 44.13
N SER C 186 24.00 31.24 43.20
CA SER C 186 22.91 30.32 43.53
C SER C 186 22.84 29.12 42.58
N ILE C 187 22.07 28.11 42.99
CA ILE C 187 21.84 26.93 42.16
C ILE C 187 20.36 26.69 41.93
N VAL C 188 20.00 26.37 40.68
CA VAL C 188 18.66 25.92 40.32
C VAL C 188 18.76 24.61 39.56
N TRP C 189 18.30 23.53 40.18
CA TRP C 189 18.36 22.21 39.54
C TRP C 189 16.95 21.68 39.27
N LEU C 190 16.65 21.52 37.99
CA LEU C 190 15.30 21.14 37.54
C LEU C 190 15.35 19.91 36.64
N LYS C 191 14.47 18.96 36.91
CA LYS C 191 14.37 17.81 36.01
C LYS C 191 13.44 18.17 34.88
N ASP C 192 13.92 17.92 33.68
CA ASP C 192 13.20 18.23 32.47
C ASP C 192 12.34 17.02 32.18
N SER C 193 12.89 16.12 31.35
CA SER C 193 12.24 14.87 30.97
C SER C 193 11.03 15.14 30.09
N GLY C 194 11.04 16.27 29.41
CA GLY C 194 9.90 16.65 28.62
C GLY C 194 9.85 15.98 27.27
N THR C 195 8.68 15.46 26.92
CA THR C 195 8.51 14.74 25.69
C THR C 195 7.38 15.42 24.95
N ALA C 196 6.34 15.76 25.70
CA ALA C 196 5.24 16.53 25.16
C ALA C 196 5.74 17.92 24.76
N PRO C 197 4.94 18.68 24.00
CA PRO C 197 5.30 20.04 23.60
C PRO C 197 4.96 21.10 24.65
N LYS C 198 4.07 20.77 25.59
CA LYS C 198 3.76 21.69 26.69
C LYS C 198 4.78 21.64 27.83
N SER C 199 5.66 20.66 27.77
CA SER C 199 6.65 20.44 28.83
C SER C 199 7.77 21.48 28.90
N THR C 200 8.21 21.95 27.75
CA THR C 200 9.30 22.91 27.67
C THR C 200 8.89 24.29 28.21
N PHE C 201 7.59 24.55 28.28
CA PHE C 201 7.12 25.80 28.86
C PHE C 201 6.85 25.62 30.36
N ASP C 202 6.28 24.46 30.73
CA ASP C 202 5.97 24.15 32.12
C ASP C 202 7.26 24.14 32.95
N LEU C 203 8.33 23.67 32.30
CA LEU C 203 9.63 23.58 32.93
C LEU C 203 10.02 24.98 33.38
N PHE C 204 10.10 25.88 32.41
CA PHE C 204 10.54 27.25 32.65
C PHE C 204 9.53 28.04 33.50
N THR C 205 8.34 27.47 33.69
CA THR C 205 7.37 28.01 34.65
C THR C 205 7.90 27.68 36.04
N ASP C 206 8.56 26.54 36.16
CA ASP C 206 9.00 26.12 37.49
C ASP C 206 10.41 26.66 37.72
N ILE C 207 11.05 27.10 36.64
CA ILE C 207 12.24 27.94 36.75
C ILE C 207 11.77 29.28 37.36
N LEU C 208 11.03 30.05 36.57
CA LEU C 208 10.35 31.28 37.03
C LEU C 208 9.95 31.23 38.52
N LEU C 209 9.50 30.07 39.00
CA LEU C 209 9.16 29.90 40.42
C LEU C 209 10.34 29.51 41.33
N MSE C 210 11.34 28.83 40.78
CA MSE C 210 12.62 28.59 41.45
C MSE C 210 13.32 29.90 41.80
O MSE C 210 14.11 29.98 42.73
CB MSE C 210 13.54 27.71 40.58
CG MSE C 210 13.27 26.21 40.69
SE MSE C 210 12.04 25.72 42.12
CE MSE C 210 13.38 25.29 43.48
N LEU C 211 12.99 30.91 41.01
CA LEU C 211 13.53 32.26 41.19
C LEU C 211 12.78 33.00 42.29
N LYS C 212 11.46 32.96 42.24
CA LYS C 212 10.60 33.75 43.12
C LYS C 212 10.90 33.59 44.61
N SER C 213 10.81 34.71 45.33
CA SER C 213 11.08 34.85 46.77
C SER C 213 10.24 33.89 47.62
N GLU C 214 10.64 33.58 48.85
CA GLU C 214 9.80 32.71 49.68
C GLU C 214 8.46 33.41 49.77
N ASP C 215 8.51 34.73 49.90
CA ASP C 215 7.34 35.58 49.72
C ASP C 215 6.91 35.52 48.26
N ASP C 216 5.61 35.66 48.03
CA ASP C 216 5.00 35.61 46.71
C ASP C 216 5.31 34.25 46.04
N LEU C 217 5.08 33.17 46.79
CA LEU C 217 4.78 31.85 46.24
C LEU C 217 3.30 31.58 46.48
N LEU C 218 2.78 32.33 47.45
CA LEU C 218 1.37 32.44 47.81
C LEU C 218 0.56 33.12 46.71
N ASN C 219 1.11 34.24 46.23
CA ASN C 219 0.51 35.04 45.19
C ASN C 219 0.49 34.40 43.81
N PHE C 220 1.14 33.25 43.66
CA PHE C 220 1.13 32.49 42.40
C PHE C 220 -0.24 32.55 41.72
N PRO C 221 -0.28 33.16 40.52
CA PRO C 221 -1.49 33.24 39.69
C PRO C 221 -1.75 32.00 38.86
N SER C 222 -2.87 32.00 38.15
CA SER C 222 -3.16 31.01 37.12
C SER C 222 -2.24 31.34 35.92
N VAL C 223 -0.93 31.41 36.17
CA VAL C 223 0.10 31.73 35.18
C VAL C 223 0.21 30.75 34.00
N GLU C 224 -0.35 29.56 34.18
CA GLU C 224 -0.47 28.55 33.12
C GLU C 224 -0.88 29.10 31.75
N HIS C 225 -1.67 30.17 31.72
CA HIS C 225 -2.06 30.79 30.44
C HIS C 225 -1.56 32.23 30.30
N VAL C 226 -0.43 32.35 29.60
CA VAL C 226 0.31 33.58 29.37
C VAL C 226 1.40 33.24 28.36
N THR C 227 1.63 34.13 27.40
CA THR C 227 2.53 33.83 26.28
C THR C 227 3.95 33.43 26.70
N SER C 228 4.68 32.83 25.75
CA SER C 228 6.07 32.45 25.98
C SER C 228 7.01 33.62 26.12
N VAL C 229 6.78 34.66 25.31
CA VAL C 229 7.59 35.88 25.32
C VAL C 229 7.49 36.57 26.67
N VAL C 230 6.38 36.31 27.35
CA VAL C 230 6.09 36.93 28.63
C VAL C 230 6.70 36.10 29.75
N LEU C 231 6.53 34.77 29.74
CA LEU C 231 7.26 33.95 30.71
C LEU C 231 8.78 34.21 30.64
N LYS C 232 9.29 34.33 29.43
CA LYS C 232 10.72 34.60 29.17
C LYS C 232 11.16 35.97 29.69
N ARG C 233 10.34 36.97 29.40
CA ARG C 233 10.61 38.32 29.83
C ARG C 233 10.49 38.36 31.35
N MSE C 234 9.50 37.66 31.90
CA MSE C 234 9.28 37.53 33.35
C MSE C 234 10.44 36.87 34.09
O MSE C 234 10.72 37.18 35.26
CB MSE C 234 8.01 36.75 33.64
CG MSE C 234 6.76 37.60 33.78
SE MSE C 234 5.27 36.60 34.56
CE MSE C 234 4.92 35.38 33.09
N ILE C 235 11.11 35.92 33.44
CA ILE C 235 12.26 35.26 34.04
C ILE C 235 13.44 36.23 34.00
N CYS C 236 13.79 36.70 32.80
CA CYS C 236 14.95 37.58 32.67
C CYS C 236 14.70 38.86 33.47
N ASN C 237 13.43 39.08 33.80
CA ASN C 237 12.99 40.06 34.77
C ASN C 237 13.52 39.62 36.11
N ALA C 238 12.84 38.61 36.67
CA ALA C 238 13.18 37.98 37.94
C ALA C 238 14.63 37.48 38.00
N LEU C 239 15.37 37.65 36.91
CA LEU C 239 16.74 37.16 36.84
C LEU C 239 17.71 38.25 37.27
N ILE C 240 17.19 39.44 37.56
CA ILE C 240 18.05 40.49 38.10
C ILE C 240 18.49 40.08 39.50
N ASP C 241 17.55 39.70 40.38
CA ASP C 241 17.90 39.27 41.74
C ASP C 241 18.82 38.05 41.76
N ARG C 242 19.24 37.57 40.61
CA ARG C 242 20.05 36.36 40.58
C ARG C 242 21.34 36.56 39.79
N PRO C 243 22.37 37.12 40.46
CA PRO C 243 23.75 37.20 40.00
C PRO C 243 24.31 35.79 39.92
N ASN C 244 25.24 35.53 39.00
CA ASN C 244 25.81 34.19 38.78
C ASN C 244 24.98 33.05 39.34
N THR C 245 24.01 32.61 38.56
CA THR C 245 23.16 31.50 38.95
C THR C 245 23.43 30.34 38.02
N LEU C 246 23.69 29.17 38.61
CA LEU C 246 23.96 28.01 37.81
C LEU C 246 22.63 27.27 37.62
N PHE C 247 22.45 26.73 36.42
CA PHE C 247 21.25 25.98 36.09
C PHE C 247 21.60 24.55 35.72
N VAL C 248 21.14 23.60 36.52
CA VAL C 248 21.17 22.22 36.10
C VAL C 248 19.86 21.81 35.46
N PHE C 249 19.98 21.30 34.24
CA PHE C 249 18.84 20.82 33.48
C PHE C 249 19.00 19.31 33.40
N ASP C 250 18.58 18.69 34.49
CA ASP C 250 18.69 17.25 34.65
C ASP C 250 17.72 16.58 33.68
N ASP C 251 18.26 15.76 32.78
CA ASP C 251 17.50 14.93 31.85
C ASP C 251 16.84 15.71 30.71
N VAL C 252 17.63 16.30 29.82
CA VAL C 252 17.03 16.97 28.67
C VAL C 252 16.81 15.96 27.53
N VAL C 253 15.61 15.94 26.96
CA VAL C 253 15.36 15.17 25.74
C VAL C 253 15.09 16.03 24.50
N GLN C 254 14.35 17.12 24.71
CA GLN C 254 13.97 18.06 23.64
C GLN C 254 14.91 19.24 23.49
N GLU C 255 15.40 19.48 22.27
CA GLU C 255 16.24 20.64 21.96
C GLU C 255 15.51 21.98 22.10
N GLU C 256 14.23 21.93 22.46
CA GLU C 256 13.47 23.16 22.66
C GLU C 256 13.82 23.76 24.00
N THR C 257 13.93 22.89 25.02
CA THR C 257 14.57 23.28 26.27
C THR C 257 15.80 24.11 25.91
N ILE C 258 16.86 23.47 25.42
CA ILE C 258 18.10 24.15 24.96
C ILE C 258 17.90 25.45 24.17
N ARG C 259 16.88 25.52 23.31
CA ARG C 259 16.63 26.81 22.66
C ARG C 259 16.17 27.86 23.66
N TRP C 260 15.29 27.49 24.59
CA TRP C 260 14.86 28.44 25.60
C TRP C 260 16.04 28.85 26.48
N ALA C 261 16.79 27.86 26.94
CA ALA C 261 18.01 28.06 27.71
C ALA C 261 18.95 29.03 27.01
N GLN C 262 18.91 29.04 25.68
CA GLN C 262 19.80 29.88 24.90
C GLN C 262 19.20 31.24 24.55
N GLU C 263 17.88 31.38 24.66
CA GLU C 263 17.25 32.68 24.48
C GLU C 263 17.32 33.48 25.77
N LEU C 264 17.34 32.75 26.88
CA LEU C 264 17.32 33.36 28.20
C LEU C 264 18.74 33.56 28.72
N ARG C 265 19.71 33.37 27.82
CA ARG C 265 21.12 33.56 28.11
C ARG C 265 21.52 33.00 29.48
N LEU C 266 21.11 31.75 29.72
CA LEU C 266 21.33 31.07 30.97
C LEU C 266 22.67 30.32 30.98
N ARG C 267 23.17 30.03 32.18
CA ARG C 267 24.35 29.18 32.36
C ARG C 267 23.91 27.79 32.76
N CYS C 268 24.12 26.85 31.86
CA CYS C 268 23.55 25.52 32.02
C CYS C 268 24.52 24.34 32.03
N LEU C 269 24.41 23.55 33.09
CA LEU C 269 24.85 22.18 33.12
C LEU C 269 23.63 21.44 32.59
N VAL C 270 23.86 20.41 31.79
CA VAL C 270 22.78 19.65 31.17
C VAL C 270 23.11 18.18 31.26
N THR C 271 22.33 17.42 32.01
CA THR C 271 22.44 15.98 31.83
C THR C 271 21.46 15.51 30.77
N THR C 272 21.96 14.69 29.86
CA THR C 272 21.14 14.18 28.77
C THR C 272 21.68 12.88 28.20
N ARG C 273 20.85 12.22 27.40
CA ARG C 273 21.26 10.98 26.74
C ARG C 273 21.58 11.25 25.27
N ASP C 274 20.74 12.07 24.64
CA ASP C 274 20.92 12.44 23.24
C ASP C 274 21.86 13.63 23.15
N VAL C 275 22.98 13.45 22.44
CA VAL C 275 24.03 14.47 22.40
C VAL C 275 23.79 15.58 21.36
N GLU C 276 23.07 15.26 20.29
CA GLU C 276 22.90 16.19 19.15
C GLU C 276 22.05 17.43 19.43
N ILE C 277 21.38 17.46 20.59
CA ILE C 277 20.57 18.61 20.95
C ILE C 277 21.40 19.89 21.03
N SER C 278 22.72 19.73 21.04
CA SER C 278 23.61 20.86 21.19
C SER C 278 23.73 21.61 19.88
N ASN C 279 23.40 20.94 18.79
CA ASN C 279 23.41 21.64 17.52
C ASN C 279 22.32 22.70 17.53
N ALA C 280 21.35 22.59 18.45
CA ALA C 280 20.34 23.64 18.57
C ALA C 280 20.97 24.95 19.04
N ALA C 281 22.02 24.83 19.85
CA ALA C 281 22.73 25.99 20.37
C ALA C 281 23.93 26.36 19.52
N SER C 282 23.94 27.61 19.06
CA SER C 282 25.11 28.20 18.44
C SER C 282 25.98 28.98 19.43
N GLN C 283 26.90 28.31 20.11
CA GLN C 283 27.53 28.92 21.29
C GLN C 283 28.67 28.12 21.86
N THR C 284 29.32 28.65 22.87
CA THR C 284 30.24 27.88 23.63
C THR C 284 29.41 26.67 24.07
N CYS C 285 29.57 25.59 23.32
CA CYS C 285 28.92 24.36 23.70
C CYS C 285 30.09 23.57 24.05
N GLU C 286 30.01 23.03 25.26
CA GLU C 286 31.15 22.31 25.78
C GLU C 286 30.67 20.95 26.20
N PHE C 287 31.55 19.97 26.08
CA PHE C 287 31.06 18.61 26.21
C PHE C 287 31.92 17.79 27.15
N ILE C 288 31.25 16.89 27.86
CA ILE C 288 31.90 15.89 28.70
C ILE C 288 31.15 14.59 28.53
N GLU C 289 31.82 13.59 27.98
CA GLU C 289 31.18 12.33 27.68
C GLU C 289 31.33 11.37 28.85
N VAL C 290 30.21 10.83 29.32
CA VAL C 290 30.25 9.88 30.41
C VAL C 290 30.47 8.51 29.81
N THR C 291 31.73 8.08 29.75
CA THR C 291 32.04 6.80 29.13
C THR C 291 31.53 5.67 30.02
N SER C 292 31.61 4.44 29.52
CA SER C 292 31.23 3.29 30.31
C SER C 292 32.24 3.05 31.41
N LEU C 293 31.76 2.68 32.59
CA LEU C 293 32.63 2.33 33.71
C LEU C 293 33.65 1.26 33.33
N GLU C 294 34.93 1.62 33.27
CA GLU C 294 35.99 0.65 32.98
C GLU C 294 35.86 -0.57 33.88
N ILE C 295 36.47 -1.69 33.48
CA ILE C 295 36.31 -2.93 34.21
C ILE C 295 36.82 -2.73 35.63
N ASP C 296 37.86 -1.91 35.75
CA ASP C 296 38.48 -1.63 37.04
C ASP C 296 37.66 -0.66 37.88
N GLU C 297 37.08 0.38 37.26
CA GLU C 297 36.22 1.27 38.03
C GLU C 297 35.03 0.45 38.52
N CYS C 298 34.68 -0.57 37.74
CA CYS C 298 33.58 -1.45 38.11
C CYS C 298 33.98 -2.25 39.34
N TYR C 299 35.22 -2.73 39.36
CA TYR C 299 35.76 -3.42 40.54
C TYR C 299 35.62 -2.50 41.75
N ASP C 300 36.15 -1.29 41.63
CA ASP C 300 36.10 -0.28 42.69
C ASP C 300 34.66 -0.13 43.18
N PHE C 301 33.75 -0.04 42.22
CA PHE C 301 32.32 0.11 42.43
C PHE C 301 31.74 -1.05 43.21
N LEU C 302 32.31 -2.23 42.99
CA LEU C 302 31.85 -3.45 43.63
C LEU C 302 32.31 -3.48 45.07
N GLU C 303 33.62 -3.29 45.27
CA GLU C 303 34.22 -3.14 46.60
C GLU C 303 33.53 -2.11 47.47
N ALA C 304 33.26 -0.95 46.87
CA ALA C 304 32.64 0.19 47.53
C ALA C 304 31.32 -0.20 48.22
N TYR C 305 30.56 -1.07 47.58
CA TYR C 305 29.33 -1.57 48.15
C TYR C 305 29.49 -3.01 48.65
N GLY C 306 30.35 -3.15 49.65
CA GLY C 306 30.60 -4.41 50.36
C GLY C 306 30.70 -5.74 49.62
N MSE C 307 31.07 -5.69 48.34
CA MSE C 307 31.15 -6.89 47.51
C MSE C 307 32.53 -7.55 47.53
O MSE C 307 33.53 -6.91 47.28
CB MSE C 307 30.78 -6.55 46.06
CG MSE C 307 30.12 -7.66 45.22
SE MSE C 307 28.86 -8.89 46.08
CE MSE C 307 27.60 -7.60 46.81
N PRO C 308 32.57 -8.85 47.86
CA PRO C 308 33.74 -9.73 48.04
C PRO C 308 34.51 -9.90 46.72
N MSE C 309 35.81 -9.70 46.75
CA MSE C 309 36.62 -9.80 45.54
C MSE C 309 37.10 -11.23 45.34
O MSE C 309 37.40 -11.94 46.30
CB MSE C 309 37.83 -8.85 45.62
CG MSE C 309 37.86 -7.79 44.54
SE MSE C 309 36.20 -6.80 44.52
CE MSE C 309 36.31 -6.22 46.37
N PRO C 310 37.19 -11.65 44.06
CA PRO C 310 37.38 -13.03 43.61
C PRO C 310 38.65 -13.67 44.13
N VAL C 311 38.74 -14.98 43.92
CA VAL C 311 39.91 -15.77 44.26
C VAL C 311 40.08 -16.82 43.18
N GLY C 312 39.26 -17.87 43.17
CA GLY C 312 39.31 -18.83 42.09
C GLY C 312 39.23 -18.12 40.75
N GLU C 313 39.66 -18.78 39.69
CA GLU C 313 39.72 -18.14 38.37
C GLU C 313 38.34 -17.99 37.75
N LYS C 314 37.55 -19.04 37.83
CA LYS C 314 36.16 -18.93 37.41
C LYS C 314 35.28 -18.34 38.50
N GLU C 315 35.65 -17.14 38.92
CA GLU C 315 34.85 -16.30 39.80
C GLU C 315 35.17 -14.87 39.41
N GLU C 316 36.46 -14.61 39.21
CA GLU C 316 36.90 -13.39 38.56
C GLU C 316 36.38 -13.43 37.14
N ASP C 317 36.26 -14.64 36.59
CA ASP C 317 35.68 -14.80 35.26
C ASP C 317 34.18 -14.54 35.31
N VAL C 318 33.53 -14.99 36.38
CA VAL C 318 32.11 -14.73 36.58
C VAL C 318 31.80 -13.24 36.65
N LEU C 319 32.73 -12.50 37.24
CA LEU C 319 32.54 -11.08 37.43
C LEU C 319 32.93 -10.30 36.19
N ASN C 320 33.89 -10.81 35.42
CA ASN C 320 34.13 -10.20 34.12
C ASN C 320 32.97 -10.48 33.18
N LYS C 321 32.27 -11.59 33.42
CA LYS C 321 31.01 -11.85 32.72
C LYS C 321 29.97 -10.81 33.07
N THR C 322 29.79 -10.54 34.36
CA THR C 322 28.84 -9.50 34.76
C THR C 322 29.20 -8.11 34.21
N ILE C 323 30.47 -7.73 34.32
CA ILE C 323 30.92 -6.42 33.84
C ILE C 323 30.83 -6.30 32.31
N GLU C 324 31.01 -7.43 31.63
CA GLU C 324 30.88 -7.53 30.19
C GLU C 324 29.44 -7.44 29.70
N LEU C 325 28.56 -8.20 30.34
CA LEU C 325 27.15 -8.20 29.98
C LEU C 325 26.59 -6.79 30.15
N SER C 326 26.60 -6.29 31.37
CA SER C 326 26.15 -4.93 31.66
C SER C 326 27.18 -3.88 31.21
N SER C 327 27.66 -4.04 29.98
CA SER C 327 28.77 -3.28 29.37
C SER C 327 29.14 -1.97 30.05
N GLY C 328 29.73 -2.08 31.24
CA GLY C 328 30.04 -0.92 32.06
C GLY C 328 28.87 0.03 32.20
N ASN C 329 27.96 -0.28 33.12
CA ASN C 329 26.78 0.54 33.31
C ASN C 329 26.31 0.63 34.76
N PRO C 330 26.60 1.79 35.40
CA PRO C 330 26.27 2.19 36.77
C PRO C 330 24.94 1.62 37.27
N ALA C 331 23.86 2.04 36.63
CA ALA C 331 22.49 1.68 37.01
C ALA C 331 22.18 0.18 37.08
N THR C 332 22.49 -0.55 36.02
CA THR C 332 22.22 -1.98 36.02
C THR C 332 23.19 -2.74 36.90
N LEU C 333 24.37 -2.14 37.12
CA LEU C 333 25.30 -2.69 38.09
C LEU C 333 24.70 -2.57 39.50
N MSE C 334 24.16 -1.39 39.82
CA MSE C 334 23.56 -1.16 41.13
C MSE C 334 22.37 -2.09 41.35
O MSE C 334 22.24 -2.71 42.41
CB MSE C 334 23.11 0.29 41.25
CG MSE C 334 22.59 0.72 42.61
SE MSE C 334 23.99 0.99 43.94
CE MSE C 334 24.12 -0.83 44.60
N MSE C 335 21.53 -2.20 40.33
CA MSE C 335 20.37 -3.07 40.39
C MSE C 335 20.81 -4.50 40.63
O MSE C 335 20.22 -5.25 41.42
CB MSE C 335 19.59 -3.03 39.07
CG MSE C 335 18.68 -1.83 38.85
SE MSE C 335 18.40 -1.57 36.93
CE MSE C 335 17.90 -3.38 36.44
N PHE C 336 21.93 -4.80 39.99
CA PHE C 336 22.57 -6.11 40.08
C PHE C 336 22.91 -6.36 41.56
N PHE C 337 23.64 -5.44 42.22
CA PHE C 337 23.97 -5.65 43.65
C PHE C 337 22.70 -5.84 44.46
N LYS C 338 21.80 -4.86 44.35
CA LYS C 338 20.53 -4.87 45.08
C LYS C 338 19.80 -6.19 44.90
N SER C 339 20.19 -6.95 43.89
CA SER C 339 19.48 -8.16 43.55
C SER C 339 20.40 -9.36 43.79
N CYS C 340 21.61 -9.10 44.28
CA CYS C 340 22.56 -10.18 44.56
C CYS C 340 22.35 -10.86 45.92
N GLU C 341 21.25 -10.53 46.60
CA GLU C 341 20.80 -11.16 47.87
C GLU C 341 21.91 -11.79 48.77
N PRO C 342 22.27 -13.10 48.61
CA PRO C 342 23.16 -13.66 49.64
C PRO C 342 24.55 -13.04 49.62
N LYS C 343 24.90 -12.43 48.48
CA LYS C 343 26.19 -11.75 48.21
C LYS C 343 27.20 -12.71 47.58
N THR C 344 26.90 -14.01 47.63
CA THR C 344 27.79 -15.04 47.12
C THR C 344 28.09 -14.84 45.63
N PHE C 345 29.31 -15.17 45.21
CA PHE C 345 29.64 -15.33 43.79
C PHE C 345 28.70 -16.30 43.08
N GLU C 346 28.21 -17.27 43.83
CA GLU C 346 27.27 -18.26 43.32
C GLU C 346 26.00 -17.59 42.79
N LYS C 347 25.23 -16.93 43.66
CA LYS C 347 24.01 -16.24 43.24
C LYS C 347 24.29 -15.09 42.25
N MSE C 348 25.54 -14.67 42.21
CA MSE C 348 25.99 -13.65 41.27
C MSE C 348 26.05 -14.26 39.86
O MSE C 348 25.66 -13.64 38.87
CB MSE C 348 27.36 -13.12 41.72
CG MSE C 348 27.56 -11.63 41.52
SE MSE C 348 27.95 -11.09 39.71
CE MSE C 348 29.73 -11.84 39.56
N ALA C 349 26.51 -15.51 39.79
CA ALA C 349 26.58 -16.21 38.52
C ALA C 349 25.18 -16.65 38.15
N GLN C 350 24.37 -16.90 39.17
CA GLN C 350 22.97 -17.20 38.97
C GLN C 350 22.39 -16.07 38.14
N LEU C 351 22.70 -14.84 38.56
CA LEU C 351 22.18 -13.69 37.84
C LEU C 351 22.79 -13.61 36.45
N ASN C 352 24.10 -13.88 36.35
CA ASN C 352 24.77 -13.92 35.05
C ASN C 352 24.08 -14.82 34.04
N ASN C 353 23.47 -15.89 34.53
CA ASN C 353 22.68 -16.77 33.69
C ASN C 353 21.37 -16.08 33.38
N LYS C 354 20.62 -15.81 34.44
CA LYS C 354 19.34 -15.10 34.36
C LYS C 354 19.30 -13.93 33.36
N LEU C 355 20.43 -13.30 33.10
CA LEU C 355 20.44 -12.13 32.22
C LEU C 355 20.33 -12.44 30.72
N GLU C 356 20.91 -13.54 30.27
CA GLU C 356 20.82 -13.93 28.86
C GLU C 356 19.52 -14.64 28.49
N SER C 357 18.99 -15.43 29.41
CA SER C 357 17.75 -16.18 29.19
C SER C 357 16.50 -15.58 29.84
N ARG C 358 16.54 -14.29 30.15
CA ARG C 358 15.37 -13.59 30.70
C ARG C 358 15.53 -12.08 30.50
N GLY C 359 16.61 -11.70 29.83
CA GLY C 359 16.94 -10.32 29.56
C GLY C 359 17.08 -9.48 30.82
N LEU C 360 16.91 -8.18 30.67
CA LEU C 360 17.13 -7.25 31.78
C LEU C 360 16.15 -7.52 32.91
N VAL C 361 15.10 -8.29 32.63
CA VAL C 361 14.04 -8.52 33.58
C VAL C 361 14.56 -9.48 34.64
N GLY C 362 15.78 -9.97 34.45
CA GLY C 362 16.32 -10.99 35.32
C GLY C 362 16.95 -10.30 36.51
N VAL C 363 17.24 -9.01 36.36
CA VAL C 363 17.92 -8.28 37.41
C VAL C 363 17.22 -6.97 37.82
N GLU C 364 16.06 -6.69 37.23
CA GLU C 364 15.24 -5.55 37.64
C GLU C 364 14.90 -5.51 39.14
N CYS C 365 15.17 -4.38 39.77
CA CYS C 365 15.07 -4.26 41.22
C CYS C 365 14.74 -2.83 41.63
N ILE C 366 14.33 -2.66 42.89
CA ILE C 366 14.17 -1.34 43.46
C ILE C 366 15.57 -0.75 43.63
N THR C 367 15.81 0.36 42.95
CA THR C 367 17.13 1.00 42.93
C THR C 367 17.00 2.53 43.00
N PRO C 368 18.03 3.22 43.50
CA PRO C 368 18.10 4.69 43.41
C PRO C 368 17.71 5.27 42.05
N TYR C 369 17.77 4.45 41.00
CA TYR C 369 17.26 4.79 39.68
C TYR C 369 15.74 4.93 39.63
N SER C 370 15.26 5.94 38.90
CA SER C 370 13.82 6.18 38.75
C SER C 370 13.13 5.00 38.05
N TYR C 371 13.94 4.09 37.53
CA TYR C 371 13.52 3.02 36.63
C TYR C 371 13.66 1.64 37.26
N LYS C 372 12.63 0.80 37.10
CA LYS C 372 12.69 -0.56 37.58
C LYS C 372 13.83 -1.32 36.89
N SER C 373 14.03 -1.06 35.61
CA SER C 373 15.10 -1.72 34.86
C SER C 373 15.57 -0.85 33.69
N LEU C 374 16.81 -1.05 33.25
CA LEU C 374 17.39 -0.17 32.23
C LEU C 374 16.59 -0.22 30.92
N ALA C 375 15.75 -1.25 30.77
CA ALA C 375 14.96 -1.42 29.56
C ALA C 375 13.84 -0.40 29.53
N MSE C 376 13.44 -0.03 30.75
CA MSE C 376 12.42 1.00 30.99
C MSE C 376 13.01 2.34 30.58
O MSE C 376 12.28 3.25 30.19
CB MSE C 376 12.00 1.00 32.46
CG MSE C 376 11.57 -0.37 32.99
SE MSE C 376 9.82 -0.95 32.35
CE MSE C 376 8.70 -0.22 33.77
N ALA C 377 14.33 2.45 30.65
CA ALA C 377 15.01 3.69 30.33
C ALA C 377 15.16 3.77 28.83
N LEU C 378 15.73 2.73 28.23
CA LEU C 378 16.06 2.73 26.81
C LEU C 378 14.79 2.82 25.99
N GLN C 379 13.71 2.33 26.58
CA GLN C 379 12.36 2.46 26.06
C GLN C 379 12.20 3.81 25.37
N ARG C 380 12.32 4.87 26.17
CA ARG C 380 12.11 6.22 25.70
C ARG C 380 13.11 6.52 24.58
N CYS C 381 14.37 6.15 24.81
CA CYS C 381 15.45 6.41 23.86
C CYS C 381 15.15 5.83 22.49
N VAL C 382 14.22 4.88 22.44
CA VAL C 382 13.94 4.17 21.20
C VAL C 382 12.71 4.85 20.64
N GLU C 383 11.86 5.35 21.54
CA GLU C 383 10.65 6.06 21.11
C GLU C 383 11.01 7.38 20.43
N VAL C 384 11.94 8.14 21.01
CA VAL C 384 12.33 9.44 20.46
C VAL C 384 12.93 9.34 19.05
N LEU C 385 13.39 8.14 18.70
CA LEU C 385 14.20 7.91 17.50
C LEU C 385 13.53 8.12 16.15
N SER C 386 14.24 8.76 15.22
CA SER C 386 13.81 8.82 13.82
C SER C 386 13.27 7.44 13.41
N ASP C 387 12.12 7.40 12.74
CA ASP C 387 11.49 6.13 12.34
C ASP C 387 12.43 5.13 11.64
N GLU C 388 13.30 5.66 10.81
CA GLU C 388 14.27 4.88 10.06
C GLU C 388 15.38 4.39 10.96
N ASP C 389 15.80 5.25 11.89
CA ASP C 389 16.83 4.86 12.83
C ASP C 389 16.23 3.85 13.78
N ARG C 390 14.92 3.99 14.03
CA ARG C 390 14.22 3.04 14.87
C ARG C 390 14.29 1.69 14.18
N SER C 391 14.33 1.73 12.85
CA SER C 391 14.40 0.50 12.06
C SER C 391 15.80 -0.13 12.09
N ALA C 392 16.79 0.65 11.67
CA ALA C 392 18.20 0.26 11.71
C ALA C 392 18.57 -0.34 13.05
N LEU C 393 18.14 0.35 14.11
CA LEU C 393 18.44 -0.09 15.46
C LEU C 393 17.71 -1.43 15.58
N ALA C 394 16.46 -1.50 15.11
CA ALA C 394 15.62 -2.68 15.37
C ALA C 394 16.28 -3.93 14.76
N PHE C 395 17.08 -3.74 13.72
CA PHE C 395 17.79 -4.84 13.03
C PHE C 395 19.17 -5.13 13.60
N ALA C 396 19.86 -4.11 14.09
CA ALA C 396 21.18 -4.34 14.69
C ALA C 396 21.24 -5.40 15.80
N VAL C 397 20.12 -6.06 16.09
CA VAL C 397 20.11 -7.20 17.01
C VAL C 397 21.06 -8.26 16.46
N VAL C 398 20.76 -8.70 15.25
CA VAL C 398 21.46 -9.81 14.60
C VAL C 398 22.95 -9.59 14.31
N MSE C 399 23.63 -8.77 15.12
CA MSE C 399 25.07 -8.64 14.93
C MSE C 399 25.80 -9.44 15.99
O MSE C 399 25.17 -10.02 16.85
CB MSE C 399 25.47 -7.16 15.00
CG MSE C 399 25.20 -6.44 13.71
SE MSE C 399 25.56 -7.64 12.25
CE MSE C 399 25.75 -6.30 10.88
N PRO C 400 27.14 -9.37 16.00
CA PRO C 400 27.80 -9.95 17.17
C PRO C 400 28.15 -8.84 18.16
N PRO C 401 27.79 -9.03 19.44
CA PRO C 401 28.07 -7.97 20.39
C PRO C 401 29.50 -8.06 20.91
N GLY C 402 30.02 -6.90 21.26
CA GLY C 402 31.35 -6.76 21.82
C GLY C 402 32.28 -7.28 20.75
N VAL C 403 32.01 -6.88 19.50
CA VAL C 403 32.85 -7.21 18.35
C VAL C 403 32.83 -6.03 17.39
N ASP C 404 34.01 -5.60 16.94
CA ASP C 404 34.12 -4.51 15.99
C ASP C 404 33.96 -5.02 14.56
N ILE C 405 32.97 -4.54 13.83
CA ILE C 405 32.66 -5.13 12.52
C ILE C 405 32.37 -4.02 11.50
N PRO C 406 32.82 -4.23 10.25
CA PRO C 406 32.78 -3.30 9.11
C PRO C 406 31.37 -2.84 8.73
N VAL C 407 31.33 -1.73 7.98
CA VAL C 407 30.07 -1.12 7.53
C VAL C 407 29.38 -2.00 6.51
N LYS C 408 30.15 -2.55 5.58
CA LYS C 408 29.56 -3.42 4.57
C LYS C 408 28.94 -4.62 5.27
N LEU C 409 29.68 -5.22 6.21
CA LEU C 409 29.08 -6.28 7.03
C LEU C 409 27.77 -5.84 7.69
N TRP C 410 27.53 -4.52 7.72
CA TRP C 410 26.31 -3.94 8.28
C TRP C 410 25.33 -3.58 7.20
N SER C 411 25.82 -3.13 6.04
CA SER C 411 24.94 -2.82 4.92
C SER C 411 24.00 -3.99 4.59
N CYS C 412 24.33 -5.16 5.11
CA CYS C 412 23.55 -6.36 4.83
C CYS C 412 22.25 -6.41 5.61
N VAL C 413 22.32 -6.11 6.92
CA VAL C 413 21.11 -6.15 7.73
C VAL C 413 20.33 -4.83 7.87
N ILE C 414 21.02 -3.69 7.79
CA ILE C 414 20.37 -2.41 8.02
C ILE C 414 19.61 -2.01 6.75
N PRO C 415 18.33 -1.63 6.91
CA PRO C 415 17.44 -1.13 5.85
C PRO C 415 17.91 0.11 5.12
N VAL C 416 17.20 0.43 4.05
CA VAL C 416 17.30 1.66 3.24
C VAL C 416 16.26 1.56 2.12
N LEU C 426 26.59 3.35 -3.39
CA LEU C 426 27.46 3.36 -2.21
C LEU C 426 26.63 3.42 -0.93
N ASP C 427 26.71 2.36 -0.13
CA ASP C 427 25.99 2.33 1.15
C ASP C 427 26.83 2.77 2.35
N ASP C 428 27.01 4.07 2.44
CA ASP C 428 27.58 4.76 3.59
C ASP C 428 26.43 5.23 4.46
N GLU C 429 25.25 5.38 3.85
CA GLU C 429 24.02 5.73 4.55
C GLU C 429 23.83 4.86 5.78
N VAL C 430 24.29 3.61 5.70
CA VAL C 430 24.28 2.73 6.85
C VAL C 430 25.11 3.38 7.94
N ALA C 431 26.33 3.79 7.58
CA ALA C 431 27.22 4.46 8.53
C ALA C 431 26.57 5.71 9.12
N ASP C 432 25.87 6.49 8.29
CA ASP C 432 25.23 7.72 8.77
C ASP C 432 24.18 7.42 9.83
N ARG C 433 23.44 6.33 9.61
CA ARG C 433 22.42 5.93 10.56
C ARG C 433 23.07 5.46 11.85
N LEU C 434 24.13 4.66 11.71
CA LEU C 434 24.83 4.12 12.85
C LEU C 434 25.56 5.20 13.68
N LYS C 435 25.94 6.28 13.00
CA LYS C 435 26.47 7.46 13.68
C LYS C 435 25.39 8.14 14.47
N ARG C 436 24.34 8.60 13.81
CA ARG C 436 23.18 9.15 14.53
C ARG C 436 22.76 8.31 15.73
N LEU C 437 22.94 7.00 15.57
CA LEU C 437 22.51 5.99 16.51
C LEU C 437 23.43 5.96 17.73
N SER C 438 24.72 6.16 17.52
CA SER C 438 25.60 6.32 18.66
C SER C 438 25.50 7.71 19.31
N LYS C 439 25.44 8.77 18.52
CA LYS C 439 25.13 10.11 19.05
C LYS C 439 23.87 10.30 19.93
N ARG C 440 22.84 9.48 19.71
CA ARG C 440 21.49 9.75 20.26
C ARG C 440 21.01 8.73 21.28
N GLY C 441 21.79 8.53 22.34
CA GLY C 441 21.38 7.61 23.40
C GLY C 441 22.56 6.70 23.63
N ALA C 442 23.61 6.96 22.83
CA ALA C 442 24.84 6.20 22.87
C ALA C 442 24.50 4.74 22.76
N LEU C 443 23.84 4.42 21.64
CA LEU C 443 23.32 3.08 21.41
C LEU C 443 24.33 2.21 20.66
N LEU C 444 25.11 2.81 19.75
CA LEU C 444 26.16 2.06 19.08
C LEU C 444 27.53 2.27 19.71
N SER C 445 28.50 2.72 18.90
CA SER C 445 29.93 2.68 19.23
C SER C 445 30.82 2.76 17.99
N GLY C 446 31.34 3.96 17.72
CA GLY C 446 32.22 4.19 16.57
C GLY C 446 33.70 4.03 16.83
N LYS C 447 34.41 3.53 15.82
CA LYS C 447 35.83 3.22 15.87
C LYS C 447 36.41 3.39 14.46
N ARG C 448 37.02 4.55 14.24
CA ARG C 448 37.35 5.04 12.90
C ARG C 448 38.25 4.14 12.04
N MSE C 449 39.50 3.95 12.47
CA MSE C 449 40.38 3.02 11.77
C MSE C 449 40.67 1.81 12.67
O MSE C 449 40.40 1.87 13.87
CB MSE C 449 41.68 3.72 11.35
CG MSE C 449 42.70 3.91 12.45
SE MSE C 449 44.51 3.68 11.74
CE MSE C 449 44.76 1.79 12.17
N PRO C 450 41.20 0.71 12.10
CA PRO C 450 41.74 0.43 10.76
C PRO C 450 40.75 0.67 9.63
N VAL C 451 39.50 0.27 9.82
CA VAL C 451 38.47 0.54 8.83
C VAL C 451 37.22 1.01 9.53
N LEU C 452 36.50 1.93 8.90
CA LEU C 452 35.27 2.49 9.45
C LEU C 452 34.40 1.30 9.82
N THR C 453 34.33 1.06 11.12
CA THR C 453 33.63 -0.08 11.70
C THR C 453 32.83 0.34 12.92
N PHE C 454 31.72 -0.33 13.15
CA PHE C 454 30.95 -0.05 14.35
C PHE C 454 30.94 -1.27 15.24
N LYS C 455 30.20 -1.15 16.34
CA LYS C 455 30.09 -2.22 17.30
C LYS C 455 28.90 -1.99 18.21
N ILE C 456 28.21 -3.07 18.52
CA ILE C 456 27.08 -3.04 19.44
C ILE C 456 27.51 -3.68 20.76
N ASP C 457 27.31 -2.95 21.85
CA ASP C 457 27.64 -3.47 23.17
C ASP C 457 26.64 -4.54 23.59
N HIS C 458 26.83 -5.12 24.77
CA HIS C 458 25.91 -6.16 25.21
C HIS C 458 24.59 -5.72 25.85
N ILE C 459 24.61 -4.68 26.69
CA ILE C 459 23.37 -4.25 27.36
C ILE C 459 22.44 -3.71 26.29
N ILE C 460 23.05 -2.95 25.39
CA ILE C 460 22.38 -2.34 24.27
C ILE C 460 21.96 -3.40 23.25
N HIS C 461 22.40 -4.63 23.47
CA HIS C 461 22.00 -5.75 22.63
C HIS C 461 20.87 -6.48 23.34
N MSE C 462 21.15 -6.99 24.55
CA MSE C 462 20.17 -7.72 25.34
C MSE C 462 18.93 -6.90 25.67
O MSE C 462 17.96 -7.40 26.23
CB MSE C 462 20.78 -8.23 26.65
CG MSE C 462 21.87 -9.28 26.50
SE MSE C 462 22.72 -9.70 28.20
CE MSE C 462 23.82 -8.11 28.37
N PHE C 463 18.97 -5.62 25.31
CA PHE C 463 17.79 -4.77 25.35
C PHE C 463 16.90 -5.26 24.22
N LEU C 464 17.45 -5.17 23.02
CA LEU C 464 16.80 -5.59 21.79
C LEU C 464 16.39 -7.05 21.72
N LYS C 465 17.21 -7.99 22.18
CA LYS C 465 16.76 -9.38 22.28
C LYS C 465 15.30 -9.53 22.72
N HIS C 466 15.02 -9.49 24.02
CA HIS C 466 13.63 -9.70 24.45
C HIS C 466 12.74 -8.47 24.19
N VAL C 467 12.94 -7.78 23.07
CA VAL C 467 12.18 -6.55 22.82
C VAL C 467 11.78 -6.37 21.36
N VAL C 468 12.66 -6.75 20.42
CA VAL C 468 12.29 -6.66 19.02
C VAL C 468 11.37 -7.82 18.65
N ASP C 469 10.61 -7.63 17.58
CA ASP C 469 9.67 -8.65 17.13
C ASP C 469 10.38 -9.98 16.92
N ALA C 470 9.92 -11.02 17.61
CA ALA C 470 10.52 -12.35 17.53
C ALA C 470 10.78 -12.83 16.09
N GLN C 471 9.94 -12.38 15.16
CA GLN C 471 10.12 -12.69 13.75
C GLN C 471 11.30 -11.96 13.15
N THR C 472 11.33 -10.65 13.37
CA THR C 472 12.32 -9.75 12.80
C THR C 472 13.75 -10.16 13.14
N ILE C 473 13.89 -10.86 14.26
CA ILE C 473 15.14 -11.51 14.62
C ILE C 473 15.51 -12.55 13.55
N ALA C 474 14.65 -13.56 13.38
CA ALA C 474 14.93 -14.64 12.44
C ALA C 474 15.07 -14.10 11.02
N ASN C 475 14.32 -13.05 10.70
CA ASN C 475 14.42 -12.43 9.39
C ASN C 475 15.76 -11.75 9.21
N GLY C 476 16.31 -11.18 10.28
CA GLY C 476 17.59 -10.51 10.15
C GLY C 476 18.69 -11.55 10.05
N ILE C 477 18.48 -12.67 10.74
CA ILE C 477 19.45 -13.76 10.71
C ILE C 477 19.51 -14.34 9.31
N SER C 478 18.34 -14.59 8.73
CA SER C 478 18.32 -15.05 7.36
C SER C 478 18.81 -14.04 6.34
N ILE C 479 18.31 -12.81 6.34
CA ILE C 479 18.81 -11.77 5.43
C ILE C 479 20.32 -11.54 5.52
N LEU C 480 20.90 -11.94 6.64
CA LEU C 480 22.32 -11.79 6.73
C LEU C 480 22.94 -13.02 6.11
N GLU C 481 22.54 -14.21 6.56
CA GLU C 481 23.16 -15.39 5.98
C GLU C 481 23.01 -15.41 4.44
N GLN C 482 22.01 -14.67 3.96
CA GLN C 482 21.79 -14.50 2.54
C GLN C 482 22.84 -13.61 1.93
N ARG C 483 22.88 -12.33 2.33
CA ARG C 483 23.89 -11.52 1.66
C ARG C 483 25.32 -12.01 1.96
N LEU C 484 25.48 -12.84 2.99
CA LEU C 484 26.83 -13.27 3.37
C LEU C 484 27.17 -14.22 2.23
N LEU C 485 26.20 -15.09 1.95
CA LEU C 485 26.29 -16.01 0.81
C LEU C 485 26.47 -15.29 -0.53
N GLU C 486 25.91 -14.10 -0.67
CA GLU C 486 26.04 -13.36 -1.93
C GLU C 486 27.42 -12.75 -2.07
N ILE C 487 28.03 -12.37 -0.95
CA ILE C 487 29.44 -11.97 -0.96
C ILE C 487 30.26 -13.24 -1.13
N GLY C 488 29.67 -14.37 -0.79
CA GLY C 488 30.26 -15.68 -1.05
C GLY C 488 30.60 -15.83 -2.51
N ASN C 489 29.82 -15.13 -3.34
CA ASN C 489 29.55 -15.53 -4.71
C ASN C 489 30.50 -14.74 -5.59
N ASN C 490 30.85 -13.56 -5.10
CA ASN C 490 31.80 -12.66 -5.77
C ASN C 490 33.05 -13.39 -6.23
N ASN C 491 33.43 -14.43 -5.51
CA ASN C 491 34.55 -15.28 -5.91
C ASN C 491 34.10 -16.43 -6.79
N GLU C 521 39.81 -10.60 19.38
CA GLU C 521 41.14 -10.10 19.65
C GLU C 521 41.34 -8.69 19.11
N THR C 522 42.45 -8.04 19.48
CA THR C 522 42.77 -6.70 19.00
C THR C 522 43.02 -6.66 17.49
N VAL C 523 42.39 -7.57 16.75
CA VAL C 523 42.47 -7.58 15.30
C VAL C 523 41.09 -7.67 14.65
N ILE C 524 40.84 -6.76 13.70
CA ILE C 524 39.60 -6.74 12.94
C ILE C 524 39.50 -7.92 11.96
N ARG C 525 38.27 -8.33 11.67
CA ARG C 525 37.97 -9.45 10.80
C ARG C 525 38.23 -9.06 9.34
N PRO C 526 39.11 -9.80 8.66
CA PRO C 526 39.44 -9.37 7.30
C PRO C 526 38.32 -9.61 6.28
N GLU C 527 38.44 -8.85 5.20
CA GLU C 527 37.50 -8.83 4.10
C GLU C 527 37.64 -10.02 3.16
N ASP C 528 38.67 -10.84 3.41
CA ASP C 528 38.83 -12.08 2.67
C ASP C 528 37.93 -13.13 3.31
N PHE C 529 37.54 -12.83 4.55
CA PHE C 529 36.78 -13.72 5.43
C PHE C 529 35.41 -13.26 5.99
N PRO C 530 34.67 -12.40 5.26
CA PRO C 530 33.35 -12.04 5.78
C PRO C 530 32.38 -13.18 5.45
N LYS C 531 32.69 -13.86 4.36
CA LYS C 531 31.92 -14.96 3.82
C LYS C 531 31.50 -16.03 4.85
N PHE C 532 32.25 -16.18 5.94
CA PHE C 532 31.80 -17.09 6.98
C PHE C 532 31.54 -16.36 8.30
N MSE C 533 30.31 -15.88 8.51
CA MSE C 533 29.96 -15.43 9.84
C MSE C 533 29.90 -16.57 10.85
O MSE C 533 29.51 -16.37 12.01
CB MSE C 533 28.61 -14.69 9.82
CG MSE C 533 28.75 -13.19 9.77
SE MSE C 533 30.36 -12.62 10.72
CE MSE C 533 29.62 -11.07 11.64
N GLN C 534 30.31 -17.76 10.42
CA GLN C 534 30.21 -18.94 11.25
C GLN C 534 31.17 -18.80 12.41
N LEU C 535 32.09 -17.84 12.30
CA LEU C 535 33.00 -17.55 13.39
C LEU C 535 32.18 -17.24 14.65
N HIS C 536 31.13 -16.44 14.48
CA HIS C 536 30.29 -16.04 15.61
C HIS C 536 29.08 -16.98 15.71
N GLN C 537 29.25 -18.19 15.15
CA GLN C 537 28.21 -19.22 15.20
C GLN C 537 27.62 -19.50 16.55
N LYS C 538 28.47 -19.53 17.57
CA LYS C 538 28.00 -19.78 18.91
C LYS C 538 26.84 -18.85 19.20
N PHE C 539 27.07 -17.55 19.15
CA PHE C 539 25.97 -16.69 19.52
C PHE C 539 24.94 -16.67 18.41
N TYR C 540 25.34 -16.92 17.18
CA TYR C 540 24.33 -16.91 16.15
C TYR C 540 23.40 -18.08 16.41
N ASP C 541 23.95 -19.15 16.97
CA ASP C 541 23.10 -20.31 17.21
C ASP C 541 22.12 -20.06 18.35
N SER C 542 22.50 -19.16 19.25
CA SER C 542 21.66 -18.90 20.41
C SER C 542 20.53 -18.02 19.99
N LEU C 543 20.91 -16.92 19.33
CA LEU C 543 19.94 -16.06 18.72
C LEU C 543 18.96 -16.91 17.91
N LYS C 544 19.45 -17.96 17.26
CA LYS C 544 18.58 -18.67 16.35
C LYS C 544 17.51 -19.35 17.17
N ASN C 545 17.94 -20.04 18.23
CA ASN C 545 17.03 -20.77 19.09
C ASN C 545 15.97 -19.85 19.68
N PHE C 546 16.27 -18.55 19.70
CA PHE C 546 15.31 -17.60 20.24
C PHE C 546 14.19 -17.36 19.25
N ALA C 547 14.57 -17.02 18.02
CA ALA C 547 13.61 -16.46 17.07
C ALA C 547 12.64 -17.50 16.53
N CYS C 548 13.00 -18.77 16.66
CA CYS C 548 12.22 -19.84 16.08
C CYS C 548 11.68 -20.78 17.15
N CYS C 549 12.44 -20.93 18.23
CA CYS C 549 12.10 -21.85 19.31
C CYS C 549 11.93 -23.28 18.78
N MSE D 2 6.82 -4.11 14.96
CA MSE D 2 7.98 -4.46 15.76
C MSE D 2 8.17 -3.47 16.91
O MSE D 2 7.50 -2.44 16.95
CB MSE D 2 9.24 -4.51 14.89
CG MSE D 2 9.53 -3.24 14.13
SE MSE D 2 11.16 -3.42 13.07
CE MSE D 2 11.24 -1.62 12.36
N PHE D 3 9.09 -3.80 17.83
CA PHE D 3 9.25 -3.08 19.09
C PHE D 3 7.99 -3.17 19.94
N ASN D 4 7.89 -4.22 20.76
CA ASN D 4 6.67 -4.48 21.53
C ASN D 4 6.31 -3.31 22.46
N PHE D 5 5.47 -2.41 21.94
CA PHE D 5 5.25 -1.11 22.55
C PHE D 5 6.59 -0.44 22.88
N LEU D 6 7.48 -0.44 21.89
CA LEU D 6 8.74 0.31 21.92
C LEU D 6 9.51 0.20 23.23
N MSE E 1 -46.71 -57.64 -5.83
CA MSE E 1 -45.84 -56.61 -6.39
C MSE E 1 -44.78 -57.38 -7.18
O MSE E 1 -44.56 -58.56 -6.91
CB MSE E 1 -45.26 -55.76 -5.26
CG MSE E 1 -44.77 -54.39 -5.69
SE MSE E 1 -42.89 -54.09 -5.33
CE MSE E 1 -42.29 -54.32 -7.17
N LEU E 2 -44.12 -56.76 -8.17
CA LEU E 2 -43.09 -57.50 -8.91
C LEU E 2 -41.69 -57.64 -8.30
N CYS E 3 -40.69 -57.09 -9.00
CA CYS E 3 -39.29 -57.00 -8.54
C CYS E 3 -38.39 -56.46 -9.66
N GLU E 4 -37.08 -56.46 -9.43
CA GLU E 4 -36.12 -55.95 -10.42
C GLU E 4 -35.97 -56.70 -11.76
N ILE E 5 -36.04 -58.04 -11.73
CA ILE E 5 -35.94 -58.87 -12.95
C ILE E 5 -37.12 -58.77 -13.92
N GLU E 6 -38.32 -58.94 -13.39
CA GLU E 6 -39.56 -58.97 -14.17
C GLU E 6 -39.84 -57.58 -14.75
N CYS E 7 -39.32 -56.59 -14.05
CA CYS E 7 -39.45 -55.22 -14.46
C CYS E 7 -38.32 -54.90 -15.41
N ARG E 8 -37.20 -55.60 -15.29
CA ARG E 8 -36.12 -55.41 -16.26
C ARG E 8 -36.57 -55.97 -17.61
N ALA E 9 -37.45 -56.97 -17.55
CA ALA E 9 -38.02 -57.56 -18.75
C ALA E 9 -39.03 -56.59 -19.35
N LEU E 10 -39.86 -56.05 -18.46
CA LEU E 10 -40.85 -55.06 -18.84
C LEU E 10 -40.21 -53.78 -19.39
N SER E 11 -38.94 -53.55 -19.03
CA SER E 11 -38.20 -52.38 -19.48
C SER E 11 -37.48 -52.62 -20.79
N THR E 12 -36.85 -53.79 -20.92
CA THR E 12 -36.16 -54.14 -22.15
C THR E 12 -37.18 -54.19 -23.29
N ALA E 13 -38.33 -54.84 -23.07
CA ALA E 13 -39.38 -54.88 -24.08
C ALA E 13 -40.31 -53.65 -24.12
N HIS E 14 -39.74 -52.45 -24.03
CA HIS E 14 -40.59 -51.26 -24.02
C HIS E 14 -40.69 -50.63 -25.41
N THR E 15 -39.61 -50.64 -26.19
CA THR E 15 -39.70 -50.20 -27.58
C THR E 15 -40.82 -50.97 -28.27
N ARG E 16 -41.01 -52.20 -27.77
CA ARG E 16 -42.00 -53.10 -28.31
C ARG E 16 -43.34 -52.80 -27.67
N LEU E 17 -43.37 -52.65 -26.34
CA LEU E 17 -44.67 -52.35 -25.74
C LEU E 17 -45.19 -50.99 -26.24
N ILE E 18 -44.35 -50.24 -26.95
CA ILE E 18 -44.75 -48.97 -27.55
C ILE E 18 -45.15 -49.15 -29.02
N HIS E 19 -44.45 -50.06 -29.71
CA HIS E 19 -44.72 -50.28 -31.12
C HIS E 19 -46.01 -51.03 -31.39
N ASP E 20 -46.36 -51.95 -30.51
CA ASP E 20 -47.59 -52.70 -30.69
C ASP E 20 -48.16 -53.21 -29.37
N PHE E 21 -49.23 -52.53 -28.94
CA PHE E 21 -49.91 -52.77 -27.66
C PHE E 21 -50.98 -51.70 -27.47
N GLU E 22 -51.90 -51.97 -26.55
CA GLU E 22 -52.94 -51.05 -26.16
C GLU E 22 -53.52 -51.58 -24.86
N PRO E 23 -53.49 -50.75 -23.80
CA PRO E 23 -53.96 -51.19 -22.49
C PRO E 23 -55.44 -51.48 -22.44
N ARG E 24 -56.26 -50.93 -23.33
CA ARG E 24 -57.69 -51.25 -23.32
C ARG E 24 -57.91 -52.72 -23.64
N ASP E 25 -57.05 -53.26 -24.49
CA ASP E 25 -57.18 -54.66 -24.86
C ASP E 25 -56.93 -55.55 -23.66
N ALA E 26 -56.12 -55.08 -22.72
CA ALA E 26 -55.76 -55.94 -21.59
C ALA E 26 -56.57 -55.62 -20.36
N LEU E 27 -57.23 -54.46 -20.37
CA LEU E 27 -57.96 -54.03 -19.18
C LEU E 27 -59.07 -55.02 -18.87
N THR E 28 -59.79 -55.42 -19.92
CA THR E 28 -60.89 -56.35 -19.80
C THR E 28 -60.41 -57.74 -19.37
N TYR E 29 -59.32 -58.21 -19.98
CA TYR E 29 -58.73 -59.50 -19.65
C TYR E 29 -58.06 -59.57 -18.27
N LEU E 30 -57.73 -58.42 -17.71
CA LEU E 30 -57.04 -58.33 -16.42
C LEU E 30 -57.84 -57.97 -15.16
N GLU E 31 -58.92 -57.21 -15.30
CA GLU E 31 -59.85 -57.00 -14.18
C GLU E 31 -60.35 -58.36 -13.67
N GLY E 32 -60.27 -59.36 -14.53
CA GLY E 32 -60.77 -60.69 -14.22
C GLY E 32 -59.74 -61.36 -13.33
N LYS E 33 -58.50 -61.57 -13.78
CA LYS E 33 -57.56 -62.24 -12.88
C LYS E 33 -57.14 -61.48 -11.61
N ASN E 34 -57.85 -60.40 -11.24
CA ASN E 34 -57.59 -59.73 -9.96
C ASN E 34 -56.21 -59.11 -9.75
N ILE E 35 -55.95 -58.00 -10.42
CA ILE E 35 -54.64 -57.38 -10.42
C ILE E 35 -54.90 -55.87 -10.58
N PHE E 36 -56.19 -55.52 -10.64
CA PHE E 36 -56.58 -54.12 -10.77
C PHE E 36 -57.70 -53.69 -9.83
N THR E 37 -58.12 -52.42 -9.96
CA THR E 37 -59.22 -51.83 -9.19
C THR E 37 -59.92 -50.82 -10.11
N GLU E 38 -61.20 -50.53 -9.87
CA GLU E 38 -61.92 -49.72 -10.86
C GLU E 38 -61.46 -48.25 -10.96
N ASP E 39 -60.64 -47.77 -10.05
CA ASP E 39 -59.98 -46.50 -10.35
C ASP E 39 -58.73 -46.78 -11.13
N HIS E 40 -58.05 -47.88 -10.85
CA HIS E 40 -56.87 -48.22 -11.62
C HIS E 40 -57.30 -48.26 -13.09
N SER E 41 -58.34 -49.05 -13.34
CA SER E 41 -58.90 -49.24 -14.68
C SER E 41 -59.55 -47.98 -15.24
N GLU E 42 -60.11 -47.14 -14.36
CA GLU E 42 -60.64 -45.84 -14.78
C GLU E 42 -59.51 -44.96 -15.31
N LEU E 43 -58.44 -44.90 -14.53
CA LEU E 43 -57.28 -44.07 -14.80
C LEU E 43 -56.63 -44.49 -16.11
N ILE E 44 -56.58 -45.79 -16.36
CA ILE E 44 -55.98 -46.27 -17.60
C ILE E 44 -56.92 -46.36 -18.82
N SER E 45 -58.24 -46.46 -18.62
CA SER E 45 -59.13 -46.56 -19.77
C SER E 45 -59.44 -45.25 -20.52
N LYS E 46 -59.57 -44.14 -19.80
CA LYS E 46 -59.72 -42.82 -20.42
C LYS E 46 -58.46 -41.97 -20.49
N MSE E 47 -57.60 -42.22 -21.47
CA MSE E 47 -56.38 -41.42 -21.64
C MSE E 47 -56.13 -41.09 -23.11
O MSE E 47 -56.07 -41.97 -23.96
CB MSE E 47 -55.16 -42.10 -21.04
CG MSE E 47 -55.30 -42.49 -19.59
SE MSE E 47 -53.93 -41.66 -18.47
CE MSE E 47 -54.27 -39.79 -18.90
N SER E 48 -56.00 -39.79 -23.38
CA SER E 48 -55.88 -39.27 -24.74
C SER E 48 -54.78 -39.95 -25.55
N THR E 49 -53.54 -39.95 -25.08
CA THR E 49 -52.51 -40.63 -25.84
C THR E 49 -52.39 -42.07 -25.32
N ARG E 50 -51.79 -42.94 -26.11
CA ARG E 50 -51.59 -44.34 -25.74
C ARG E 50 -50.43 -44.51 -24.81
N LEU E 51 -49.40 -43.70 -25.01
CA LEU E 51 -48.21 -43.69 -24.16
C LEU E 51 -48.54 -43.38 -22.70
N GLU E 52 -49.66 -42.71 -22.48
CA GLU E 52 -50.20 -42.46 -21.15
C GLU E 52 -50.78 -43.73 -20.53
N ARG E 53 -51.69 -44.37 -21.25
CA ARG E 53 -52.30 -45.60 -20.78
C ARG E 53 -51.27 -46.70 -20.59
N ILE E 54 -50.22 -46.65 -21.39
CA ILE E 54 -49.14 -47.60 -21.32
C ILE E 54 -48.22 -47.35 -20.12
N ALA E 55 -47.83 -46.10 -19.91
CA ALA E 55 -46.95 -45.81 -18.76
C ALA E 55 -47.66 -46.02 -17.41
N ASN E 56 -48.96 -45.70 -17.38
CA ASN E 56 -49.78 -46.02 -16.21
C ASN E 56 -50.06 -47.52 -16.08
N PHE E 57 -50.13 -48.22 -17.20
CA PHE E 57 -50.37 -49.66 -17.15
C PHE E 57 -49.16 -50.40 -16.65
N LEU E 58 -47.97 -49.98 -17.07
CA LEU E 58 -46.75 -50.62 -16.59
C LEU E 58 -46.39 -50.20 -15.16
N ARG E 59 -46.74 -48.99 -14.76
CA ARG E 59 -46.55 -48.61 -13.36
C ARG E 59 -47.52 -49.34 -12.41
N ILE E 60 -48.82 -49.15 -12.65
CA ILE E 60 -49.84 -49.79 -11.83
C ILE E 60 -49.58 -51.29 -11.83
N TYR E 61 -49.16 -51.84 -12.97
CA TYR E 61 -48.95 -53.28 -13.02
C TYR E 61 -47.76 -53.61 -12.13
N ARG E 62 -46.68 -52.81 -12.20
CA ARG E 62 -45.51 -53.19 -11.42
C ARG E 62 -45.81 -53.16 -9.93
N ARG E 63 -46.89 -52.48 -9.53
CA ARG E 63 -47.22 -52.42 -8.10
C ARG E 63 -48.25 -53.47 -7.67
N GLN E 64 -49.18 -53.73 -8.58
CA GLN E 64 -50.41 -54.48 -8.30
C GLN E 64 -50.36 -55.99 -8.40
N ALA E 65 -49.64 -56.53 -9.37
CA ALA E 65 -49.69 -57.96 -9.60
C ALA E 65 -48.75 -58.74 -8.70
N SER E 66 -49.25 -59.89 -8.25
CA SER E 66 -48.49 -60.84 -7.46
C SER E 66 -47.41 -61.54 -8.25
N GLU E 67 -47.46 -61.42 -9.58
CA GLU E 67 -46.50 -62.10 -10.42
C GLU E 67 -46.52 -61.58 -11.86
N LEU E 68 -45.64 -62.11 -12.71
CA LEU E 68 -45.58 -61.69 -14.11
C LEU E 68 -46.27 -62.74 -14.99
N GLY E 69 -47.41 -63.26 -14.55
CA GLY E 69 -48.17 -64.22 -15.32
C GLY E 69 -49.17 -63.68 -16.33
N PRO E 70 -50.23 -63.02 -15.83
CA PRO E 70 -51.36 -62.44 -16.57
C PRO E 70 -50.97 -61.33 -17.54
N LEU E 71 -49.76 -61.40 -18.08
CA LEU E 71 -49.35 -60.45 -19.10
C LEU E 71 -48.65 -61.25 -20.19
N ILE E 72 -48.20 -62.44 -19.81
CA ILE E 72 -47.82 -63.44 -20.81
C ILE E 72 -49.10 -64.09 -21.29
N ASP E 73 -49.95 -64.45 -20.34
CA ASP E 73 -51.28 -64.95 -20.65
C ASP E 73 -52.21 -63.88 -21.25
N PHE E 74 -51.64 -62.87 -21.89
CA PHE E 74 -52.45 -61.88 -22.61
C PHE E 74 -51.98 -61.45 -23.96
N PHE E 75 -50.70 -61.14 -24.07
CA PHE E 75 -50.16 -60.79 -25.37
C PHE E 75 -50.34 -61.98 -26.30
N ASN E 76 -50.39 -63.16 -25.70
CA ASN E 76 -50.79 -64.36 -26.42
C ASN E 76 -52.16 -64.30 -27.10
N TYR E 77 -53.23 -64.24 -26.31
CA TYR E 77 -54.59 -64.23 -26.89
C TYR E 77 -54.87 -63.07 -27.85
N ASN E 78 -54.25 -61.92 -27.63
CA ASN E 78 -54.57 -60.73 -28.45
C ASN E 78 -53.80 -60.65 -29.76
N ASN E 79 -53.22 -61.78 -30.19
CA ASN E 79 -52.42 -61.84 -31.42
C ASN E 79 -51.19 -60.95 -31.35
N GLN E 80 -50.91 -60.40 -30.17
CA GLN E 80 -49.69 -59.66 -29.94
C GLN E 80 -48.78 -60.60 -29.19
N SER E 81 -48.81 -61.85 -29.63
CA SER E 81 -48.06 -62.95 -29.01
C SER E 81 -46.56 -62.81 -29.17
N HIS E 82 -46.18 -62.01 -30.15
CA HIS E 82 -44.80 -61.67 -30.40
C HIS E 82 -44.18 -60.93 -29.21
N LEU E 83 -45.03 -60.46 -28.30
CA LEU E 83 -44.60 -59.85 -27.05
C LEU E 83 -44.42 -60.89 -25.92
N ALA E 84 -45.52 -61.57 -25.56
CA ALA E 84 -45.50 -62.56 -24.49
C ALA E 84 -44.50 -63.67 -24.71
N ASP E 85 -44.10 -63.87 -25.97
CA ASP E 85 -43.08 -64.86 -26.24
C ASP E 85 -41.76 -64.29 -25.78
N PHE E 86 -41.51 -63.01 -26.11
CA PHE E 86 -40.29 -62.35 -25.66
C PHE E 86 -40.18 -62.29 -24.14
N LEU E 87 -41.27 -61.93 -23.46
CA LEU E 87 -41.19 -61.85 -22.00
C LEU E 87 -41.08 -63.20 -21.29
N GLU E 88 -41.78 -64.23 -21.76
CA GLU E 88 -41.58 -65.55 -21.13
C GLU E 88 -40.20 -66.07 -21.46
N ASP E 89 -39.67 -65.68 -22.62
CA ASP E 89 -38.32 -66.05 -22.98
C ASP E 89 -37.38 -65.40 -21.98
N TYR E 90 -37.66 -64.14 -21.60
CA TYR E 90 -36.78 -63.48 -20.65
C TYR E 90 -36.88 -64.12 -19.27
N ILE E 91 -38.10 -64.47 -18.85
CA ILE E 91 -38.23 -65.12 -17.56
C ILE E 91 -37.62 -66.53 -17.55
N ASP E 92 -37.50 -67.16 -18.72
CA ASP E 92 -36.93 -68.50 -18.66
C ASP E 92 -35.42 -68.42 -18.67
N PHE E 93 -34.85 -67.52 -19.46
CA PHE E 93 -33.41 -67.33 -19.40
C PHE E 93 -33.03 -66.49 -18.18
N ALA E 94 -33.81 -66.55 -17.11
CA ALA E 94 -33.49 -65.84 -15.88
C ALA E 94 -33.65 -66.75 -14.68
N ILE E 95 -34.84 -67.33 -14.55
CA ILE E 95 -35.11 -68.25 -13.46
C ILE E 95 -34.36 -69.54 -13.70
N ASN E 96 -34.63 -70.15 -14.85
CA ASN E 96 -34.03 -71.42 -15.21
C ASN E 96 -32.59 -71.27 -15.62
N GLU E 97 -32.32 -70.70 -16.80
CA GLU E 97 -30.93 -70.52 -17.20
C GLU E 97 -30.40 -69.10 -16.97
N PRO E 98 -29.71 -68.87 -15.84
CA PRO E 98 -29.05 -67.60 -15.55
C PRO E 98 -27.80 -67.50 -16.40
N ASP E 99 -27.14 -66.34 -16.38
CA ASP E 99 -25.92 -66.09 -17.13
C ASP E 99 -26.27 -65.90 -18.60
N LEU E 100 -26.99 -66.86 -19.15
CA LEU E 100 -27.28 -66.92 -20.58
C LEU E 100 -28.09 -65.69 -20.99
N LEU E 101 -28.59 -64.99 -19.99
CA LEU E 101 -29.47 -63.83 -20.18
C LEU E 101 -28.80 -62.65 -20.85
N ARG E 102 -27.59 -62.30 -20.43
CA ARG E 102 -26.94 -61.16 -21.05
C ARG E 102 -26.55 -61.47 -22.52
N PRO E 103 -25.92 -62.62 -22.79
CA PRO E 103 -25.61 -62.90 -24.20
C PRO E 103 -26.85 -63.10 -25.10
N VAL E 104 -27.83 -63.87 -24.62
CA VAL E 104 -28.95 -64.28 -25.47
C VAL E 104 -30.16 -63.33 -25.58
N VAL E 105 -30.90 -63.11 -24.51
CA VAL E 105 -32.20 -62.39 -24.63
C VAL E 105 -32.11 -60.85 -24.43
N ILE E 106 -30.93 -60.35 -24.08
CA ILE E 106 -30.77 -58.91 -23.77
C ILE E 106 -29.95 -58.14 -24.82
N ALA E 107 -28.87 -58.75 -25.27
CA ALA E 107 -27.92 -58.16 -26.24
C ALA E 107 -28.41 -57.92 -27.68
N PRO E 108 -29.23 -58.82 -28.27
CA PRO E 108 -29.65 -58.68 -29.67
C PRO E 108 -30.46 -57.42 -30.00
N GLN E 109 -30.48 -56.47 -29.08
CA GLN E 109 -31.19 -55.22 -29.31
C GLN E 109 -30.30 -54.04 -28.99
N PHE E 110 -29.03 -54.31 -28.65
CA PHE E 110 -28.08 -53.24 -28.47
C PHE E 110 -28.08 -52.36 -29.73
N SER E 111 -27.72 -51.09 -29.57
CA SER E 111 -27.72 -50.15 -30.67
C SER E 111 -26.91 -48.91 -30.32
N ARG E 112 -25.79 -48.68 -31.01
CA ARG E 112 -24.88 -47.60 -30.63
C ARG E 112 -25.54 -46.21 -30.77
N GLN E 113 -26.87 -46.16 -30.84
CA GLN E 113 -27.54 -44.86 -30.96
C GLN E 113 -28.55 -44.74 -29.83
N MSE E 114 -28.91 -45.89 -29.28
CA MSE E 114 -29.77 -46.00 -28.12
C MSE E 114 -28.92 -45.70 -26.90
O MSE E 114 -29.37 -45.10 -25.91
CB MSE E 114 -30.42 -47.38 -28.03
CG MSE E 114 -31.58 -47.52 -29.02
SE MSE E 114 -32.20 -49.34 -29.27
CE MSE E 114 -33.47 -49.02 -30.71
N LEU E 115 -27.67 -46.15 -27.01
CA LEU E 115 -26.65 -45.89 -26.01
C LEU E 115 -26.56 -44.39 -25.76
N ASP E 116 -26.27 -43.61 -26.80
CA ASP E 116 -26.09 -42.16 -26.64
C ASP E 116 -27.26 -41.48 -25.93
N ARG E 117 -28.48 -41.87 -26.31
CA ARG E 117 -29.70 -41.57 -25.56
C ARG E 117 -29.73 -41.92 -24.07
N LYS E 118 -29.38 -43.15 -23.73
CA LYS E 118 -29.44 -43.54 -22.32
C LYS E 118 -28.38 -42.80 -21.52
N LEU E 119 -27.19 -42.64 -22.10
CA LEU E 119 -26.14 -41.88 -21.43
C LEU E 119 -26.61 -40.44 -21.20
N LEU E 120 -27.05 -39.79 -22.27
CA LEU E 120 -27.49 -38.39 -22.20
C LEU E 120 -28.61 -38.17 -21.19
N LEU E 121 -29.59 -39.09 -21.16
CA LEU E 121 -30.75 -38.87 -20.31
C LEU E 121 -30.34 -39.14 -18.88
N GLY E 122 -29.28 -39.92 -18.71
CA GLY E 122 -28.72 -40.21 -17.41
C GLY E 122 -27.65 -39.20 -17.05
N ASN E 123 -27.58 -38.13 -17.83
CA ASN E 123 -26.64 -37.03 -17.61
C ASN E 123 -25.19 -37.47 -17.56
N VAL E 124 -24.84 -38.53 -18.30
CA VAL E 124 -23.45 -38.92 -18.43
C VAL E 124 -22.74 -37.95 -19.38
N PRO E 125 -21.57 -37.43 -18.96
CA PRO E 125 -20.77 -36.47 -19.73
C PRO E 125 -20.09 -37.06 -20.95
N LYS E 126 -19.79 -36.20 -21.92
CA LYS E 126 -19.32 -36.60 -23.23
C LYS E 126 -17.89 -37.11 -23.28
N GLN E 127 -17.68 -38.36 -22.88
CA GLN E 127 -16.37 -39.05 -22.91
C GLN E 127 -15.25 -38.41 -23.75
N MSE E 128 -14.03 -38.48 -23.26
CA MSE E 128 -12.87 -37.94 -23.98
C MSE E 128 -12.36 -38.95 -25.01
O MSE E 128 -12.53 -40.16 -24.83
CB MSE E 128 -11.78 -37.49 -23.02
CG MSE E 128 -12.28 -36.35 -22.17
SE MSE E 128 -10.97 -34.99 -21.72
CE MSE E 128 -10.39 -34.61 -23.53
N THR E 129 -11.75 -38.45 -26.06
CA THR E 129 -11.49 -39.22 -27.26
C THR E 129 -10.02 -39.21 -27.69
N CYS E 130 -9.35 -38.06 -27.58
CA CYS E 130 -7.97 -37.98 -28.07
C CYS E 130 -6.98 -38.78 -27.23
N TYR E 131 -7.38 -39.19 -26.03
CA TYR E 131 -6.60 -40.17 -25.28
C TYR E 131 -7.48 -40.91 -24.30
N ILE E 132 -7.28 -42.22 -24.23
CA ILE E 132 -7.97 -43.07 -23.29
C ILE E 132 -6.91 -43.83 -22.52
N ARG E 133 -6.99 -43.79 -21.20
CA ARG E 133 -6.10 -44.58 -20.38
C ARG E 133 -6.55 -46.04 -20.41
N GLU E 134 -5.85 -46.86 -21.20
CA GLU E 134 -6.23 -48.26 -21.41
C GLU E 134 -6.46 -48.89 -20.04
N TYR E 135 -5.41 -49.13 -19.26
CA TYR E 135 -5.59 -49.84 -17.99
C TYR E 135 -6.84 -49.45 -17.24
N HIS E 136 -6.99 -48.15 -17.02
CA HIS E 136 -8.01 -47.75 -16.09
C HIS E 136 -9.39 -47.92 -16.70
N VAL E 137 -9.68 -47.32 -17.86
CA VAL E 137 -11.01 -47.52 -18.44
C VAL E 137 -11.37 -49.00 -18.61
N ASP E 138 -10.38 -49.81 -18.99
CA ASP E 138 -10.62 -51.24 -19.15
C ASP E 138 -10.96 -51.92 -17.82
N ARG E 139 -10.12 -51.71 -16.81
CA ARG E 139 -10.28 -52.42 -15.54
C ARG E 139 -11.53 -51.93 -14.81
N VAL E 140 -11.85 -50.64 -14.95
CA VAL E 140 -13.12 -50.12 -14.48
C VAL E 140 -14.23 -50.92 -15.13
N ILE E 141 -14.20 -51.02 -16.46
CA ILE E 141 -15.29 -51.74 -17.15
C ILE E 141 -15.34 -53.19 -16.66
N LYS E 142 -14.20 -53.83 -16.47
CA LYS E 142 -14.18 -55.20 -15.97
C LYS E 142 -14.95 -55.24 -14.64
N LYS E 143 -14.51 -54.46 -13.65
CA LYS E 143 -15.16 -54.50 -12.34
C LYS E 143 -16.61 -54.01 -12.35
N LEU E 144 -17.03 -53.31 -13.40
CA LEU E 144 -18.43 -52.92 -13.53
C LEU E 144 -19.23 -54.08 -14.08
N ASP E 145 -18.65 -54.78 -15.04
CA ASP E 145 -19.22 -56.00 -15.62
C ASP E 145 -19.47 -57.09 -14.57
N GLU E 146 -18.53 -57.23 -13.63
CA GLU E 146 -18.56 -58.27 -12.61
C GLU E 146 -19.69 -58.18 -11.57
N MSE E 147 -20.34 -57.02 -11.47
CA MSE E 147 -21.23 -56.76 -10.34
C MSE E 147 -22.72 -56.56 -10.61
O MSE E 147 -23.49 -56.47 -9.65
CB MSE E 147 -20.69 -55.54 -9.57
CG MSE E 147 -19.19 -55.63 -9.33
SE MSE E 147 -18.38 -54.16 -8.36
CE MSE E 147 -16.55 -54.83 -8.37
N CYS E 148 -23.12 -56.47 -11.86
CA CYS E 148 -24.56 -56.31 -12.17
C CYS E 148 -25.43 -57.39 -11.52
N ASP E 149 -24.83 -58.52 -11.18
CA ASP E 149 -25.52 -59.59 -10.45
C ASP E 149 -25.84 -59.10 -9.04
N LEU E 150 -24.84 -58.51 -8.39
CA LEU E 150 -24.98 -57.97 -7.04
C LEU E 150 -26.21 -57.07 -6.92
N ASP E 151 -26.77 -57.04 -5.72
CA ASP E 151 -28.00 -56.30 -5.46
C ASP E 151 -27.73 -54.82 -5.16
N SER E 152 -26.54 -54.54 -4.63
CA SER E 152 -26.13 -53.18 -4.29
C SER E 152 -24.65 -53.16 -3.95
N PHE E 153 -23.92 -52.13 -4.41
CA PHE E 153 -22.47 -52.13 -4.28
C PHE E 153 -21.82 -50.77 -4.53
N PHE E 154 -20.65 -50.55 -3.92
CA PHE E 154 -19.88 -49.33 -4.14
C PHE E 154 -18.58 -49.57 -4.91
N LEU E 155 -18.39 -48.82 -6.00
CA LEU E 155 -17.10 -48.81 -6.70
C LEU E 155 -16.48 -47.42 -6.57
N PHE E 156 -15.30 -47.35 -5.95
CA PHE E 156 -14.65 -46.08 -5.68
C PHE E 156 -13.51 -45.78 -6.66
N LEU E 157 -13.76 -44.93 -7.64
CA LEU E 157 -12.72 -44.51 -8.56
C LEU E 157 -12.06 -43.24 -8.00
N HIS E 158 -11.20 -43.44 -7.00
CA HIS E 158 -10.57 -42.35 -6.24
C HIS E 158 -9.14 -41.99 -6.70
N GLY E 159 -8.83 -40.70 -6.70
CA GLY E 159 -7.49 -40.24 -7.04
C GLY E 159 -7.16 -38.82 -6.59
N ARG E 160 -5.96 -38.38 -6.97
CA ARG E 160 -5.53 -36.97 -6.86
C ARG E 160 -6.56 -36.00 -7.42
N ALA E 161 -6.32 -34.71 -7.23
CA ALA E 161 -7.19 -33.70 -7.79
C ALA E 161 -6.68 -33.45 -9.20
N GLY E 162 -7.59 -33.33 -10.16
CA GLY E 162 -7.20 -33.23 -11.55
C GLY E 162 -6.55 -34.51 -12.08
N SER E 163 -6.60 -35.58 -11.29
CA SER E 163 -5.94 -36.83 -11.67
C SER E 163 -6.63 -37.56 -12.82
N GLY E 164 -7.83 -37.12 -13.18
CA GLY E 164 -8.48 -37.64 -14.38
C GLY E 164 -9.56 -38.70 -14.20
N LYS E 165 -10.02 -38.89 -12.97
CA LYS E 165 -11.02 -39.93 -12.70
C LYS E 165 -12.34 -39.81 -13.45
N SER E 166 -12.93 -38.62 -13.42
CA SER E 166 -14.27 -38.45 -13.96
C SER E 166 -14.36 -38.68 -15.45
N VAL E 167 -13.33 -38.21 -16.14
CA VAL E 167 -13.26 -38.35 -17.58
C VAL E 167 -13.24 -39.85 -17.91
N ILE E 168 -12.41 -40.57 -17.15
CA ILE E 168 -12.32 -42.02 -17.22
C ILE E 168 -13.67 -42.69 -16.93
N ALA E 169 -14.48 -42.07 -16.06
CA ALA E 169 -15.78 -42.67 -15.75
C ALA E 169 -16.72 -42.42 -16.91
N SER E 170 -16.50 -41.30 -17.59
CA SER E 170 -17.27 -40.89 -18.76
C SER E 170 -17.02 -41.91 -19.88
N GLN E 171 -15.78 -42.41 -19.91
CA GLN E 171 -15.30 -43.30 -20.95
C GLN E 171 -15.68 -44.75 -20.64
N ALA E 172 -15.61 -45.10 -19.36
CA ALA E 172 -15.93 -46.43 -18.87
C ALA E 172 -17.41 -46.73 -19.09
N LEU E 173 -18.23 -45.68 -19.14
CA LEU E 173 -19.64 -45.81 -19.47
C LEU E 173 -19.88 -45.53 -20.94
N SER E 174 -18.80 -45.42 -21.71
CA SER E 174 -18.90 -45.06 -23.12
C SER E 174 -18.21 -46.05 -24.05
N LYS E 175 -17.30 -46.86 -23.50
CA LYS E 175 -16.65 -47.87 -24.32
C LYS E 175 -17.59 -49.02 -24.67
N SER E 176 -17.78 -49.94 -23.72
CA SER E 176 -18.67 -51.08 -23.94
C SER E 176 -20.06 -50.72 -24.43
N ASP E 177 -20.82 -51.73 -24.83
CA ASP E 177 -22.25 -51.55 -25.07
C ASP E 177 -22.98 -52.37 -24.04
N GLN E 178 -22.21 -53.03 -23.19
CA GLN E 178 -22.76 -53.96 -22.21
C GLN E 178 -23.24 -53.25 -20.96
N LEU E 179 -22.39 -52.41 -20.38
CA LEU E 179 -22.68 -51.72 -19.13
C LEU E 179 -24.05 -51.03 -19.19
N ILE E 180 -24.34 -50.36 -20.28
CA ILE E 180 -25.66 -49.76 -20.45
C ILE E 180 -26.49 -50.54 -21.47
N GLY E 181 -27.48 -51.27 -20.97
CA GLY E 181 -28.33 -52.09 -21.82
C GLY E 181 -28.27 -53.57 -21.48
N ILE E 182 -27.05 -54.08 -21.41
CA ILE E 182 -26.76 -55.48 -21.12
C ILE E 182 -26.63 -55.75 -19.61
N ASN E 183 -25.72 -55.02 -18.96
CA ASN E 183 -25.46 -55.22 -17.53
C ASN E 183 -26.35 -54.36 -16.64
N TYR E 184 -26.59 -53.13 -17.06
CA TYR E 184 -27.49 -52.26 -16.31
C TYR E 184 -28.47 -51.63 -17.30
N ASP E 185 -29.71 -51.50 -16.87
CA ASP E 185 -30.77 -51.01 -17.73
C ASP E 185 -30.65 -49.51 -17.95
N SER E 186 -30.42 -48.76 -16.88
CA SER E 186 -30.33 -47.33 -17.01
C SER E 186 -29.11 -46.74 -16.29
N ILE E 187 -28.82 -45.48 -16.60
CA ILE E 187 -27.76 -44.73 -15.94
C ILE E 187 -28.29 -43.42 -15.37
N VAL E 188 -27.87 -43.13 -14.14
CA VAL E 188 -28.11 -41.82 -13.53
C VAL E 188 -26.77 -41.26 -13.05
N TRP E 189 -26.30 -40.21 -13.71
CA TRP E 189 -24.99 -39.66 -13.37
C TRP E 189 -25.19 -38.24 -12.81
N LEU E 190 -24.85 -38.06 -11.55
CA LEU E 190 -25.07 -36.79 -10.86
C LEU E 190 -23.78 -36.29 -10.24
N LYS E 191 -23.42 -35.03 -10.46
CA LYS E 191 -22.25 -34.48 -9.78
C LYS E 191 -22.64 -33.92 -8.42
N ASP E 192 -21.88 -34.34 -7.42
CA ASP E 192 -22.14 -34.00 -6.03
C ASP E 192 -21.46 -32.68 -5.60
N SER E 193 -20.25 -32.84 -5.04
CA SER E 193 -19.42 -31.72 -4.58
C SER E 193 -20.03 -31.04 -3.36
N GLY E 194 -20.84 -31.80 -2.62
CA GLY E 194 -21.55 -31.28 -1.47
C GLY E 194 -20.73 -31.19 -0.19
N THR E 195 -20.80 -30.05 0.48
CA THR E 195 -20.00 -29.80 1.68
C THR E 195 -20.90 -29.46 2.85
N ALA E 196 -21.91 -28.64 2.58
CA ALA E 196 -22.92 -28.30 3.58
C ALA E 196 -23.71 -29.56 4.00
N PRO E 197 -24.48 -29.46 5.10
CA PRO E 197 -25.31 -30.59 5.52
C PRO E 197 -26.63 -30.66 4.75
N LYS E 198 -27.03 -29.55 4.12
CA LYS E 198 -28.23 -29.58 3.30
C LYS E 198 -27.94 -30.18 1.92
N SER E 199 -26.66 -30.33 1.61
CA SER E 199 -26.25 -30.78 0.27
C SER E 199 -26.57 -32.24 0.00
N THR E 200 -26.42 -33.07 1.03
CA THR E 200 -26.62 -34.51 0.94
C THR E 200 -28.10 -34.84 0.75
N PHE E 201 -28.97 -33.88 1.07
CA PHE E 201 -30.39 -34.08 0.85
C PHE E 201 -30.81 -33.56 -0.52
N ASP E 202 -30.26 -32.41 -0.90
CA ASP E 202 -30.57 -31.79 -2.19
C ASP E 202 -30.14 -32.71 -3.33
N LEU E 203 -29.04 -33.42 -3.09
CA LEU E 203 -28.50 -34.34 -4.07
C LEU E 203 -29.57 -35.38 -4.40
N PHE E 204 -30.00 -36.09 -3.36
CA PHE E 204 -30.96 -37.18 -3.52
C PHE E 204 -32.35 -36.67 -3.90
N THR E 205 -32.53 -35.35 -3.81
CA THR E 205 -33.70 -34.70 -4.37
C THR E 205 -33.53 -34.77 -5.88
N ASP E 206 -32.29 -34.67 -6.33
CA ASP E 206 -32.10 -34.61 -7.77
C ASP E 206 -31.90 -36.03 -8.31
N ILE E 207 -31.62 -36.99 -7.43
CA ILE E 207 -31.76 -38.39 -7.81
C ILE E 207 -33.25 -38.67 -8.04
N LEU E 208 -34.03 -38.70 -6.96
CA LEU E 208 -35.49 -38.74 -7.03
C LEU E 208 -36.10 -38.08 -8.28
N LEU E 209 -35.55 -36.96 -8.72
CA LEU E 209 -36.03 -36.30 -9.94
C LEU E 209 -35.38 -36.79 -11.25
N MSE E 210 -34.15 -37.28 -11.16
CA MSE E 210 -33.49 -37.99 -12.26
C MSE E 210 -34.26 -39.24 -12.65
O MSE E 210 -34.19 -39.71 -13.79
CB MSE E 210 -32.05 -38.35 -11.90
CG MSE E 210 -31.04 -37.24 -12.13
SE MSE E 210 -31.43 -36.24 -13.75
CE MSE E 210 -31.10 -37.68 -15.02
N LEU E 211 -34.99 -39.76 -11.68
CA LEU E 211 -35.80 -40.95 -11.87
C LEU E 211 -37.15 -40.61 -12.51
N LYS E 212 -37.82 -39.59 -11.97
CA LYS E 212 -39.17 -39.24 -12.35
C LYS E 212 -39.45 -39.00 -13.86
N SER E 213 -40.61 -39.47 -14.28
CA SER E 213 -41.13 -39.44 -15.65
C SER E 213 -41.22 -38.00 -16.18
N GLU E 214 -41.23 -37.80 -17.51
CA GLU E 214 -41.39 -36.42 -17.98
C GLU E 214 -42.71 -35.97 -17.39
N ASP E 215 -43.69 -36.88 -17.37
CA ASP E 215 -44.86 -36.61 -16.56
C ASP E 215 -44.40 -36.66 -15.11
N ASP E 216 -45.05 -35.83 -14.34
CA ASP E 216 -44.82 -35.61 -12.94
C ASP E 216 -43.36 -35.17 -12.87
N LEU E 217 -42.92 -34.31 -13.78
CA LEU E 217 -41.81 -33.40 -13.56
C LEU E 217 -42.48 -32.04 -13.49
N LEU E 218 -43.66 -32.00 -14.08
CA LEU E 218 -44.56 -30.87 -13.98
C LEU E 218 -45.08 -30.80 -12.56
N ASN E 219 -45.56 -31.95 -12.10
CA ASN E 219 -46.06 -32.15 -10.76
C ASN E 219 -44.97 -32.18 -9.71
N PHE E 220 -44.10 -31.17 -9.67
CA PHE E 220 -43.08 -31.12 -8.63
C PHE E 220 -43.59 -30.21 -7.51
N PRO E 221 -43.77 -30.78 -6.31
CA PRO E 221 -44.18 -30.04 -5.10
C PRO E 221 -43.03 -29.33 -4.43
N SER E 222 -43.34 -28.60 -3.36
CA SER E 222 -42.29 -28.02 -2.52
C SER E 222 -41.58 -29.11 -1.71
N VAL E 223 -41.05 -30.12 -2.39
CA VAL E 223 -40.33 -31.20 -1.74
C VAL E 223 -39.07 -30.75 -1.01
N GLU E 224 -38.53 -29.59 -1.40
CA GLU E 224 -37.43 -28.95 -0.66
C GLU E 224 -37.63 -29.00 0.85
N HIS E 225 -38.89 -28.91 1.27
CA HIS E 225 -39.24 -29.01 2.68
C HIS E 225 -40.15 -30.23 2.85
N VAL E 226 -39.55 -31.35 3.25
CA VAL E 226 -40.21 -32.65 3.40
C VAL E 226 -39.16 -33.56 4.01
N THR E 227 -39.57 -34.42 4.95
CA THR E 227 -38.58 -35.17 5.74
C THR E 227 -37.64 -36.06 4.92
N SER E 228 -36.55 -36.50 5.56
CA SER E 228 -35.59 -37.42 4.96
C SER E 228 -36.13 -38.83 4.75
N VAL E 229 -36.91 -39.31 5.72
CA VAL E 229 -37.52 -40.64 5.67
C VAL E 229 -38.46 -40.71 4.46
N VAL E 230 -38.96 -39.54 4.08
CA VAL E 230 -39.91 -39.42 2.98
C VAL E 230 -39.23 -39.26 1.64
N LEU E 231 -38.21 -38.41 1.53
CA LEU E 231 -37.45 -38.40 0.28
C LEU E 231 -36.92 -39.81 -0.03
N LYS E 232 -36.45 -40.49 1.01
CA LYS E 232 -35.92 -41.85 0.92
C LYS E 232 -37.00 -42.86 0.51
N ARG E 233 -38.15 -42.80 1.18
CA ARG E 233 -39.26 -43.69 0.89
C ARG E 233 -39.81 -43.42 -0.51
N MSE E 234 -39.95 -42.14 -0.86
CA MSE E 234 -40.37 -41.70 -2.18
C MSE E 234 -39.45 -42.23 -3.27
O MSE E 234 -39.89 -42.53 -4.38
CB MSE E 234 -40.39 -40.17 -2.29
CG MSE E 234 -41.67 -39.48 -1.90
SE MSE E 234 -41.54 -37.60 -2.42
CE MSE E 234 -42.88 -36.84 -1.24
N ILE E 235 -38.16 -42.34 -2.93
CA ILE E 235 -37.22 -42.88 -3.89
C ILE E 235 -37.35 -44.39 -4.01
N CYS E 236 -37.23 -45.13 -2.91
CA CYS E 236 -37.29 -46.58 -3.04
C CYS E 236 -38.65 -47.00 -3.59
N ASN E 237 -39.63 -46.10 -3.47
CA ASN E 237 -40.90 -46.22 -4.17
C ASN E 237 -40.63 -46.06 -5.66
N ALA E 238 -40.48 -44.81 -6.09
CA ALA E 238 -40.20 -44.50 -7.49
C ALA E 238 -39.02 -45.27 -8.10
N LEU E 239 -38.35 -46.11 -7.30
CA LEU E 239 -37.20 -46.87 -7.77
C LEU E 239 -37.66 -48.23 -8.28
N ILE E 240 -38.95 -48.53 -8.09
CA ILE E 240 -39.47 -49.77 -8.61
C ILE E 240 -39.43 -49.71 -10.14
N ASP E 241 -39.97 -48.63 -10.73
CA ASP E 241 -40.02 -48.52 -12.19
C ASP E 241 -38.62 -48.44 -12.80
N ARG E 242 -37.60 -48.56 -11.96
CA ARG E 242 -36.22 -48.49 -12.41
C ARG E 242 -35.46 -49.72 -11.95
N PRO E 243 -35.56 -50.80 -12.73
CA PRO E 243 -34.77 -52.03 -12.56
C PRO E 243 -33.31 -51.75 -12.86
N ASN E 244 -32.40 -52.48 -12.23
CA ASN E 244 -30.95 -52.28 -12.38
C ASN E 244 -30.53 -50.94 -12.97
N THR E 245 -30.42 -49.95 -12.09
CA THR E 245 -30.03 -48.61 -12.45
C THR E 245 -28.66 -48.34 -11.84
N LEU E 246 -27.74 -47.87 -12.66
CA LEU E 246 -26.40 -47.57 -12.17
C LEU E 246 -26.38 -46.12 -11.75
N PHE E 247 -25.67 -45.85 -10.66
CA PHE E 247 -25.56 -44.50 -10.14
C PHE E 247 -24.11 -44.02 -10.14
N VAL E 248 -23.83 -42.98 -10.92
CA VAL E 248 -22.55 -42.30 -10.80
C VAL E 248 -22.70 -41.08 -9.90
N PHE E 249 -21.84 -41.02 -8.88
CA PHE E 249 -21.82 -39.91 -7.95
C PHE E 249 -20.54 -39.10 -8.12
N ASP E 250 -20.51 -38.24 -9.13
CA ASP E 250 -19.27 -37.55 -9.47
C ASP E 250 -18.92 -36.54 -8.39
N ASP E 251 -17.74 -36.71 -7.81
CA ASP E 251 -17.15 -35.78 -6.85
C ASP E 251 -17.85 -35.82 -5.49
N VAL E 252 -17.76 -36.95 -4.79
CA VAL E 252 -18.33 -37.00 -3.45
C VAL E 252 -17.30 -36.50 -2.43
N VAL E 253 -17.73 -35.58 -1.56
CA VAL E 253 -16.91 -35.16 -0.42
C VAL E 253 -17.40 -35.60 0.97
N GLN E 254 -18.71 -35.56 1.19
CA GLN E 254 -19.31 -35.94 2.47
C GLN E 254 -19.72 -37.40 2.58
N GLU E 255 -19.26 -38.07 3.63
CA GLU E 255 -19.65 -39.46 3.88
C GLU E 255 -21.14 -39.63 4.19
N GLU E 256 -21.86 -38.52 4.24
CA GLU E 256 -23.29 -38.59 4.48
C GLU E 256 -23.99 -39.04 3.22
N THR E 257 -23.55 -38.51 2.08
CA THR E 257 -23.88 -39.06 0.77
C THR E 257 -23.79 -40.60 0.84
N ILE E 258 -22.57 -41.16 0.90
CA ILE E 258 -22.35 -42.61 1.01
C ILE E 258 -23.29 -43.32 2.00
N ARG E 259 -23.61 -42.66 3.11
CA ARG E 259 -24.56 -43.29 4.03
C ARG E 259 -25.96 -43.36 3.43
N TRP E 260 -26.38 -42.32 2.72
CA TRP E 260 -27.67 -42.35 2.05
C TRP E 260 -27.69 -43.39 0.94
N ALA E 261 -26.65 -43.36 0.11
CA ALA E 261 -26.45 -44.36 -0.94
C ALA E 261 -26.57 -45.80 -0.42
N GLN E 262 -26.16 -46.00 0.83
CA GLN E 262 -26.16 -47.35 1.42
C GLN E 262 -27.46 -47.68 2.17
N GLU E 263 -28.22 -46.65 2.52
CA GLU E 263 -29.53 -46.88 3.15
C GLU E 263 -30.54 -47.17 2.05
N LEU E 264 -30.27 -46.63 0.88
CA LEU E 264 -31.17 -46.75 -0.25
C LEU E 264 -30.82 -47.96 -1.11
N ARG E 265 -29.91 -48.80 -0.62
CA ARG E 265 -29.50 -50.03 -1.30
C ARG E 265 -29.27 -49.83 -2.80
N LEU E 266 -28.53 -48.78 -3.12
CA LEU E 266 -28.24 -48.37 -4.49
C LEU E 266 -26.99 -49.05 -5.05
N ARG E 267 -26.89 -49.06 -6.38
CA ARG E 267 -25.70 -49.54 -7.07
C ARG E 267 -24.92 -48.31 -7.52
N CYS E 268 -23.74 -48.10 -6.94
CA CYS E 268 -23.04 -46.84 -7.12
C CYS E 268 -21.61 -46.90 -7.67
N LEU E 269 -21.37 -46.14 -8.73
CA LEU E 269 -20.02 -45.72 -9.06
C LEU E 269 -19.77 -44.40 -8.31
N VAL E 270 -18.56 -44.21 -7.80
CA VAL E 270 -18.26 -43.01 -7.03
C VAL E 270 -16.87 -42.45 -7.37
N THR E 271 -16.83 -41.26 -7.95
CA THR E 271 -15.57 -40.54 -8.05
C THR E 271 -15.41 -39.59 -6.86
N THR E 272 -14.22 -39.62 -6.26
CA THR E 272 -13.93 -38.81 -5.10
C THR E 272 -12.42 -38.63 -4.96
N ARG E 273 -12.02 -37.68 -4.12
CA ARG E 273 -10.59 -37.49 -3.85
C ARG E 273 -10.24 -38.04 -2.47
N ASP E 274 -11.11 -37.80 -1.51
CA ASP E 274 -10.93 -38.34 -0.17
C ASP E 274 -11.49 -39.76 -0.12
N VAL E 275 -10.61 -40.71 0.16
CA VAL E 275 -10.92 -42.14 0.08
C VAL E 275 -11.62 -42.67 1.34
N GLU E 276 -11.43 -42.01 2.48
CA GLU E 276 -11.88 -42.53 3.77
C GLU E 276 -13.40 -42.56 3.98
N ILE E 277 -14.14 -41.89 3.08
CA ILE E 277 -15.60 -41.86 3.13
C ILE E 277 -16.21 -43.27 3.01
N SER E 278 -15.37 -44.22 2.63
CA SER E 278 -15.82 -45.58 2.40
C SER E 278 -15.99 -46.30 3.71
N ASN E 279 -15.35 -45.77 4.75
CA ASN E 279 -15.58 -46.31 6.07
C ASN E 279 -17.03 -46.13 6.49
N ALA E 280 -17.76 -45.21 5.87
CA ALA E 280 -19.19 -45.09 6.15
C ALA E 280 -20.03 -46.32 5.77
N ALA E 281 -19.62 -47.02 4.72
CA ALA E 281 -20.35 -48.21 4.25
C ALA E 281 -19.87 -49.57 4.76
N SER E 282 -20.77 -50.30 5.40
CA SER E 282 -20.54 -51.69 5.75
C SER E 282 -21.08 -52.63 4.68
N GLN E 283 -20.29 -52.91 3.64
CA GLN E 283 -20.84 -53.50 2.43
C GLN E 283 -19.78 -53.90 1.39
N THR E 284 -20.25 -54.46 0.28
CA THR E 284 -19.41 -54.74 -0.89
C THR E 284 -18.79 -53.41 -1.31
N CYS E 285 -17.55 -53.19 -0.88
CA CYS E 285 -16.80 -52.05 -1.34
C CYS E 285 -15.56 -52.44 -2.11
N GLU E 286 -15.45 -51.86 -3.31
CA GLU E 286 -14.36 -52.14 -4.24
C GLU E 286 -13.76 -50.81 -4.63
N PHE E 287 -12.47 -50.81 -4.90
CA PHE E 287 -11.77 -49.54 -5.00
C PHE E 287 -10.95 -49.56 -6.28
N ILE E 288 -10.81 -48.43 -6.95
CA ILE E 288 -9.92 -48.33 -8.11
C ILE E 288 -9.15 -47.02 -8.09
N GLU E 289 -7.83 -47.10 -7.95
CA GLU E 289 -7.02 -45.88 -7.80
C GLU E 289 -6.42 -45.31 -9.08
N VAL E 290 -6.67 -44.04 -9.35
CA VAL E 290 -6.12 -43.36 -10.51
C VAL E 290 -4.75 -42.79 -10.18
N THR E 291 -3.69 -43.51 -10.52
CA THR E 291 -2.34 -43.04 -10.19
C THR E 291 -1.94 -41.85 -11.06
N SER E 292 -0.82 -41.23 -10.70
CA SER E 292 -0.25 -40.17 -11.52
C SER E 292 0.21 -40.75 -12.85
N LEU E 293 -0.03 -40.04 -13.94
CA LEU E 293 0.42 -40.51 -15.24
C LEU E 293 1.91 -40.82 -15.28
N GLU E 294 2.22 -42.11 -15.45
CA GLU E 294 3.58 -42.61 -15.61
C GLU E 294 4.32 -41.85 -16.71
N ILE E 295 5.65 -41.90 -16.68
CA ILE E 295 6.48 -41.08 -17.55
C ILE E 295 6.19 -41.33 -19.04
N ASP E 296 5.86 -42.57 -19.39
CA ASP E 296 5.55 -42.96 -20.77
C ASP E 296 4.16 -42.51 -21.24
N GLU E 297 3.18 -42.63 -20.34
CA GLU E 297 1.81 -42.22 -20.62
C GLU E 297 1.70 -40.73 -20.89
N CYS E 298 2.60 -39.95 -20.31
CA CYS E 298 2.56 -38.50 -20.52
C CYS E 298 2.91 -38.27 -21.98
N TYR E 299 3.91 -39.01 -22.46
CA TYR E 299 4.31 -38.94 -23.85
C TYR E 299 3.09 -39.25 -24.69
N ASP E 300 2.44 -40.38 -24.41
CA ASP E 300 1.28 -40.77 -25.20
C ASP E 300 0.26 -39.63 -25.26
N PHE E 301 -0.02 -39.03 -24.10
CA PHE E 301 -0.96 -37.91 -23.98
C PHE E 301 -0.59 -36.66 -24.78
N LEU E 302 0.71 -36.40 -24.87
CA LEU E 302 1.24 -35.23 -25.57
C LEU E 302 1.11 -35.48 -27.08
N GLU E 303 1.63 -36.62 -27.51
CA GLU E 303 1.47 -37.08 -28.88
C GLU E 303 0.02 -36.99 -29.34
N ALA E 304 -0.88 -37.46 -28.48
CA ALA E 304 -2.31 -37.46 -28.78
C ALA E 304 -2.85 -36.09 -29.22
N TYR E 305 -2.37 -35.02 -28.59
CA TYR E 305 -2.75 -33.67 -28.97
C TYR E 305 -1.67 -32.92 -29.73
N GLY E 306 -1.34 -33.44 -30.92
CA GLY E 306 -0.43 -32.81 -31.86
C GLY E 306 0.86 -32.16 -31.39
N MSE E 307 1.41 -32.64 -30.28
CA MSE E 307 2.63 -32.06 -29.73
C MSE E 307 3.89 -32.74 -30.23
O MSE E 307 4.03 -33.95 -30.11
CB MSE E 307 2.59 -32.14 -28.20
CG MSE E 307 3.31 -31.04 -27.40
SE MSE E 307 3.41 -29.24 -28.11
CE MSE E 307 4.66 -28.55 -26.77
N PRO E 308 4.83 -31.95 -30.80
CA PRO E 308 6.06 -32.44 -31.40
C PRO E 308 6.94 -33.12 -30.36
N MSE E 309 7.38 -34.33 -30.65
CA MSE E 309 8.19 -35.14 -29.74
C MSE E 309 9.69 -34.89 -29.92
O MSE E 309 10.14 -34.65 -31.03
CB MSE E 309 7.88 -36.63 -29.95
CG MSE E 309 7.31 -37.33 -28.73
SE MSE E 309 5.47 -36.81 -28.43
CE MSE E 309 4.93 -36.88 -30.30
N PRO E 310 10.45 -34.96 -28.81
CA PRO E 310 11.84 -34.51 -28.68
C PRO E 310 12.79 -35.25 -29.63
N VAL E 311 14.01 -34.73 -29.69
CA VAL E 311 15.11 -35.30 -30.46
C VAL E 311 16.36 -35.09 -29.62
N GLY E 312 16.87 -33.86 -29.54
CA GLY E 312 17.99 -33.58 -28.66
C GLY E 312 17.69 -34.09 -27.25
N GLU E 313 18.74 -34.26 -26.45
CA GLU E 313 18.61 -34.82 -25.11
C GLU E 313 18.01 -33.84 -24.11
N LYS E 314 18.44 -32.58 -24.14
CA LYS E 314 17.75 -31.59 -23.33
C LYS E 314 16.49 -31.10 -24.04
N GLU E 315 15.62 -32.06 -24.32
CA GLU E 315 14.28 -31.83 -24.84
C GLU E 315 13.44 -32.97 -24.30
N GLU E 316 13.98 -34.19 -24.38
CA GLU E 316 13.41 -35.28 -23.62
C GLU E 316 13.58 -34.91 -22.15
N ASP E 317 14.64 -34.18 -21.84
CA ASP E 317 14.87 -33.65 -20.49
C ASP E 317 13.90 -32.53 -20.16
N VAL E 318 13.58 -31.67 -21.13
CA VAL E 318 12.59 -30.61 -20.93
C VAL E 318 11.27 -31.27 -20.54
N LEU E 319 11.02 -32.43 -21.14
CA LEU E 319 9.78 -33.13 -20.91
C LEU E 319 9.84 -33.94 -19.61
N ASN E 320 11.03 -34.41 -19.23
CA ASN E 320 11.17 -35.00 -17.90
C ASN E 320 11.05 -33.90 -16.84
N LYS E 321 11.39 -32.67 -17.21
CA LYS E 321 11.11 -31.51 -16.39
C LYS E 321 9.63 -31.26 -16.21
N THR E 322 8.86 -31.28 -17.29
CA THR E 322 7.40 -31.11 -17.18
C THR E 322 6.78 -32.24 -16.36
N ILE E 323 7.19 -33.47 -16.65
CA ILE E 323 6.65 -34.64 -15.97
C ILE E 323 7.04 -34.64 -14.49
N GLU E 324 8.22 -34.11 -14.19
CA GLU E 324 8.68 -33.97 -12.83
C GLU E 324 7.89 -32.87 -12.13
N LEU E 325 7.80 -31.72 -12.78
CA LEU E 325 7.07 -30.56 -12.25
C LEU E 325 5.62 -30.89 -11.99
N SER E 326 4.89 -31.20 -13.06
CA SER E 326 3.50 -31.61 -12.92
C SER E 326 3.34 -33.05 -12.43
N SER E 327 4.13 -33.42 -11.43
CA SER E 327 4.22 -34.79 -10.87
C SER E 327 3.07 -35.71 -11.31
N GLY E 328 3.07 -36.06 -12.59
CA GLY E 328 2.03 -36.86 -13.21
C GLY E 328 0.61 -36.40 -12.94
N ASN E 329 0.18 -35.34 -13.63
CA ASN E 329 -1.16 -34.81 -13.44
C ASN E 329 -1.88 -34.33 -14.69
N PRO E 330 -2.84 -35.13 -15.17
CA PRO E 330 -3.71 -34.91 -16.34
C PRO E 330 -4.05 -33.43 -16.51
N ALA E 331 -4.75 -32.89 -15.52
CA ALA E 331 -5.26 -31.52 -15.54
C ALA E 331 -4.21 -30.44 -15.75
N THR E 332 -3.15 -30.44 -14.95
CA THR E 332 -2.10 -29.44 -15.11
C THR E 332 -1.27 -29.68 -16.36
N LEU E 333 -1.21 -30.93 -16.81
CA LEU E 333 -0.56 -31.24 -18.07
C LEU E 333 -1.36 -30.60 -19.20
N MSE E 334 -2.68 -30.74 -19.12
CA MSE E 334 -3.58 -30.17 -20.12
C MSE E 334 -3.42 -28.66 -20.10
O MSE E 334 -3.38 -28.04 -21.15
CB MSE E 334 -5.02 -30.58 -19.85
CG MSE E 334 -6.01 -30.18 -20.96
SE MSE E 334 -6.08 -31.43 -22.46
CE MSE E 334 -4.50 -30.84 -23.43
N MSE E 335 -3.37 -28.09 -18.91
CA MSE E 335 -3.17 -26.65 -18.78
C MSE E 335 -1.84 -26.25 -19.42
O MSE E 335 -1.73 -25.16 -20.02
CB MSE E 335 -3.23 -26.23 -17.30
CG MSE E 335 -4.65 -26.14 -16.75
SE MSE E 335 -4.74 -26.35 -14.80
CE MSE E 335 -3.35 -25.09 -14.30
N PHE E 336 -0.86 -27.13 -19.32
CA PHE E 336 0.45 -26.90 -19.92
C PHE E 336 0.30 -26.77 -21.42
N PHE E 337 -0.31 -27.77 -22.05
CA PHE E 337 -0.52 -27.72 -23.50
C PHE E 337 -1.28 -26.45 -23.86
N LYS E 338 -2.45 -26.32 -23.25
CA LYS E 338 -3.37 -25.20 -23.47
C LYS E 338 -2.69 -23.84 -23.33
N SER E 339 -1.54 -23.82 -22.67
CA SER E 339 -0.85 -22.58 -22.35
C SER E 339 0.47 -22.52 -23.10
N CYS E 340 0.73 -23.54 -23.91
CA CYS E 340 1.96 -23.60 -24.69
C CYS E 340 1.92 -22.80 -26.00
N GLU E 341 0.89 -21.97 -26.18
CA GLU E 341 0.73 -21.04 -27.32
C GLU E 341 1.49 -21.43 -28.63
N PRO E 342 2.78 -21.03 -28.82
CA PRO E 342 3.33 -21.28 -30.17
C PRO E 342 3.48 -22.77 -30.49
N LYS E 343 3.50 -23.60 -29.45
CA LYS E 343 3.63 -25.08 -29.49
C LYS E 343 5.10 -25.52 -29.40
N THR E 344 6.02 -24.58 -29.55
CA THR E 344 7.45 -24.91 -29.50
C THR E 344 7.83 -25.54 -28.16
N PHE E 345 8.74 -26.51 -28.19
CA PHE E 345 9.43 -27.01 -26.99
C PHE E 345 10.06 -25.89 -26.16
N GLU E 346 10.46 -24.84 -26.85
CA GLU E 346 11.08 -23.67 -26.24
C GLU E 346 10.11 -23.04 -25.23
N LYS E 347 8.96 -22.55 -25.70
CA LYS E 347 7.97 -21.94 -24.80
C LYS E 347 7.43 -22.94 -23.78
N MSE E 348 7.64 -24.23 -24.03
CA MSE E 348 7.27 -25.28 -23.09
C MSE E 348 8.27 -25.28 -21.92
O MSE E 348 7.88 -25.46 -20.75
CB MSE E 348 7.23 -26.63 -23.81
CG MSE E 348 6.11 -27.54 -23.36
SE MSE E 348 6.44 -28.47 -21.70
CE MSE E 348 7.57 -29.90 -22.38
N ALA E 349 9.53 -25.04 -22.22
CA ALA E 349 10.55 -24.94 -21.17
C ALA E 349 10.41 -23.60 -20.47
N GLN E 350 9.97 -22.60 -21.24
CA GLN E 350 9.64 -21.29 -20.72
C GLN E 350 8.67 -21.51 -19.57
N LEU E 351 7.66 -22.33 -19.84
CA LEU E 351 6.66 -22.61 -18.82
C LEU E 351 7.33 -23.36 -17.69
N ASN E 352 8.21 -24.30 -18.05
CA ASN E 352 8.93 -25.05 -17.01
C ASN E 352 9.65 -24.14 -16.01
N ASN E 353 10.09 -22.97 -16.47
CA ASN E 353 10.67 -21.97 -15.58
C ASN E 353 9.58 -21.27 -14.79
N LYS E 354 8.67 -20.62 -15.53
CA LYS E 354 7.51 -19.92 -14.96
C LYS E 354 6.84 -20.68 -13.81
N LEU E 355 6.94 -22.01 -13.87
CA LEU E 355 6.32 -22.91 -12.90
C LEU E 355 7.08 -22.95 -11.59
N GLU E 356 8.39 -22.78 -11.68
CA GLU E 356 9.26 -22.78 -10.51
C GLU E 356 9.21 -21.43 -9.82
N SER E 357 9.05 -20.38 -10.60
CA SER E 357 9.01 -19.01 -10.08
C SER E 357 7.61 -18.36 -10.04
N ARG E 358 6.54 -19.15 -10.05
CA ARG E 358 5.18 -18.59 -9.95
C ARG E 358 4.13 -19.62 -9.52
N GLY E 359 4.59 -20.84 -9.21
CA GLY E 359 3.75 -21.95 -8.81
C GLY E 359 2.69 -22.32 -9.83
N LEU E 360 1.62 -22.99 -9.39
CA LEU E 360 0.60 -23.44 -10.34
C LEU E 360 -0.09 -22.24 -11.01
N VAL E 361 0.09 -21.06 -10.42
CA VAL E 361 -0.62 -19.87 -10.90
C VAL E 361 0.05 -19.35 -12.16
N GLY E 362 1.15 -19.99 -12.53
CA GLY E 362 1.95 -19.58 -13.67
C GLY E 362 1.45 -20.17 -14.97
N VAL E 363 0.63 -21.21 -14.83
CA VAL E 363 0.14 -21.98 -15.96
C VAL E 363 -1.38 -22.15 -15.92
N GLU E 364 -2.01 -21.51 -14.94
CA GLU E 364 -3.47 -21.50 -14.86
C GLU E 364 -4.16 -21.00 -16.14
N CYS E 365 -5.11 -21.81 -16.61
CA CYS E 365 -5.75 -21.60 -17.91
C CYS E 365 -7.18 -22.15 -17.93
N ILE E 366 -7.94 -21.72 -18.94
CA ILE E 366 -9.23 -22.32 -19.26
C ILE E 366 -9.01 -23.73 -19.79
N THR E 367 -9.54 -24.72 -19.07
CA THR E 367 -9.32 -26.13 -19.39
C THR E 367 -10.65 -26.88 -19.20
N PRO E 368 -10.82 -28.04 -19.88
CA PRO E 368 -11.94 -28.97 -19.63
C PRO E 368 -12.25 -29.24 -18.15
N TYR E 369 -11.27 -28.97 -17.28
CA TYR E 369 -11.47 -28.99 -15.85
C TYR E 369 -12.39 -27.86 -15.40
N SER E 370 -13.27 -28.15 -14.44
CA SER E 370 -14.18 -27.12 -13.93
C SER E 370 -13.39 -25.98 -13.27
N TYR E 371 -12.09 -26.19 -13.09
CA TYR E 371 -11.20 -25.34 -12.31
C TYR E 371 -10.19 -24.66 -13.23
N LYS E 372 -9.98 -23.36 -13.05
CA LYS E 372 -8.96 -22.63 -13.81
C LYS E 372 -7.58 -23.20 -13.53
N SER E 373 -7.32 -23.58 -12.28
CA SER E 373 -6.04 -24.18 -11.96
C SER E 373 -6.15 -25.16 -10.81
N LEU E 374 -5.22 -26.10 -10.77
CA LEU E 374 -5.26 -27.19 -9.80
C LEU E 374 -5.22 -26.68 -8.35
N ALA E 375 -4.84 -25.41 -8.16
CA ALA E 375 -4.74 -24.85 -6.81
C ALA E 375 -6.13 -24.59 -6.25
N MSE E 376 -7.07 -24.29 -7.14
CA MSE E 376 -8.45 -24.03 -6.75
C MSE E 376 -9.06 -25.34 -6.28
O MSE E 376 -10.01 -25.36 -5.49
CB MSE E 376 -9.27 -23.42 -7.89
CG MSE E 376 -8.66 -22.15 -8.48
SE MSE E 376 -8.15 -20.87 -7.09
CE MSE E 376 -9.84 -20.73 -6.14
N ALA E 377 -8.52 -26.44 -6.80
CA ALA E 377 -9.03 -27.76 -6.51
C ALA E 377 -8.46 -28.17 -5.16
N LEU E 378 -7.14 -28.10 -5.04
CA LEU E 378 -6.47 -28.55 -3.81
C LEU E 378 -6.92 -27.70 -2.62
N GLN E 379 -7.27 -26.45 -2.94
CA GLN E 379 -7.90 -25.53 -2.00
C GLN E 379 -8.84 -26.31 -1.09
N ARG E 380 -9.86 -26.86 -1.74
CA ARG E 380 -10.94 -27.58 -1.08
C ARG E 380 -10.35 -28.76 -0.31
N CYS E 381 -9.47 -29.51 -0.97
CA CYS E 381 -8.86 -30.72 -0.40
C CYS E 381 -8.17 -30.39 0.93
N VAL E 382 -7.84 -29.11 1.11
CA VAL E 382 -7.07 -28.63 2.24
C VAL E 382 -8.00 -28.07 3.30
N GLU E 383 -9.16 -27.58 2.85
CA GLU E 383 -10.15 -27.05 3.77
C GLU E 383 -10.85 -28.13 4.61
N VAL E 384 -11.22 -29.23 3.95
CA VAL E 384 -11.91 -30.34 4.60
C VAL E 384 -11.12 -31.01 5.73
N LEU E 385 -9.80 -30.81 5.68
CA LEU E 385 -8.86 -31.52 6.54
C LEU E 385 -8.96 -31.28 8.04
N SER E 386 -8.83 -32.36 8.82
CA SER E 386 -8.70 -32.27 10.28
C SER E 386 -7.72 -31.12 10.59
N ASP E 387 -8.07 -30.26 11.53
CA ASP E 387 -7.26 -29.10 11.89
C ASP E 387 -5.75 -29.36 12.09
N GLU E 388 -5.48 -30.50 12.71
CA GLU E 388 -4.12 -30.95 12.99
C GLU E 388 -3.46 -31.44 11.71
N ASP E 389 -4.27 -32.07 10.87
CA ASP E 389 -3.76 -32.55 9.60
C ASP E 389 -3.51 -31.32 8.73
N ARG E 390 -4.32 -30.28 8.93
CA ARG E 390 -4.13 -29.03 8.22
C ARG E 390 -2.77 -28.47 8.58
N SER E 391 -2.35 -28.74 9.81
CA SER E 391 -1.06 -28.24 10.29
C SER E 391 0.11 -29.01 9.69
N ALA E 392 0.10 -30.34 9.90
CA ALA E 392 1.08 -31.23 9.28
C ALA E 392 1.29 -30.91 7.79
N LEU E 393 0.18 -30.76 7.08
CA LEU E 393 0.24 -30.48 5.65
C LEU E 393 0.91 -29.12 5.51
N ALA E 394 0.51 -28.16 6.34
CA ALA E 394 0.98 -26.78 6.17
C ALA E 394 2.50 -26.74 6.28
N PHE E 395 3.05 -27.70 7.03
CA PHE E 395 4.50 -27.75 7.22
C PHE E 395 5.27 -28.60 6.20
N ALA E 396 4.68 -29.66 5.67
CA ALA E 396 5.39 -30.45 4.65
C ALA E 396 5.90 -29.67 3.42
N VAL E 397 5.72 -28.36 3.38
CA VAL E 397 6.34 -27.53 2.34
C VAL E 397 7.86 -27.65 2.38
N VAL E 398 8.42 -27.29 3.53
CA VAL E 398 9.87 -27.22 3.76
C VAL E 398 10.58 -28.57 3.61
N MSE E 399 10.03 -29.44 2.77
CA MSE E 399 10.66 -30.71 2.48
C MSE E 399 11.37 -30.68 1.12
O MSE E 399 11.38 -29.64 0.46
CB MSE E 399 9.60 -31.82 2.53
CG MSE E 399 9.33 -32.29 3.94
SE MSE E 399 11.03 -32.53 4.86
CE MSE E 399 10.38 -33.11 6.58
N PRO E 400 11.93 -31.81 0.70
CA PRO E 400 12.36 -31.95 -0.69
C PRO E 400 11.31 -32.64 -1.55
N PRO E 401 10.96 -32.06 -2.70
CA PRO E 401 9.92 -32.75 -3.45
C PRO E 401 10.55 -33.85 -4.29
N GLY E 402 9.78 -34.92 -4.53
CA GLY E 402 10.25 -36.02 -5.34
C GLY E 402 11.48 -36.59 -4.64
N VAL E 403 11.38 -36.77 -3.32
CA VAL E 403 12.44 -37.37 -2.52
C VAL E 403 11.90 -38.24 -1.39
N ASP E 404 12.42 -39.46 -1.28
CA ASP E 404 12.03 -40.41 -0.23
C ASP E 404 12.77 -40.21 1.10
N ILE E 405 12.05 -39.90 2.17
CA ILE E 405 12.68 -39.48 3.43
C ILE E 405 11.99 -40.14 4.65
N PRO E 406 12.78 -40.54 5.67
CA PRO E 406 12.31 -41.28 6.84
C PRO E 406 11.27 -40.51 7.65
N VAL E 407 10.54 -41.20 8.52
CA VAL E 407 9.46 -40.61 9.33
C VAL E 407 10.00 -39.66 10.39
N LYS E 408 11.07 -40.06 11.06
CA LYS E 408 11.67 -39.24 12.10
C LYS E 408 12.12 -37.94 11.45
N LEU E 409 12.77 -38.03 10.29
CA LEU E 409 13.12 -36.83 9.53
C LEU E 409 11.90 -35.92 9.28
N TRP E 410 10.70 -36.47 9.48
CA TRP E 410 9.47 -35.69 9.33
C TRP E 410 8.98 -35.23 10.71
N SER E 411 9.17 -36.09 11.71
CA SER E 411 8.77 -35.77 13.08
C SER E 411 9.34 -34.42 13.53
N CYS E 412 10.34 -33.94 12.79
CA CYS E 412 11.05 -32.72 13.15
C CYS E 412 10.23 -31.48 12.82
N VAL E 413 9.62 -31.45 11.63
CA VAL E 413 8.84 -30.28 11.26
C VAL E 413 7.36 -30.44 11.62
N ILE E 414 6.86 -31.67 11.63
CA ILE E 414 5.44 -31.89 11.86
C ILE E 414 5.13 -31.74 13.35
N PRO E 415 4.11 -30.93 13.68
CA PRO E 415 3.55 -30.73 15.02
C PRO E 415 2.99 -32.01 15.65
N VAL E 416 2.68 -31.95 16.94
CA VAL E 416 1.98 -32.99 17.70
C VAL E 416 1.77 -32.52 19.12
N ASP E 417 0.78 -33.09 19.79
CA ASP E 417 0.56 -32.76 21.20
C ASP E 417 1.42 -33.65 22.09
N GLU E 424 6.76 -37.19 24.70
CA GLU E 424 7.32 -38.49 25.01
C GLU E 424 8.34 -38.86 23.94
N GLN E 425 8.59 -40.14 23.70
CA GLN E 425 9.74 -40.43 22.84
C GLN E 425 9.48 -41.20 21.54
N LEU E 426 8.32 -41.83 21.39
CA LEU E 426 8.01 -42.46 20.10
C LEU E 426 7.09 -41.60 19.23
N ASP E 427 7.65 -41.03 18.16
CA ASP E 427 6.86 -40.25 17.22
C ASP E 427 6.39 -41.12 16.05
N ASP E 428 5.38 -41.94 16.30
CA ASP E 428 4.72 -42.67 15.23
C ASP E 428 3.48 -41.93 14.73
N GLU E 429 2.92 -41.13 15.63
CA GLU E 429 1.77 -40.26 15.37
C GLU E 429 1.89 -39.43 14.08
N VAL E 430 3.14 -39.08 13.76
CA VAL E 430 3.45 -38.37 12.52
C VAL E 430 3.04 -39.20 11.33
N ALA E 431 3.40 -40.48 11.35
CA ALA E 431 3.03 -41.39 10.28
C ALA E 431 1.51 -41.44 10.17
N ASP E 432 0.81 -41.44 11.30
CA ASP E 432 -0.65 -41.50 11.27
C ASP E 432 -1.25 -40.29 10.58
N ARG E 433 -0.67 -39.12 10.85
CA ARG E 433 -1.15 -37.92 10.21
C ARG E 433 -0.83 -37.90 8.72
N LEU E 434 0.39 -38.26 8.36
CA LEU E 434 0.80 -38.28 6.95
C LEU E 434 0.07 -39.35 6.13
N LYS E 435 -0.35 -40.42 6.81
CA LYS E 435 -1.21 -41.43 6.22
C LYS E 435 -2.58 -40.85 5.96
N ARG E 436 -3.26 -40.38 7.00
CA ARG E 436 -4.52 -39.64 6.80
C ARG E 436 -4.39 -38.65 5.64
N LEU E 437 -3.19 -38.09 5.51
CA LEU E 437 -2.87 -37.06 4.52
C LEU E 437 -2.80 -37.58 3.09
N SER E 438 -2.26 -38.78 2.92
CA SER E 438 -2.28 -39.44 1.62
C SER E 438 -3.63 -40.08 1.26
N LYS E 439 -4.28 -40.73 2.23
CA LYS E 439 -5.64 -41.23 2.06
C LYS E 439 -6.64 -40.17 1.58
N ARG E 440 -6.38 -38.91 1.89
CA ARG E 440 -7.37 -37.85 1.75
C ARG E 440 -7.00 -36.79 0.71
N GLY E 441 -6.73 -37.24 -0.51
CA GLY E 441 -6.43 -36.31 -1.59
C GLY E 441 -5.13 -36.68 -2.27
N ALA E 442 -4.49 -37.73 -1.75
CA ALA E 442 -3.23 -38.23 -2.25
C ALA E 442 -2.29 -37.04 -2.30
N LEU E 443 -2.05 -36.48 -1.12
CA LEU E 443 -1.25 -35.28 -1.03
C LEU E 443 0.21 -35.63 -0.77
N LEU E 444 0.40 -36.72 -0.03
CA LEU E 444 1.73 -37.24 0.22
C LEU E 444 2.06 -38.39 -0.72
N SER E 445 2.37 -39.54 -0.11
CA SER E 445 3.00 -40.71 -0.74
C SER E 445 3.69 -41.56 0.32
N GLY E 446 3.00 -42.61 0.75
CA GLY E 446 3.51 -43.54 1.73
C GLY E 446 4.23 -44.73 1.13
N LYS E 447 5.29 -45.20 1.79
CA LYS E 447 6.11 -46.28 1.25
C LYS E 447 6.69 -47.08 2.43
N ARG E 448 6.05 -48.21 2.70
CA ARG E 448 6.23 -48.95 3.96
C ARG E 448 7.66 -49.41 4.25
N MSE E 449 8.19 -50.32 3.45
CA MSE E 449 9.60 -50.72 3.59
C MSE E 449 10.45 -50.27 2.39
O MSE E 449 9.90 -49.89 1.36
CB MSE E 449 9.67 -52.23 3.79
CG MSE E 449 9.53 -53.07 2.54
SE MSE E 449 9.85 -54.94 2.94
CE MSE E 449 11.75 -54.82 3.38
N PRO E 450 11.80 -50.30 2.53
CA PRO E 450 12.69 -50.82 3.58
C PRO E 450 12.43 -50.19 4.94
N VAL E 451 12.22 -48.89 4.97
CA VAL E 451 11.87 -48.21 6.20
C VAL E 451 10.73 -47.24 5.93
N LEU E 452 9.86 -47.10 6.92
CA LEU E 452 8.70 -46.23 6.85
C LEU E 452 9.12 -44.83 6.44
N THR E 453 8.81 -44.50 5.19
CA THR E 453 9.22 -43.23 4.62
C THR E 453 8.07 -42.68 3.80
N PHE E 454 7.95 -41.37 3.76
CA PHE E 454 6.94 -40.75 2.92
C PHE E 454 7.64 -39.92 1.86
N LYS E 455 6.86 -39.20 1.06
CA LYS E 455 7.44 -38.38 0.01
C LYS E 455 6.39 -37.41 -0.51
N ILE E 456 6.85 -36.20 -0.81
CA ILE E 456 5.99 -35.19 -1.39
C ILE E 456 6.32 -34.94 -2.86
N ASP E 457 5.31 -34.99 -3.70
CA ASP E 457 5.47 -34.78 -5.13
C ASP E 457 5.64 -33.30 -5.43
N HIS E 458 5.78 -32.95 -6.71
CA HIS E 458 6.02 -31.55 -7.04
C HIS E 458 4.80 -30.64 -7.14
N ILE E 459 3.71 -31.12 -7.73
CA ILE E 459 2.49 -30.30 -7.83
C ILE E 459 1.96 -30.02 -6.45
N ILE E 460 1.92 -31.08 -5.65
CA ILE E 460 1.50 -30.99 -4.26
C ILE E 460 2.47 -30.16 -3.44
N HIS E 461 3.61 -29.82 -4.05
CA HIS E 461 4.60 -28.97 -3.39
C HIS E 461 4.40 -27.56 -3.87
N MSE E 462 4.56 -27.32 -5.17
CA MSE E 462 4.45 -25.97 -5.70
C MSE E 462 3.06 -25.39 -5.46
O MSE E 462 2.82 -24.20 -5.70
CB MSE E 462 4.75 -25.96 -7.20
CG MSE E 462 6.18 -26.33 -7.55
SE MSE E 462 6.35 -26.77 -9.43
CE MSE E 462 4.83 -27.97 -9.56
N PHE E 463 2.14 -26.22 -4.97
CA PHE E 463 0.87 -25.78 -4.45
C PHE E 463 1.09 -25.01 -3.16
N LEU E 464 1.63 -25.74 -2.20
CA LEU E 464 1.97 -25.24 -0.87
C LEU E 464 2.95 -24.08 -0.86
N LYS E 465 3.97 -24.12 -1.71
CA LYS E 465 4.86 -22.98 -1.93
C LYS E 465 4.05 -21.69 -1.90
N HIS E 466 3.43 -21.33 -3.02
CA HIS E 466 2.69 -20.09 -3.09
C HIS E 466 1.33 -20.12 -2.36
N VAL E 467 1.23 -20.80 -1.24
CA VAL E 467 -0.06 -20.97 -0.57
C VAL E 467 0.03 -20.91 0.95
N VAL E 468 1.08 -21.49 1.53
CA VAL E 468 1.27 -21.38 2.98
C VAL E 468 1.85 -20.03 3.36
N ASP E 469 1.64 -19.67 4.62
CA ASP E 469 2.09 -18.41 5.20
C ASP E 469 3.59 -18.21 5.00
N ALA E 470 3.97 -17.12 4.33
CA ALA E 470 5.37 -16.82 4.02
C ALA E 470 6.29 -17.01 5.23
N GLN E 471 5.72 -16.83 6.41
CA GLN E 471 6.42 -17.04 7.67
C GLN E 471 6.68 -18.52 7.90
N THR E 472 5.62 -19.32 7.77
CA THR E 472 5.65 -20.73 8.09
C THR E 472 6.69 -21.53 7.30
N ILE E 473 7.07 -21.04 6.12
CA ILE E 473 8.18 -21.63 5.38
C ILE E 473 9.51 -21.47 6.13
N ALA E 474 9.90 -20.23 6.38
CA ALA E 474 11.17 -19.96 7.07
C ALA E 474 11.18 -20.57 8.46
N ASN E 475 10.00 -20.62 9.07
CA ASN E 475 9.89 -21.24 10.38
C ASN E 475 10.08 -22.73 10.26
N GLY E 476 9.67 -23.33 9.15
CA GLY E 476 9.85 -24.77 9.05
C GLY E 476 11.30 -25.09 8.76
N ILE E 477 11.97 -24.20 8.01
CA ILE E 477 13.38 -24.39 7.74
C ILE E 477 14.22 -24.32 9.01
N SER E 478 13.97 -23.30 9.84
CA SER E 478 14.68 -23.21 11.12
C SER E 478 14.32 -24.31 12.14
N ILE E 479 13.02 -24.55 12.33
CA ILE E 479 12.49 -25.61 13.19
C ILE E 479 13.05 -26.97 12.76
N LEU E 480 13.54 -27.02 11.53
CA LEU E 480 14.19 -28.22 11.04
C LEU E 480 15.66 -28.15 11.46
N GLU E 481 16.32 -27.04 11.15
CA GLU E 481 17.74 -26.87 11.49
C GLU E 481 18.08 -27.09 12.97
N GLN E 482 17.07 -27.03 13.84
CA GLN E 482 17.31 -27.34 15.26
C GLN E 482 17.58 -28.81 15.58
N ARG E 483 16.57 -29.64 15.36
CA ARG E 483 16.59 -31.08 15.65
C ARG E 483 17.66 -31.84 14.85
N LEU E 484 18.22 -31.12 13.88
CA LEU E 484 19.15 -31.60 12.86
C LEU E 484 20.60 -31.97 13.25
N LEU E 485 20.88 -32.45 14.45
CA LEU E 485 22.30 -32.59 14.83
C LEU E 485 22.67 -33.44 16.05
N GLU E 486 21.76 -33.54 17.02
CA GLU E 486 21.81 -34.52 18.12
C GLU E 486 23.17 -35.06 18.58
N ILE E 487 23.39 -36.35 18.35
CA ILE E 487 24.65 -37.01 18.70
C ILE E 487 25.55 -37.23 17.48
N GLU E 521 19.40 -40.48 -6.36
CA GLU E 521 19.34 -41.86 -6.82
C GLU E 521 18.35 -42.70 -6.01
N THR E 522 18.08 -43.90 -6.48
CA THR E 522 17.17 -44.86 -5.83
C THR E 522 17.61 -45.33 -4.44
N VAL E 523 18.32 -44.49 -3.69
CA VAL E 523 18.65 -44.85 -2.32
C VAL E 523 18.32 -43.77 -1.28
N ILE E 524 17.61 -44.22 -0.24
CA ILE E 524 17.23 -43.37 0.88
C ILE E 524 18.45 -43.04 1.77
N ARG E 525 18.36 -41.89 2.43
CA ARG E 525 19.39 -41.36 3.30
C ARG E 525 19.46 -42.11 4.63
N PRO E 526 20.65 -42.66 4.93
CA PRO E 526 20.93 -43.51 6.08
C PRO E 526 20.99 -42.80 7.42
N GLU E 527 20.82 -43.59 8.48
CA GLU E 527 20.76 -43.07 9.84
C GLU E 527 22.14 -42.70 10.38
N ASP E 528 23.19 -43.01 9.64
CA ASP E 528 24.51 -42.58 10.05
C ASP E 528 24.69 -41.15 9.54
N PHE E 529 23.86 -40.81 8.55
CA PHE E 529 23.91 -39.54 7.83
C PHE E 529 22.64 -38.66 7.80
N PRO E 530 21.76 -38.73 8.83
CA PRO E 530 20.62 -37.80 8.75
C PRO E 530 20.98 -36.39 9.18
N LYS E 531 21.95 -36.31 10.08
CA LYS E 531 22.43 -35.07 10.65
C LYS E 531 22.72 -33.98 9.62
N PHE E 532 23.02 -34.37 8.39
CA PHE E 532 23.21 -33.38 7.32
C PHE E 532 22.20 -33.54 6.17
N MSE E 533 21.06 -32.87 6.30
CA MSE E 533 20.11 -32.71 5.20
C MSE E 533 20.68 -31.83 4.08
O MSE E 533 19.98 -31.44 3.15
CB MSE E 533 18.83 -32.05 5.68
CG MSE E 533 19.08 -30.79 6.49
SE MSE E 533 18.37 -29.15 5.71
CE MSE E 533 19.82 -28.62 4.52
N GLN E 534 21.98 -31.53 4.18
CA GLN E 534 22.61 -30.59 3.28
C GLN E 534 22.65 -31.17 1.88
N LEU E 535 22.37 -32.47 1.78
CA LEU E 535 22.28 -33.13 0.50
C LEU E 535 21.22 -32.40 -0.35
N HIS E 536 20.12 -32.00 0.28
CA HIS E 536 19.03 -31.31 -0.42
C HIS E 536 19.19 -29.80 -0.33
N GLN E 537 20.42 -29.34 -0.10
CA GLN E 537 20.73 -27.91 -0.05
C GLN E 537 20.19 -27.16 -1.27
N LYS E 538 20.26 -27.79 -2.43
CA LYS E 538 19.78 -27.18 -3.67
C LYS E 538 18.33 -26.75 -3.43
N PHE E 539 17.46 -27.72 -3.12
CA PHE E 539 16.03 -27.42 -2.94
C PHE E 539 15.77 -26.76 -1.60
N TYR E 540 16.82 -26.22 -1.00
CA TYR E 540 16.66 -25.57 0.26
C TYR E 540 17.18 -24.16 0.11
N ASP E 541 18.17 -23.95 -0.77
CA ASP E 541 18.66 -22.58 -0.89
C ASP E 541 17.61 -21.71 -1.58
N SER E 542 16.77 -22.37 -2.37
CA SER E 542 15.73 -21.70 -3.14
C SER E 542 14.54 -21.29 -2.29
N LEU E 543 14.21 -22.11 -1.31
CA LEU E 543 13.18 -21.71 -0.36
C LEU E 543 13.68 -20.50 0.41
N LYS E 544 15.00 -20.38 0.58
CA LYS E 544 15.51 -19.28 1.41
C LYS E 544 15.60 -18.01 0.58
N ASN E 545 15.80 -18.18 -0.71
CA ASN E 545 15.77 -17.07 -1.66
C ASN E 545 14.33 -16.67 -1.95
N PHE E 546 13.40 -17.38 -1.31
CA PHE E 546 11.97 -17.19 -1.50
C PHE E 546 11.32 -16.78 -0.17
N ALA E 547 11.99 -17.13 0.92
CA ALA E 547 11.52 -16.74 2.26
C ALA E 547 12.24 -15.47 2.71
N CYS E 548 13.01 -14.89 1.80
CA CYS E 548 13.56 -13.56 1.98
C CYS E 548 12.65 -12.59 1.24
N CYS E 549 11.65 -13.15 0.57
CA CYS E 549 10.63 -12.37 -0.12
C CYS E 549 9.32 -12.41 0.66
N MSE F 2 -2.11 -19.41 8.64
CA MSE F 2 -0.90 -20.06 8.13
C MSE F 2 -1.13 -20.56 6.72
O MSE F 2 -0.18 -20.91 6.00
CB MSE F 2 -0.48 -21.20 9.05
CG MSE F 2 -1.48 -22.31 9.17
SE MSE F 2 -0.78 -23.81 10.20
CE MSE F 2 -2.45 -24.80 10.38
N PHE F 3 -2.39 -20.63 6.31
CA PHE F 3 -2.74 -20.86 4.93
C PHE F 3 -3.23 -19.54 4.36
N ASN F 4 -2.53 -18.99 3.38
CA ASN F 4 -3.00 -17.77 2.74
C ASN F 4 -4.41 -17.98 2.21
N PHE F 5 -5.35 -17.80 3.13
CA PHE F 5 -6.76 -18.17 3.02
C PHE F 5 -6.90 -19.69 3.10
N LEU F 6 -6.97 -20.40 1.99
CA LEU F 6 -6.98 -21.87 2.02
C LEU F 6 -6.62 -22.49 0.68
N MSE G 1 -45.21 -54.05 -35.73
CA MSE G 1 -45.72 -52.77 -36.18
C MSE G 1 -45.63 -52.68 -37.70
O MSE G 1 -45.92 -53.64 -38.42
CB MSE G 1 -44.99 -51.62 -35.51
CG MSE G 1 -45.77 -50.31 -35.39
SE MSE G 1 -44.71 -48.74 -35.88
CE MSE G 1 -46.16 -47.62 -36.53
N LEU G 2 -45.26 -51.49 -38.19
CA LEU G 2 -44.96 -51.25 -39.59
C LEU G 2 -43.72 -50.41 -39.62
N CYS G 3 -43.06 -50.28 -40.75
CA CYS G 3 -42.04 -49.26 -40.97
C CYS G 3 -42.65 -47.90 -41.27
N GLU G 4 -41.99 -47.19 -42.21
CA GLU G 4 -42.45 -45.88 -42.63
C GLU G 4 -42.85 -45.95 -44.08
N ILE G 5 -42.38 -46.97 -44.79
CA ILE G 5 -42.79 -47.20 -46.17
C ILE G 5 -44.13 -47.90 -46.26
N GLU G 6 -44.31 -48.95 -45.46
CA GLU G 6 -45.60 -49.64 -45.39
C GLU G 6 -46.63 -48.76 -44.69
N CYS G 7 -46.16 -47.97 -43.73
CA CYS G 7 -47.05 -47.01 -43.11
C CYS G 7 -47.52 -46.04 -44.17
N ARG G 8 -46.59 -45.52 -44.97
CA ARG G 8 -46.97 -44.64 -46.09
C ARG G 8 -47.84 -45.35 -47.13
N ALA G 9 -47.72 -46.67 -47.23
CA ALA G 9 -48.65 -47.47 -48.03
C ALA G 9 -50.08 -47.31 -47.53
N LEU G 10 -50.33 -47.81 -46.31
CA LEU G 10 -51.68 -47.75 -45.75
C LEU G 10 -52.20 -46.32 -45.62
N SER G 11 -51.28 -45.39 -45.40
CA SER G 11 -51.61 -44.00 -45.13
C SER G 11 -51.86 -43.15 -46.36
N THR G 12 -51.09 -43.35 -47.43
CA THR G 12 -51.31 -42.47 -48.57
C THR G 12 -52.26 -42.98 -49.63
N ALA G 13 -52.93 -44.12 -49.42
CA ALA G 13 -53.95 -44.42 -50.40
C ALA G 13 -55.27 -44.12 -49.74
N HIS G 14 -55.36 -43.06 -48.93
CA HIS G 14 -56.64 -42.85 -48.28
C HIS G 14 -57.71 -42.39 -49.26
N THR G 15 -57.29 -41.80 -50.37
CA THR G 15 -58.23 -41.44 -51.42
C THR G 15 -58.87 -42.66 -52.07
N ARG G 16 -58.24 -43.82 -51.85
CA ARG G 16 -58.74 -45.11 -52.28
C ARG G 16 -59.63 -45.93 -51.35
N LEU G 17 -59.10 -46.28 -50.18
CA LEU G 17 -59.81 -47.10 -49.20
C LEU G 17 -61.17 -46.56 -48.75
N ILE G 18 -61.39 -45.26 -48.92
CA ILE G 18 -62.68 -44.69 -48.59
C ILE G 18 -63.69 -45.03 -49.69
N HIS G 19 -63.24 -44.90 -50.94
CA HIS G 19 -64.06 -45.23 -52.12
C HIS G 19 -64.57 -46.66 -52.27
N ASP G 20 -63.74 -47.66 -52.03
CA ASP G 20 -64.18 -49.04 -52.18
C ASP G 20 -63.53 -49.98 -51.18
N PHE G 21 -63.99 -49.94 -49.94
CA PHE G 21 -63.49 -50.87 -48.94
C PHE G 21 -64.34 -51.00 -47.68
N GLU G 22 -64.73 -52.25 -47.39
CA GLU G 22 -65.46 -52.60 -46.19
C GLU G 22 -64.54 -53.55 -45.43
N PRO G 23 -64.16 -53.17 -44.21
CA PRO G 23 -63.25 -53.99 -43.39
C PRO G 23 -63.81 -55.33 -42.93
N ARG G 24 -65.13 -55.45 -42.82
CA ARG G 24 -65.71 -56.71 -42.35
C ARG G 24 -65.39 -57.84 -43.32
N ASP G 25 -65.31 -57.50 -44.60
CA ASP G 25 -64.91 -58.46 -45.63
C ASP G 25 -63.57 -59.10 -45.29
N ALA G 26 -62.68 -58.32 -44.68
CA ALA G 26 -61.36 -58.81 -44.30
C ALA G 26 -61.38 -59.34 -42.87
N LEU G 27 -62.38 -58.91 -42.10
CA LEU G 27 -62.45 -59.20 -40.67
C LEU G 27 -62.15 -60.67 -40.35
N THR G 28 -63.07 -61.54 -40.75
CA THR G 28 -62.93 -62.98 -40.56
C THR G 28 -61.55 -63.46 -40.99
N TYR G 29 -61.11 -63.00 -42.17
CA TYR G 29 -59.82 -63.38 -42.71
C TYR G 29 -58.70 -63.11 -41.70
N LEU G 30 -58.67 -61.89 -41.16
CA LEU G 30 -57.64 -61.54 -40.19
C LEU G 30 -57.92 -62.25 -38.88
N GLU G 31 -59.20 -62.45 -38.60
CA GLU G 31 -59.62 -63.25 -37.46
C GLU G 31 -59.19 -64.70 -37.66
N GLY G 32 -58.96 -65.05 -38.92
CA GLY G 32 -58.63 -66.41 -39.30
C GLY G 32 -57.16 -66.65 -39.62
N LYS G 33 -56.55 -65.77 -40.40
CA LYS G 33 -55.14 -65.95 -40.76
C LYS G 33 -54.21 -65.56 -39.61
N ASN G 34 -54.75 -65.64 -38.40
CA ASN G 34 -54.01 -65.39 -37.17
C ASN G 34 -53.23 -64.08 -37.17
N ILE G 35 -53.94 -63.02 -36.83
CA ILE G 35 -53.37 -61.68 -36.81
C ILE G 35 -54.36 -60.76 -36.09
N PHE G 36 -55.51 -61.32 -35.71
CA PHE G 36 -56.61 -60.55 -35.13
C PHE G 36 -57.35 -61.26 -33.99
N THR G 37 -58.15 -60.49 -33.25
CA THR G 37 -58.93 -61.04 -32.14
C THR G 37 -60.43 -60.92 -32.40
N GLU G 38 -61.24 -61.40 -31.46
CA GLU G 38 -62.69 -61.30 -31.56
C GLU G 38 -63.19 -60.00 -30.94
N ASP G 39 -62.47 -59.50 -29.94
CA ASP G 39 -62.78 -58.16 -29.43
C ASP G 39 -62.43 -57.15 -30.51
N HIS G 40 -61.49 -57.51 -31.38
CA HIS G 40 -61.13 -56.67 -32.51
C HIS G 40 -62.11 -56.88 -33.65
N SER G 41 -62.65 -58.09 -33.73
CA SER G 41 -63.74 -58.36 -34.67
C SER G 41 -64.92 -57.45 -34.39
N GLU G 42 -65.43 -57.55 -33.17
CA GLU G 42 -66.51 -56.67 -32.73
C GLU G 42 -66.07 -55.21 -32.69
N LEU G 43 -64.76 -54.98 -32.61
CA LEU G 43 -64.25 -53.62 -32.68
C LEU G 43 -64.43 -53.05 -34.09
N ILE G 44 -64.36 -53.91 -35.10
CA ILE G 44 -64.47 -53.47 -36.49
C ILE G 44 -65.61 -54.18 -37.23
N SER G 45 -66.76 -54.33 -36.58
CA SER G 45 -67.91 -54.94 -37.23
C SER G 45 -69.21 -54.19 -36.95
N LYS G 46 -69.48 -53.93 -35.67
CA LYS G 46 -70.76 -53.37 -35.24
C LYS G 46 -70.79 -51.84 -35.20
N MSE G 47 -70.18 -51.20 -36.20
CA MSE G 47 -70.10 -49.75 -36.21
C MSE G 47 -70.96 -49.15 -37.34
O MSE G 47 -71.24 -49.82 -38.32
CB MSE G 47 -68.65 -49.29 -36.37
CG MSE G 47 -67.62 -50.25 -35.76
SE MSE G 47 -67.88 -50.64 -33.87
CE MSE G 47 -67.75 -48.84 -33.14
N SER G 48 -71.37 -47.90 -37.16
CA SER G 48 -72.30 -47.24 -38.06
C SER G 48 -71.70 -46.91 -39.43
N THR G 49 -70.87 -45.88 -39.48
CA THR G 49 -70.28 -45.40 -40.72
C THR G 49 -69.18 -46.35 -41.19
N ARG G 50 -68.89 -46.36 -42.48
CA ARG G 50 -67.80 -47.16 -43.01
C ARG G 50 -66.46 -46.47 -42.80
N LEU G 51 -66.48 -45.14 -42.67
CA LEU G 51 -65.27 -44.40 -42.32
C LEU G 51 -64.79 -44.85 -40.95
N GLU G 52 -65.74 -45.09 -40.08
CA GLU G 52 -65.48 -45.67 -38.76
C GLU G 52 -64.67 -46.95 -38.89
N ARG G 53 -65.25 -47.94 -39.57
CA ARG G 53 -64.64 -49.24 -39.76
C ARG G 53 -63.28 -49.15 -40.45
N ILE G 54 -63.12 -48.14 -41.31
CA ILE G 54 -61.89 -47.97 -42.08
C ILE G 54 -60.75 -47.44 -41.21
N ALA G 55 -61.02 -46.41 -40.42
CA ALA G 55 -60.03 -45.91 -39.48
C ALA G 55 -59.72 -46.99 -38.46
N ASN G 56 -60.79 -47.66 -38.02
CA ASN G 56 -60.71 -48.81 -37.13
C ASN G 56 -59.70 -49.84 -37.62
N PHE G 57 -59.87 -50.27 -38.86
CA PHE G 57 -59.02 -51.30 -39.45
C PHE G 57 -57.62 -50.77 -39.65
N LEU G 58 -57.50 -49.50 -40.01
CA LEU G 58 -56.21 -48.89 -40.26
C LEU G 58 -55.49 -48.48 -38.98
N ARG G 59 -56.09 -48.76 -37.83
CA ARG G 59 -55.43 -48.47 -36.57
C ARG G 59 -55.21 -49.73 -35.73
N ILE G 60 -56.10 -50.70 -35.87
CA ILE G 60 -56.00 -51.97 -35.14
C ILE G 60 -55.00 -52.90 -35.80
N TYR G 61 -55.03 -52.96 -37.13
CA TYR G 61 -54.15 -53.84 -37.90
C TYR G 61 -52.67 -53.51 -37.68
N ARG G 62 -52.40 -52.27 -37.26
CA ARG G 62 -51.05 -51.78 -37.04
C ARG G 62 -50.14 -52.68 -36.20
N ARG G 63 -50.74 -53.40 -35.27
CA ARG G 63 -49.98 -54.02 -34.18
C ARG G 63 -49.62 -55.48 -34.41
N GLN G 64 -50.63 -56.33 -34.38
CA GLN G 64 -50.46 -57.77 -34.24
C GLN G 64 -49.83 -58.48 -35.46
N ALA G 65 -49.19 -57.73 -36.35
CA ALA G 65 -48.63 -58.32 -37.55
C ALA G 65 -47.09 -58.30 -37.55
N SER G 66 -46.50 -58.78 -38.63
CA SER G 66 -45.05 -58.75 -38.80
C SER G 66 -44.69 -57.98 -40.07
N GLU G 67 -45.64 -57.91 -41.00
CA GLU G 67 -45.50 -57.11 -42.20
C GLU G 67 -46.85 -56.94 -42.89
N LEU G 68 -46.88 -56.20 -44.00
CA LEU G 68 -48.12 -55.97 -44.73
C LEU G 68 -48.36 -57.09 -45.73
N GLY G 69 -49.04 -58.15 -45.29
CA GLY G 69 -49.37 -59.26 -46.15
C GLY G 69 -50.87 -59.44 -46.31
N PRO G 70 -51.55 -59.82 -45.22
CA PRO G 70 -53.01 -60.05 -45.23
C PRO G 70 -53.83 -58.77 -45.40
N LEU G 71 -53.54 -58.03 -46.47
CA LEU G 71 -54.35 -56.90 -46.89
C LEU G 71 -54.13 -56.74 -48.38
N ILE G 72 -53.19 -57.55 -48.89
CA ILE G 72 -52.90 -57.63 -50.30
C ILE G 72 -53.31 -59.01 -50.81
N ASP G 73 -53.18 -60.00 -49.94
CA ASP G 73 -53.69 -61.34 -50.23
C ASP G 73 -55.21 -61.34 -50.13
N PHE G 74 -55.75 -60.28 -49.53
CA PHE G 74 -57.19 -60.14 -49.36
C PHE G 74 -57.82 -59.29 -50.46
N PHE G 75 -57.19 -58.17 -50.79
CA PHE G 75 -57.74 -57.26 -51.78
C PHE G 75 -57.80 -57.93 -53.16
N ASN G 76 -56.90 -58.86 -53.40
CA ASN G 76 -56.92 -59.65 -54.63
C ASN G 76 -57.98 -60.74 -54.59
N TYR G 77 -58.58 -60.92 -53.43
CA TYR G 77 -59.60 -61.95 -53.21
C TYR G 77 -61.00 -61.40 -53.42
N ASN G 78 -61.18 -60.12 -53.09
CA ASN G 78 -62.51 -59.56 -52.87
C ASN G 78 -63.05 -58.69 -54.01
N ASN G 79 -62.64 -58.99 -55.24
CA ASN G 79 -63.01 -58.19 -56.40
C ASN G 79 -62.67 -56.71 -56.17
N GLN G 80 -61.58 -56.49 -55.44
CA GLN G 80 -61.09 -55.15 -55.15
C GLN G 80 -59.61 -55.06 -55.48
N SER G 81 -59.26 -55.50 -56.69
CA SER G 81 -57.87 -55.60 -57.10
C SER G 81 -57.22 -54.24 -57.34
N HIS G 82 -58.06 -53.22 -57.49
CA HIS G 82 -57.58 -51.85 -57.76
C HIS G 82 -56.65 -51.36 -56.66
N LEU G 83 -56.98 -51.68 -55.41
CA LEU G 83 -56.15 -51.33 -54.27
C LEU G 83 -54.98 -52.29 -54.14
N ALA G 84 -55.28 -53.58 -54.27
CA ALA G 84 -54.30 -54.66 -54.17
C ALA G 84 -53.07 -54.40 -55.01
N ASP G 85 -53.30 -54.18 -56.30
CA ASP G 85 -52.21 -53.98 -57.23
C ASP G 85 -51.45 -52.69 -56.92
N PHE G 86 -52.16 -51.66 -56.49
CA PHE G 86 -51.55 -50.41 -56.06
C PHE G 86 -50.50 -50.68 -54.97
N LEU G 87 -50.92 -51.34 -53.90
CA LEU G 87 -50.02 -51.55 -52.77
C LEU G 87 -48.96 -52.63 -53.03
N GLU G 88 -49.26 -53.56 -53.93
CA GLU G 88 -48.32 -54.63 -54.29
C GLU G 88 -47.25 -54.07 -55.23
N ASP G 89 -47.60 -52.97 -55.88
CA ASP G 89 -46.74 -52.26 -56.82
C ASP G 89 -45.88 -51.33 -55.98
N TYR G 90 -46.51 -50.83 -54.93
CA TYR G 90 -45.86 -49.98 -53.94
C TYR G 90 -44.92 -50.74 -53.01
N ILE G 91 -45.11 -52.04 -52.87
CA ILE G 91 -44.19 -52.83 -52.05
C ILE G 91 -43.06 -53.29 -52.96
N ASP G 92 -43.31 -53.19 -54.26
CA ASP G 92 -42.36 -53.57 -55.30
C ASP G 92 -41.23 -52.55 -55.26
N PHE G 93 -41.58 -51.28 -55.39
CA PHE G 93 -40.59 -50.20 -55.43
C PHE G 93 -40.08 -49.96 -54.01
N ALA G 94 -40.55 -50.77 -53.07
CA ALA G 94 -40.13 -50.69 -51.68
C ALA G 94 -39.06 -51.74 -51.40
N ILE G 95 -39.42 -53.00 -51.60
CA ILE G 95 -38.50 -54.13 -51.45
C ILE G 95 -37.48 -54.27 -52.57
N ASN G 96 -37.96 -54.54 -53.78
CA ASN G 96 -37.10 -54.70 -54.95
C ASN G 96 -36.31 -53.47 -55.38
N GLU G 97 -36.45 -52.39 -54.63
CA GLU G 97 -35.89 -51.11 -55.05
C GLU G 97 -35.03 -50.52 -53.96
N PRO G 98 -33.71 -50.75 -53.99
CA PRO G 98 -32.93 -50.19 -52.88
C PRO G 98 -33.00 -48.68 -52.97
N ASP G 99 -32.82 -48.18 -54.20
CA ASP G 99 -32.86 -46.76 -54.53
C ASP G 99 -34.28 -46.20 -54.41
N LEU G 100 -34.48 -45.22 -53.51
CA LEU G 100 -35.81 -44.64 -53.43
C LEU G 100 -35.71 -43.10 -53.36
N LEU G 101 -36.07 -42.49 -52.24
CA LEU G 101 -36.16 -41.03 -52.21
C LEU G 101 -34.88 -40.27 -51.86
N ARG G 102 -34.41 -40.43 -50.62
CA ARG G 102 -33.32 -39.63 -50.02
C ARG G 102 -33.92 -38.25 -49.68
N PRO G 103 -33.67 -37.74 -48.46
CA PRO G 103 -34.26 -36.48 -47.97
C PRO G 103 -33.99 -35.22 -48.79
N VAL G 104 -34.92 -34.84 -49.66
CA VAL G 104 -34.75 -33.67 -50.52
C VAL G 104 -36.05 -32.88 -50.71
N VAL G 105 -36.59 -32.89 -51.92
CA VAL G 105 -37.80 -32.12 -52.26
C VAL G 105 -38.78 -32.85 -53.18
N ILE G 106 -40.01 -33.03 -52.72
CA ILE G 106 -41.04 -33.68 -53.54
C ILE G 106 -42.32 -32.83 -53.51
N ALA G 107 -42.23 -31.70 -52.81
CA ALA G 107 -43.31 -30.72 -52.79
C ALA G 107 -42.74 -29.32 -52.97
N PRO G 108 -43.49 -28.43 -53.64
CA PRO G 108 -42.95 -27.10 -53.91
C PRO G 108 -42.98 -26.19 -52.70
N GLN G 109 -42.56 -24.94 -52.90
CA GLN G 109 -42.59 -23.91 -51.86
C GLN G 109 -41.76 -24.28 -50.65
N PHE G 110 -40.53 -24.73 -50.87
CA PHE G 110 -39.64 -24.92 -49.75
C PHE G 110 -39.33 -23.56 -49.16
N SER G 111 -39.03 -22.57 -50.00
CA SER G 111 -38.58 -21.30 -49.44
C SER G 111 -39.64 -20.60 -48.59
N ARG G 112 -40.71 -21.30 -48.21
CA ARG G 112 -41.71 -20.68 -47.38
C ARG G 112 -41.87 -21.61 -46.19
N GLN G 113 -41.46 -22.86 -46.41
CA GLN G 113 -41.39 -23.89 -45.39
C GLN G 113 -40.17 -23.74 -44.50
N MSE G 114 -39.07 -23.35 -45.12
CA MSE G 114 -37.82 -23.06 -44.41
C MSE G 114 -37.60 -21.57 -44.29
O MSE G 114 -37.76 -20.99 -43.21
CB MSE G 114 -36.62 -23.69 -45.13
CG MSE G 114 -35.28 -23.32 -44.49
SE MSE G 114 -33.77 -23.31 -45.73
CE MSE G 114 -34.25 -21.75 -46.79
N LEU G 115 -37.24 -20.96 -45.42
CA LEU G 115 -36.80 -19.57 -45.51
C LEU G 115 -37.62 -18.68 -44.61
N ASP G 116 -38.93 -18.86 -44.61
CA ASP G 116 -39.69 -17.97 -43.77
C ASP G 116 -40.40 -18.62 -42.60
N ARG G 117 -41.10 -19.74 -42.78
CA ARG G 117 -41.54 -20.49 -41.61
C ARG G 117 -40.48 -20.92 -40.55
N LYS G 118 -39.47 -21.66 -41.02
CA LYS G 118 -38.42 -22.18 -40.12
C LYS G 118 -37.41 -21.22 -39.55
N LEU G 119 -36.93 -20.31 -40.38
CA LEU G 119 -35.99 -19.32 -39.91
C LEU G 119 -36.64 -18.46 -38.85
N LEU G 120 -37.79 -17.90 -39.19
CA LEU G 120 -38.52 -17.03 -38.27
C LEU G 120 -38.84 -17.75 -36.98
N LEU G 121 -39.29 -19.01 -37.07
CA LEU G 121 -39.70 -19.67 -35.84
C LEU G 121 -38.50 -20.07 -35.01
N GLY G 122 -37.36 -20.25 -35.68
CA GLY G 122 -36.13 -20.56 -34.99
C GLY G 122 -35.39 -19.29 -34.64
N ASN G 123 -36.09 -18.17 -34.79
CA ASN G 123 -35.59 -16.84 -34.46
C ASN G 123 -34.29 -16.47 -35.16
N VAL G 124 -34.09 -16.98 -36.37
CA VAL G 124 -32.97 -16.57 -37.20
C VAL G 124 -33.28 -15.19 -37.80
N PRO G 125 -32.33 -14.24 -37.69
CA PRO G 125 -32.48 -12.87 -38.18
C PRO G 125 -32.47 -12.79 -39.70
N LYS G 126 -33.08 -11.73 -40.23
CA LYS G 126 -33.32 -11.60 -41.66
C LYS G 126 -32.05 -11.33 -42.45
N GLN G 127 -31.28 -12.40 -42.70
CA GLN G 127 -30.04 -12.38 -43.49
C GLN G 127 -29.80 -11.14 -44.35
N MSE G 128 -28.54 -10.71 -44.43
CA MSE G 128 -28.23 -9.53 -45.23
C MSE G 128 -28.10 -9.90 -46.70
O MSE G 128 -27.73 -11.03 -47.05
CB MSE G 128 -27.02 -8.81 -44.68
CG MSE G 128 -27.32 -8.29 -43.29
SE MSE G 128 -26.41 -6.65 -42.79
CE MSE G 128 -26.83 -5.63 -44.37
N THR G 129 -28.39 -8.93 -47.55
CA THR G 129 -28.61 -9.16 -48.96
C THR G 129 -27.75 -8.27 -49.86
N CYS G 130 -27.61 -7.01 -49.48
CA CYS G 130 -26.91 -6.06 -50.35
C CYS G 130 -25.40 -6.31 -50.47
N TYR G 131 -24.82 -7.11 -49.58
CA TYR G 131 -23.46 -7.59 -49.83
C TYR G 131 -23.25 -8.88 -49.06
N ILE G 132 -22.62 -9.87 -49.70
CA ILE G 132 -22.32 -11.12 -49.01
C ILE G 132 -20.84 -11.44 -49.13
N ARG G 133 -20.18 -11.71 -48.00
CA ARG G 133 -18.81 -12.16 -48.04
C ARG G 133 -18.79 -13.63 -48.48
N GLU G 134 -18.49 -13.89 -49.75
CA GLU G 134 -18.53 -15.26 -50.28
C GLU G 134 -17.78 -16.25 -49.41
N TYR G 135 -16.45 -16.14 -49.41
CA TYR G 135 -15.56 -17.10 -48.75
C TYR G 135 -16.12 -17.56 -47.42
N HIS G 136 -16.45 -16.61 -46.54
CA HIS G 136 -16.75 -16.97 -45.17
C HIS G 136 -18.11 -17.66 -45.06
N VAL G 137 -19.17 -17.03 -45.55
CA VAL G 137 -20.49 -17.66 -45.51
C VAL G 137 -20.49 -19.05 -46.15
N ASP G 138 -19.69 -19.20 -47.21
CA ASP G 138 -19.54 -20.48 -47.90
C ASP G 138 -18.88 -21.49 -46.96
N ARG G 139 -17.77 -21.14 -46.32
CA ARG G 139 -17.05 -22.12 -45.52
C ARG G 139 -17.92 -22.48 -44.33
N VAL G 140 -18.68 -21.52 -43.82
CA VAL G 140 -19.69 -21.85 -42.82
C VAL G 140 -20.68 -22.91 -43.29
N ILE G 141 -21.32 -22.69 -44.45
CA ILE G 141 -22.33 -23.64 -44.92
C ILE G 141 -21.69 -25.02 -45.13
N LYS G 142 -20.49 -25.00 -45.72
CA LYS G 142 -19.71 -26.19 -45.97
C LYS G 142 -19.47 -26.99 -44.69
N LYS G 143 -18.83 -26.32 -43.74
CA LYS G 143 -18.42 -26.90 -42.49
C LYS G 143 -19.62 -27.29 -41.64
N LEU G 144 -20.80 -26.76 -41.97
CA LEU G 144 -22.00 -27.21 -41.28
C LEU G 144 -22.53 -28.49 -41.91
N ASP G 145 -22.48 -28.54 -43.24
CA ASP G 145 -22.84 -29.76 -43.98
C ASP G 145 -22.01 -30.98 -43.62
N GLU G 146 -20.71 -30.78 -43.42
CA GLU G 146 -19.83 -31.91 -43.17
C GLU G 146 -20.15 -32.60 -41.83
N MSE G 147 -20.94 -31.93 -40.99
CA MSE G 147 -21.12 -32.36 -39.61
C MSE G 147 -22.55 -32.78 -39.19
O MSE G 147 -22.72 -33.29 -38.09
CB MSE G 147 -20.61 -31.27 -38.66
CG MSE G 147 -19.25 -30.71 -39.04
SE MSE G 147 -18.63 -29.23 -37.95
CE MSE G 147 -16.97 -28.83 -38.88
N CYS G 148 -23.56 -32.54 -40.03
CA CYS G 148 -24.93 -32.95 -39.65
C CYS G 148 -25.14 -34.42 -39.25
N ASP G 149 -24.25 -35.29 -39.68
CA ASP G 149 -24.27 -36.71 -39.27
C ASP G 149 -23.89 -36.86 -37.81
N LEU G 150 -22.82 -36.16 -37.45
CA LEU G 150 -22.24 -36.12 -36.11
C LEU G 150 -23.22 -35.83 -34.98
N ASP G 151 -22.91 -36.35 -33.79
CA ASP G 151 -23.80 -36.28 -32.63
C ASP G 151 -23.71 -34.97 -31.83
N SER G 152 -22.54 -34.32 -31.86
CA SER G 152 -22.34 -33.05 -31.15
C SER G 152 -21.02 -32.42 -31.56
N PHE G 153 -21.02 -31.11 -31.75
CA PHE G 153 -19.87 -30.41 -32.29
C PHE G 153 -20.00 -28.91 -32.10
N PHE G 154 -18.86 -28.22 -32.02
CA PHE G 154 -18.85 -26.77 -31.91
C PHE G 154 -18.31 -26.08 -33.16
N LEU G 155 -19.05 -25.12 -33.72
CA LEU G 155 -18.48 -24.29 -34.77
C LEU G 155 -18.35 -22.86 -34.27
N PHE G 156 -17.11 -22.39 -34.23
CA PHE G 156 -16.80 -21.07 -33.70
C PHE G 156 -16.56 -20.08 -34.83
N LEU G 157 -17.56 -19.25 -35.10
CA LEU G 157 -17.42 -18.20 -36.08
C LEU G 157 -16.92 -16.97 -35.33
N HIS G 158 -15.62 -16.98 -35.02
CA HIS G 158 -15.03 -15.94 -34.17
C HIS G 158 -14.33 -14.81 -34.93
N GLY G 159 -14.51 -13.60 -34.43
CA GLY G 159 -13.85 -12.44 -35.00
C GLY G 159 -13.83 -11.22 -34.09
N ARG G 160 -13.28 -10.14 -34.63
CA ARG G 160 -13.36 -8.80 -34.05
C ARG G 160 -14.78 -8.40 -33.64
N ALA G 161 -14.89 -7.26 -32.98
CA ALA G 161 -16.20 -6.75 -32.62
C ALA G 161 -16.67 -5.97 -33.84
N GLY G 162 -17.94 -6.13 -34.19
CA GLY G 162 -18.45 -5.55 -35.42
C GLY G 162 -17.85 -6.15 -36.67
N SER G 163 -17.10 -7.24 -36.52
CA SER G 163 -16.42 -7.86 -37.65
C SER G 163 -17.40 -8.56 -38.59
N GLY G 164 -18.66 -8.70 -38.18
CA GLY G 164 -19.69 -9.18 -39.06
C GLY G 164 -20.13 -10.63 -38.97
N LYS G 165 -19.73 -11.32 -37.91
CA LYS G 165 -20.02 -12.74 -37.75
C LYS G 165 -21.50 -13.15 -37.74
N SER G 166 -22.31 -12.46 -36.93
CA SER G 166 -23.68 -12.91 -36.76
C SER G 166 -24.46 -12.81 -38.04
N VAL G 167 -24.21 -11.74 -38.77
CA VAL G 167 -24.87 -11.51 -40.04
C VAL G 167 -24.52 -12.63 -41.02
N ILE G 168 -23.23 -12.98 -41.07
CA ILE G 168 -22.75 -14.10 -41.87
C ILE G 168 -23.43 -15.41 -41.49
N ALA G 169 -23.75 -15.56 -40.21
CA ALA G 169 -24.42 -16.78 -39.75
C ALA G 169 -25.88 -16.74 -40.19
N SER G 170 -26.40 -15.53 -40.27
CA SER G 170 -27.76 -15.27 -40.69
C SER G 170 -27.89 -15.67 -42.15
N GLN G 171 -26.83 -15.45 -42.92
CA GLN G 171 -26.82 -15.67 -44.35
C GLN G 171 -26.54 -17.14 -44.67
N ALA G 172 -25.64 -17.73 -43.90
CA ALA G 172 -25.25 -19.14 -44.07
C ALA G 172 -26.40 -20.10 -43.76
N LEU G 173 -27.33 -19.66 -42.93
CA LEU G 173 -28.55 -20.42 -42.66
C LEU G 173 -29.72 -19.95 -43.49
N SER G 174 -29.46 -19.10 -44.48
CA SER G 174 -30.52 -18.50 -45.27
C SER G 174 -30.35 -18.71 -46.77
N LYS G 175 -29.15 -19.04 -47.19
CA LYS G 175 -28.89 -19.33 -48.60
C LYS G 175 -29.46 -20.67 -49.02
N SER G 176 -28.74 -21.75 -48.69
CA SER G 176 -29.16 -23.11 -49.01
C SER G 176 -30.57 -23.47 -48.56
N ASP G 177 -31.03 -24.63 -49.02
CA ASP G 177 -32.24 -25.22 -48.47
C ASP G 177 -31.85 -26.50 -47.76
N GLN G 178 -30.54 -26.80 -47.77
CA GLN G 178 -30.07 -28.06 -47.22
C GLN G 178 -29.92 -28.04 -45.70
N LEU G 179 -29.18 -27.05 -45.20
CA LEU G 179 -28.89 -26.98 -43.76
C LEU G 179 -30.16 -27.08 -42.93
N ILE G 180 -31.19 -26.36 -43.36
CA ILE G 180 -32.49 -26.46 -42.70
C ILE G 180 -33.48 -27.23 -43.58
N GLY G 181 -33.80 -28.44 -43.16
CA GLY G 181 -34.70 -29.32 -43.89
C GLY G 181 -34.04 -30.63 -44.32
N ILE G 182 -32.89 -30.51 -44.98
CA ILE G 182 -32.13 -31.65 -45.49
C ILE G 182 -31.13 -32.18 -44.47
N ASN G 183 -30.25 -31.30 -43.99
CA ASN G 183 -29.18 -31.65 -43.06
C ASN G 183 -29.60 -31.57 -41.60
N TYR G 184 -30.37 -30.54 -41.26
CA TYR G 184 -30.90 -30.42 -39.91
C TYR G 184 -32.40 -30.14 -39.98
N ASP G 185 -33.13 -30.74 -39.06
CA ASP G 185 -34.59 -30.66 -39.04
C ASP G 185 -35.09 -29.31 -38.58
N SER G 186 -34.51 -28.79 -37.49
CA SER G 186 -34.97 -27.52 -36.95
C SER G 186 -33.81 -26.56 -36.66
N ILE G 187 -34.17 -25.30 -36.43
CA ILE G 187 -33.22 -24.25 -36.06
C ILE G 187 -33.61 -23.53 -34.77
N VAL G 188 -32.63 -23.32 -33.90
CA VAL G 188 -32.78 -22.48 -32.71
C VAL G 188 -31.70 -21.39 -32.64
N TRP G 189 -32.08 -20.12 -32.83
CA TRP G 189 -31.07 -19.06 -32.86
C TRP G 189 -31.30 -18.15 -31.65
N LEU G 190 -30.32 -18.14 -30.75
CA LEU G 190 -30.39 -17.45 -29.45
C LEU G 190 -29.28 -16.47 -29.11
N LYS G 191 -29.64 -15.28 -28.64
CA LYS G 191 -28.61 -14.36 -28.20
C LYS G 191 -28.24 -14.63 -26.75
N ASP G 192 -26.94 -14.79 -26.53
CA ASP G 192 -26.41 -15.11 -25.22
C ASP G 192 -26.15 -13.77 -24.54
N SER G 193 -24.91 -13.30 -24.68
CA SER G 193 -24.43 -12.03 -24.15
C SER G 193 -24.38 -12.01 -22.63
N GLY G 194 -24.25 -13.18 -22.03
CA GLY G 194 -24.26 -13.30 -20.58
C GLY G 194 -22.97 -12.97 -19.86
N THR G 195 -23.08 -12.18 -18.80
CA THR G 195 -21.91 -11.72 -18.06
C THR G 195 -22.08 -12.14 -16.61
N ALA G 196 -23.28 -11.96 -16.10
CA ALA G 196 -23.64 -12.42 -14.76
C ALA G 196 -23.52 -13.94 -14.67
N PRO G 197 -23.52 -14.47 -13.45
CA PRO G 197 -23.50 -15.93 -13.28
C PRO G 197 -24.89 -16.54 -13.42
N LYS G 198 -25.92 -15.71 -13.29
CA LYS G 198 -27.29 -16.18 -13.50
C LYS G 198 -27.65 -16.27 -14.98
N SER G 199 -26.83 -15.68 -15.83
CA SER G 199 -27.13 -15.58 -17.26
C SER G 199 -27.07 -16.91 -18.03
N THR G 200 -26.10 -17.73 -17.67
CA THR G 200 -25.85 -19.00 -18.34
C THR G 200 -26.94 -20.04 -18.06
N PHE G 201 -27.73 -19.80 -17.01
CA PHE G 201 -28.85 -20.68 -16.70
C PHE G 201 -30.12 -20.17 -17.37
N ASP G 202 -30.30 -18.85 -17.34
CA ASP G 202 -31.47 -18.21 -17.93
C ASP G 202 -31.50 -18.47 -19.43
N LEU G 203 -30.30 -18.53 -20.00
CA LEU G 203 -30.15 -18.76 -21.43
C LEU G 203 -30.83 -20.08 -21.75
N PHE G 204 -30.36 -21.14 -21.10
CA PHE G 204 -30.86 -22.49 -21.36
C PHE G 204 -32.30 -22.69 -20.86
N THR G 205 -32.80 -21.74 -20.08
CA THR G 205 -34.22 -21.69 -19.76
C THR G 205 -34.97 -21.30 -21.02
N ASP G 206 -34.35 -20.44 -21.82
CA ASP G 206 -35.06 -19.95 -22.99
C ASP G 206 -34.75 -20.86 -24.16
N ILE G 207 -33.71 -21.69 -24.01
CA ILE G 207 -33.55 -22.82 -24.92
C ILE G 207 -34.70 -23.79 -24.68
N LEU G 208 -34.68 -24.46 -23.53
CA LEU G 208 -35.79 -25.27 -23.02
C LEU G 208 -37.19 -24.80 -23.49
N LEU G 209 -37.38 -23.48 -23.54
CA LEU G 209 -38.66 -22.94 -24.02
C LEU G 209 -38.72 -22.72 -25.55
N MSE G 210 -37.57 -22.50 -26.19
CA MSE G 210 -37.48 -22.51 -27.65
C MSE G 210 -37.85 -23.88 -28.21
O MSE G 210 -38.30 -24.01 -29.35
CB MSE G 210 -36.06 -22.14 -28.11
CG MSE G 210 -35.80 -20.65 -28.21
SE MSE G 210 -37.17 -19.71 -29.22
CE MSE G 210 -37.08 -20.75 -30.86
N LEU G 211 -37.67 -24.90 -27.38
CA LEU G 211 -38.00 -26.28 -27.71
C LEU G 211 -39.48 -26.57 -27.50
N LYS G 212 -40.01 -26.16 -26.35
CA LYS G 212 -41.36 -26.53 -25.95
C LYS G 212 -42.45 -26.18 -26.96
N SER G 213 -43.40 -27.08 -27.09
CA SER G 213 -44.50 -27.00 -28.03
C SER G 213 -45.32 -25.72 -27.81
N GLU G 214 -46.03 -25.27 -28.84
CA GLU G 214 -46.91 -24.10 -28.71
C GLU G 214 -47.94 -24.36 -27.61
N ASP G 215 -48.43 -25.60 -27.50
CA ASP G 215 -49.17 -25.95 -26.31
C ASP G 215 -48.16 -25.90 -25.18
N ASP G 216 -48.62 -25.53 -24.01
CA ASP G 216 -47.80 -25.39 -22.81
C ASP G 216 -46.68 -24.35 -23.00
N LEU G 217 -47.02 -23.19 -23.55
CA LEU G 217 -46.25 -21.96 -23.30
C LEU G 217 -47.08 -21.10 -22.36
N LEU G 218 -48.37 -21.42 -22.36
CA LEU G 218 -49.37 -20.91 -21.42
C LEU G 218 -49.05 -21.47 -20.04
N ASN G 219 -48.81 -22.78 -20.02
CA ASN G 219 -48.49 -23.52 -18.82
C ASN G 219 -47.11 -23.21 -18.24
N PHE G 220 -46.30 -22.42 -18.95
CA PHE G 220 -44.99 -22.00 -18.45
C PHE G 220 -45.05 -21.69 -16.95
N PRO G 221 -44.30 -22.47 -16.15
CA PRO G 221 -44.19 -22.25 -14.71
C PRO G 221 -43.19 -21.19 -14.29
N SER G 222 -43.15 -20.92 -12.99
CA SER G 222 -42.10 -20.12 -12.38
C SER G 222 -40.82 -21.00 -12.38
N VAL G 223 -40.43 -21.46 -13.55
CA VAL G 223 -39.24 -22.31 -13.74
C VAL G 223 -37.93 -21.66 -13.32
N GLU G 224 -37.93 -20.34 -13.23
CA GLU G 224 -36.82 -19.55 -12.67
C GLU G 224 -36.17 -20.17 -11.42
N HIS G 225 -36.95 -20.85 -10.59
CA HIS G 225 -36.41 -21.53 -9.42
C HIS G 225 -36.61 -23.04 -9.49
N VAL G 226 -35.55 -23.71 -9.91
CA VAL G 226 -35.50 -25.14 -10.15
C VAL G 226 -34.04 -25.44 -10.47
N THR G 227 -33.52 -26.55 -9.95
CA THR G 227 -32.07 -26.80 -10.02
C THR G 227 -31.55 -26.82 -11.47
N SER G 228 -30.23 -26.72 -11.62
CA SER G 228 -29.62 -26.79 -12.94
C SER G 228 -29.70 -28.17 -13.57
N VAL G 229 -29.52 -29.21 -12.74
CA VAL G 229 -29.60 -30.60 -13.17
C VAL G 229 -30.97 -30.97 -13.74
N VAL G 230 -31.98 -30.25 -13.26
CA VAL G 230 -33.35 -30.54 -13.65
C VAL G 230 -33.67 -29.77 -14.91
N LEU G 231 -33.31 -28.49 -15.00
CA LEU G 231 -33.44 -27.79 -16.28
C LEU G 231 -32.71 -28.51 -17.43
N LYS G 232 -31.52 -29.03 -17.13
CA LYS G 232 -30.68 -29.76 -18.09
C LYS G 232 -31.38 -31.06 -18.50
N ARG G 233 -31.88 -31.78 -17.50
CA ARG G 233 -32.58 -33.04 -17.73
C ARG G 233 -33.88 -32.76 -18.48
N MSE G 234 -34.59 -31.71 -18.09
CA MSE G 234 -35.81 -31.22 -18.72
C MSE G 234 -35.59 -30.89 -20.20
O MSE G 234 -36.51 -31.04 -21.02
CB MSE G 234 -36.36 -30.00 -18.00
CG MSE G 234 -37.61 -30.26 -17.19
SE MSE G 234 -38.46 -28.61 -16.56
CE MSE G 234 -37.09 -28.04 -15.30
N ILE G 235 -34.40 -30.41 -20.53
CA ILE G 235 -34.09 -30.11 -21.92
C ILE G 235 -33.88 -31.42 -22.64
N CYS G 236 -32.95 -32.26 -22.17
CA CYS G 236 -32.67 -33.49 -22.90
C CYS G 236 -33.93 -34.37 -22.95
N ASN G 237 -34.86 -34.08 -22.03
CA ASN G 237 -36.21 -34.60 -22.08
C ASN G 237 -36.87 -34.02 -23.32
N ALA G 238 -37.31 -32.76 -23.23
CA ALA G 238 -37.92 -32.09 -24.37
C ALA G 238 -37.06 -32.17 -25.64
N LEU G 239 -35.89 -32.78 -25.53
CA LEU G 239 -34.98 -32.91 -26.65
C LEU G 239 -35.25 -34.22 -27.37
N ILE G 240 -36.13 -35.05 -26.80
CA ILE G 240 -36.48 -36.28 -27.48
C ILE G 240 -37.21 -35.86 -28.76
N ASP G 241 -38.20 -34.97 -28.65
CA ASP G 241 -38.95 -34.57 -29.84
C ASP G 241 -38.10 -33.82 -30.87
N ARG G 242 -36.80 -33.68 -30.62
CA ARG G 242 -35.96 -32.94 -31.55
C ARG G 242 -34.69 -33.63 -32.09
N PRO G 243 -34.86 -34.45 -33.14
CA PRO G 243 -33.79 -35.06 -33.95
C PRO G 243 -33.05 -33.95 -34.72
N ASN G 244 -31.77 -34.15 -35.04
CA ASN G 244 -30.92 -33.16 -35.70
C ASN G 244 -31.42 -31.71 -35.68
N THR G 245 -31.09 -31.03 -34.59
CA THR G 245 -31.46 -29.63 -34.35
C THR G 245 -30.21 -28.76 -34.34
N LEU G 246 -30.23 -27.67 -35.11
CA LEU G 246 -29.09 -26.78 -35.12
C LEU G 246 -29.27 -25.67 -34.08
N PHE G 247 -28.17 -25.33 -33.43
CA PHE G 247 -28.17 -24.30 -32.40
C PHE G 247 -27.25 -23.14 -32.76
N VAL G 248 -27.79 -21.96 -32.98
CA VAL G 248 -26.93 -20.78 -33.07
C VAL G 248 -26.86 -20.09 -31.71
N PHE G 249 -25.64 -19.89 -31.24
CA PHE G 249 -25.39 -19.21 -29.98
C PHE G 249 -24.73 -17.87 -30.27
N ASP G 250 -25.56 -16.91 -30.65
CA ASP G 250 -25.06 -15.63 -31.10
C ASP G 250 -24.50 -14.86 -29.90
N ASP G 251 -23.22 -14.50 -29.95
CA ASP G 251 -22.57 -13.63 -28.97
C ASP G 251 -22.32 -14.30 -27.62
N VAL G 252 -21.47 -15.32 -27.58
CA VAL G 252 -21.09 -15.94 -26.31
C VAL G 252 -19.93 -15.22 -25.62
N VAL G 253 -20.07 -14.93 -24.33
CA VAL G 253 -18.97 -14.42 -23.52
C VAL G 253 -18.40 -15.34 -22.43
N GLN G 254 -19.28 -16.06 -21.74
CA GLN G 254 -18.89 -17.00 -20.66
C GLN G 254 -18.65 -18.43 -21.15
N GLU G 255 -17.49 -19.00 -20.83
CA GLU G 255 -17.21 -20.41 -21.18
C GLU G 255 -18.12 -21.41 -20.46
N GLU G 256 -18.99 -20.90 -19.61
CA GLU G 256 -19.95 -21.73 -18.90
C GLU G 256 -21.08 -22.12 -19.82
N THR G 257 -21.55 -21.16 -20.63
CA THR G 257 -22.39 -21.47 -21.79
C THR G 257 -21.82 -22.73 -22.47
N ILE G 258 -20.69 -22.60 -23.17
CA ILE G 258 -20.01 -23.72 -23.84
C ILE G 258 -19.96 -25.01 -23.02
N ARG G 259 -19.79 -24.88 -21.71
CA ARG G 259 -19.80 -26.09 -20.88
C ARG G 259 -21.20 -26.70 -20.83
N TRP G 260 -22.24 -25.89 -20.76
CA TRP G 260 -23.60 -26.42 -20.78
C TRP G 260 -23.90 -27.05 -22.14
N ALA G 261 -23.57 -26.32 -23.21
CA ALA G 261 -23.70 -26.83 -24.56
C ALA G 261 -23.05 -28.21 -24.69
N GLN G 262 -21.99 -28.43 -23.92
CA GLN G 262 -21.24 -29.68 -23.99
C GLN G 262 -21.72 -30.75 -23.00
N GLU G 263 -22.48 -30.33 -21.99
CA GLU G 263 -23.08 -31.29 -21.07
C GLU G 263 -24.33 -31.84 -21.72
N LEU G 264 -24.93 -31.00 -22.56
CA LEU G 264 -26.17 -31.32 -23.23
C LEU G 264 -25.93 -31.97 -24.59
N ARG G 265 -24.69 -32.31 -24.89
CA ARG G 265 -24.30 -32.95 -26.15
C ARG G 265 -25.01 -32.33 -27.36
N LEU G 266 -24.95 -31.00 -27.41
CA LEU G 266 -25.61 -30.20 -28.45
C LEU G 266 -24.75 -29.96 -29.69
N ARG G 267 -25.43 -29.61 -30.79
CA ARG G 267 -24.79 -29.24 -32.04
C ARG G 267 -24.81 -27.72 -32.18
N CYS G 268 -23.63 -27.10 -32.11
CA CYS G 268 -23.57 -25.64 -32.01
C CYS G 268 -22.77 -24.84 -33.04
N LEU G 269 -23.44 -23.87 -33.64
CA LEU G 269 -22.80 -22.73 -34.27
C LEU G 269 -22.67 -21.72 -33.14
N VAL G 270 -21.57 -20.98 -33.09
CA VAL G 270 -21.31 -20.02 -32.02
C VAL G 270 -20.70 -18.74 -32.54
N THR G 271 -21.38 -17.60 -32.45
CA THR G 271 -20.62 -16.38 -32.72
C THR G 271 -20.04 -15.80 -31.44
N THR G 272 -18.77 -15.42 -31.50
CA THR G 272 -18.08 -14.89 -30.34
C THR G 272 -16.87 -14.04 -30.72
N ARG G 273 -16.37 -13.28 -29.75
CA ARG G 273 -15.16 -12.49 -29.94
C ARG G 273 -13.93 -13.09 -29.24
N ASP G 274 -14.15 -13.60 -28.03
CA ASP G 274 -13.10 -14.27 -27.25
C ASP G 274 -13.01 -15.74 -27.67
N VAL G 275 -11.87 -16.13 -28.21
CA VAL G 275 -11.69 -17.45 -28.81
C VAL G 275 -11.37 -18.59 -27.83
N GLU G 276 -10.80 -18.25 -26.68
CA GLU G 276 -10.29 -19.28 -25.75
C GLU G 276 -11.38 -20.10 -25.05
N ILE G 277 -12.63 -19.68 -25.17
CA ILE G 277 -13.76 -20.39 -24.58
C ILE G 277 -13.85 -21.84 -25.11
N SER G 278 -13.11 -22.12 -26.18
CA SER G 278 -13.18 -23.44 -26.79
C SER G 278 -12.37 -24.41 -25.98
N ASN G 279 -11.46 -23.88 -25.17
CA ASN G 279 -10.73 -24.73 -24.26
C ASN G 279 -11.70 -25.34 -23.23
N ALA G 280 -12.87 -24.72 -23.05
CA ALA G 280 -13.89 -25.32 -22.19
C ALA G 280 -14.36 -26.65 -22.76
N ALA G 281 -14.36 -26.75 -24.09
CA ALA G 281 -14.81 -27.95 -24.76
C ALA G 281 -13.66 -28.89 -25.08
N SER G 282 -13.75 -30.11 -24.58
CA SER G 282 -12.86 -31.20 -24.95
C SER G 282 -13.44 -32.02 -26.10
N GLN G 283 -13.20 -31.61 -27.34
CA GLN G 283 -13.99 -32.13 -28.46
C GLN G 283 -13.52 -31.73 -29.86
N THR G 284 -14.24 -32.25 -30.84
CA THR G 284 -14.13 -31.86 -32.25
C THR G 284 -14.36 -30.38 -32.50
N CYS G 285 -13.83 -29.53 -31.63
CA CYS G 285 -13.84 -28.10 -31.85
C CYS G 285 -13.17 -27.74 -33.16
N GLU G 286 -13.89 -26.99 -33.98
CA GLU G 286 -13.46 -26.57 -35.30
C GLU G 286 -13.65 -25.06 -35.35
N PHE G 287 -12.83 -24.36 -36.10
CA PHE G 287 -12.81 -22.91 -35.95
C PHE G 287 -12.87 -22.23 -37.31
N ILE G 288 -13.55 -21.09 -37.37
CA ILE G 288 -13.57 -20.26 -38.57
C ILE G 288 -13.44 -18.78 -38.19
N GLU G 289 -12.35 -18.15 -38.61
CA GLU G 289 -12.08 -16.77 -38.20
C GLU G 289 -12.55 -15.71 -39.19
N VAL G 290 -13.34 -14.76 -38.71
CA VAL G 290 -13.83 -13.67 -39.55
C VAL G 290 -12.79 -12.56 -39.53
N THR G 291 -11.93 -12.52 -40.56
CA THR G 291 -10.88 -11.51 -40.59
C THR G 291 -11.47 -10.13 -40.88
N SER G 292 -10.63 -9.11 -40.76
CA SER G 292 -11.04 -7.76 -41.13
C SER G 292 -11.27 -7.72 -42.63
N LEU G 293 -12.32 -7.03 -43.06
CA LEU G 293 -12.58 -6.92 -44.49
C LEU G 293 -11.39 -6.41 -45.29
N GLU G 294 -10.85 -7.28 -46.13
CA GLU G 294 -9.77 -6.94 -47.05
C GLU G 294 -10.15 -5.73 -47.90
N ILE G 295 -9.15 -5.05 -48.46
CA ILE G 295 -9.37 -3.77 -49.13
C ILE G 295 -10.35 -3.85 -50.32
N ASP G 296 -10.31 -4.99 -51.01
CA ASP G 296 -11.16 -5.18 -52.17
C ASP G 296 -12.58 -5.46 -51.70
N GLU G 297 -12.71 -6.24 -50.63
CA GLU G 297 -14.02 -6.50 -50.10
C GLU G 297 -14.64 -5.20 -49.61
N CYS G 298 -13.80 -4.28 -49.17
CA CYS G 298 -14.27 -2.98 -48.67
C CYS G 298 -14.84 -2.17 -49.84
N TYR G 299 -14.12 -2.22 -50.96
CA TYR G 299 -14.59 -1.54 -52.16
C TYR G 299 -15.96 -2.10 -52.46
N ASP G 300 -16.02 -3.42 -52.52
CA ASP G 300 -17.27 -4.13 -52.82
C ASP G 300 -18.41 -3.69 -51.89
N PHE G 301 -18.14 -3.59 -50.59
CA PHE G 301 -19.17 -3.17 -49.63
C PHE G 301 -19.68 -1.76 -49.95
N LEU G 302 -18.79 -0.91 -50.45
CA LEU G 302 -19.15 0.48 -50.79
C LEU G 302 -19.99 0.50 -52.07
N GLU G 303 -19.44 -0.14 -53.08
CA GLU G 303 -20.09 -0.38 -54.36
C GLU G 303 -21.51 -0.92 -54.17
N ALA G 304 -21.65 -1.90 -53.29
CA ALA G 304 -22.91 -2.55 -52.97
C ALA G 304 -24.08 -1.64 -52.58
N TYR G 305 -23.80 -0.58 -51.82
CA TYR G 305 -24.84 0.38 -51.44
C TYR G 305 -24.80 1.72 -52.17
N GLY G 306 -24.12 1.77 -53.31
CA GLY G 306 -24.14 2.96 -54.16
C GLY G 306 -23.14 4.07 -53.90
N MSE G 307 -22.00 3.76 -53.31
CA MSE G 307 -21.00 4.77 -52.99
C MSE G 307 -20.01 4.90 -54.15
O MSE G 307 -19.43 3.91 -54.57
CB MSE G 307 -20.27 4.42 -51.69
CG MSE G 307 -19.76 5.59 -50.81
SE MSE G 307 -20.69 7.31 -50.86
CE MSE G 307 -22.37 6.81 -50.04
N PRO G 308 -19.83 6.12 -54.67
CA PRO G 308 -19.00 6.44 -55.84
C PRO G 308 -17.52 6.10 -55.62
N MSE G 309 -16.97 5.36 -56.56
CA MSE G 309 -15.59 4.87 -56.54
C MSE G 309 -14.62 5.88 -57.18
O MSE G 309 -14.98 6.56 -58.15
CB MSE G 309 -15.52 3.52 -57.28
CG MSE G 309 -15.05 2.36 -56.42
SE MSE G 309 -16.38 1.89 -55.07
CE MSE G 309 -17.91 1.73 -56.27
N PRO G 310 -13.38 5.96 -56.66
CA PRO G 310 -12.36 6.99 -56.89
C PRO G 310 -11.88 7.18 -58.32
N VAL G 311 -11.13 8.26 -58.51
CA VAL G 311 -10.49 8.61 -59.77
C VAL G 311 -9.12 9.23 -59.46
N GLY G 312 -9.10 10.47 -58.99
CA GLY G 312 -7.86 11.10 -58.56
C GLY G 312 -7.09 10.22 -57.59
N GLU G 313 -5.81 10.48 -57.42
CA GLU G 313 -4.97 9.66 -56.57
C GLU G 313 -5.26 9.92 -55.11
N LYS G 314 -5.38 11.19 -54.73
CA LYS G 314 -5.85 11.45 -53.39
C LYS G 314 -7.37 11.41 -53.27
N GLU G 315 -7.92 10.24 -53.63
CA GLU G 315 -9.31 9.88 -53.44
C GLU G 315 -9.34 8.37 -53.27
N GLU G 316 -8.61 7.66 -54.14
CA GLU G 316 -8.32 6.26 -53.86
C GLU G 316 -7.50 6.20 -52.58
N ASP G 317 -6.68 7.23 -52.37
CA ASP G 317 -5.94 7.36 -51.14
C ASP G 317 -6.85 7.70 -49.98
N VAL G 318 -7.83 8.56 -50.22
CA VAL G 318 -8.83 8.88 -49.20
C VAL G 318 -9.57 7.62 -48.75
N LEU G 319 -9.80 6.71 -49.69
CA LEU G 319 -10.54 5.50 -49.38
C LEU G 319 -9.63 4.44 -48.75
N ASN G 320 -8.35 4.43 -49.13
CA ASN G 320 -7.40 3.58 -48.42
C ASN G 320 -7.18 4.13 -47.02
N LYS G 321 -7.38 5.43 -46.87
CA LYS G 321 -7.41 6.07 -45.56
C LYS G 321 -8.57 5.55 -44.73
N THR G 322 -9.77 5.53 -45.31
CA THR G 322 -10.91 4.99 -44.58
C THR G 322 -10.74 3.51 -44.22
N ILE G 323 -10.30 2.72 -45.21
CA ILE G 323 -10.13 1.28 -45.02
C ILE G 323 -9.03 0.92 -44.03
N GLU G 324 -7.99 1.75 -44.01
CA GLU G 324 -6.87 1.62 -43.08
C GLU G 324 -7.35 2.00 -41.69
N LEU G 325 -8.03 3.14 -41.60
CA LEU G 325 -8.55 3.64 -40.34
C LEU G 325 -9.49 2.60 -39.75
N SER G 326 -10.57 2.32 -40.46
CA SER G 326 -11.52 1.29 -40.03
C SER G 326 -10.98 -0.11 -40.26
N SER G 327 -9.70 -0.32 -39.93
CA SER G 327 -8.94 -1.56 -40.15
C SER G 327 -9.81 -2.76 -40.52
N GLY G 328 -10.37 -2.70 -41.72
CA GLY G 328 -11.29 -3.70 -42.22
C GLY G 328 -12.38 -3.99 -41.21
N ASN G 329 -13.37 -3.10 -41.14
CA ASN G 329 -14.46 -3.29 -40.19
C ASN G 329 -15.86 -2.92 -40.69
N PRO G 330 -16.66 -3.95 -41.01
CA PRO G 330 -18.05 -3.93 -41.48
C PRO G 330 -18.86 -2.80 -40.88
N ALA G 331 -19.01 -2.89 -39.56
CA ALA G 331 -19.81 -2.01 -38.73
C ALA G 331 -19.43 -0.54 -38.83
N THR G 332 -18.14 -0.24 -38.66
CA THR G 332 -17.67 1.13 -38.77
C THR G 332 -17.70 1.63 -40.21
N LEU G 333 -17.63 0.71 -41.15
CA LEU G 333 -17.79 1.07 -42.55
C LEU G 333 -19.22 1.55 -42.75
N MSE G 334 -20.16 0.81 -42.17
CA MSE G 334 -21.57 1.17 -42.27
C MSE G 334 -21.82 2.50 -41.59
O MSE G 334 -22.55 3.34 -42.12
CB MSE G 334 -22.47 0.09 -41.66
CG MSE G 334 -23.97 0.31 -41.89
SE MSE G 334 -24.65 -0.21 -43.64
CE MSE G 334 -24.04 1.29 -44.72
N MSE G 335 -21.23 2.71 -40.41
CA MSE G 335 -21.38 3.99 -39.72
C MSE G 335 -20.86 5.12 -40.58
O MSE G 335 -21.44 6.22 -40.63
CB MSE G 335 -20.64 3.96 -38.38
CG MSE G 335 -21.35 3.20 -37.27
SE MSE G 335 -20.12 2.27 -36.09
CE MSE G 335 -19.11 3.79 -35.41
N PHE G 336 -19.80 4.81 -41.33
CA PHE G 336 -19.21 5.77 -42.24
C PHE G 336 -20.22 6.18 -43.30
N PHE G 337 -20.77 5.19 -44.01
CA PHE G 337 -21.76 5.49 -45.06
C PHE G 337 -22.90 6.29 -44.43
N LYS G 338 -23.54 5.71 -43.40
CA LYS G 338 -24.68 6.34 -42.72
C LYS G 338 -24.41 7.77 -42.27
N SER G 339 -23.14 8.16 -42.19
CA SER G 339 -22.79 9.46 -41.65
C SER G 339 -22.17 10.31 -42.75
N CYS G 340 -22.10 9.74 -43.95
CA CYS G 340 -21.54 10.46 -45.09
C CYS G 340 -22.52 11.40 -45.82
N GLU G 341 -23.68 11.65 -45.23
CA GLU G 341 -24.71 12.60 -45.71
C GLU G 341 -24.69 12.88 -47.25
N PRO G 342 -23.91 13.89 -47.76
CA PRO G 342 -24.11 14.22 -49.18
C PRO G 342 -23.64 13.13 -50.15
N LYS G 343 -22.78 12.22 -49.68
CA LYS G 343 -22.18 11.09 -50.41
C LYS G 343 -20.83 11.40 -51.07
N THR G 344 -20.48 12.68 -51.16
CA THR G 344 -19.22 13.11 -51.79
C THR G 344 -17.97 12.50 -51.10
N PHE G 345 -16.94 12.19 -51.88
CA PHE G 345 -15.60 11.90 -51.34
C PHE G 345 -15.08 12.99 -50.42
N GLU G 346 -15.50 14.22 -50.70
CA GLU G 346 -15.13 15.39 -49.94
C GLU G 346 -15.59 15.25 -48.49
N LYS G 347 -16.90 15.18 -48.28
CA LYS G 347 -17.49 15.03 -46.94
C LYS G 347 -17.08 13.70 -46.28
N MSE G 348 -16.59 12.78 -47.11
CA MSE G 348 -16.05 11.50 -46.69
C MSE G 348 -14.69 11.72 -46.06
O MSE G 348 -14.30 11.06 -45.08
CB MSE G 348 -15.98 10.53 -47.87
CG MSE G 348 -16.32 9.10 -47.53
SE MSE G 348 -14.84 8.11 -46.78
CE MSE G 348 -13.68 8.11 -48.34
N ALA G 349 -13.94 12.67 -46.62
CA ALA G 349 -12.66 13.06 -46.10
C ALA G 349 -12.88 13.91 -44.86
N GLN G 350 -14.00 14.64 -44.83
CA GLN G 350 -14.40 15.36 -43.62
C GLN G 350 -14.37 14.34 -42.51
N LEU G 351 -15.00 13.21 -42.79
CA LEU G 351 -15.07 12.16 -41.78
C LEU G 351 -13.66 11.64 -41.51
N ASN G 352 -12.85 11.47 -42.56
CA ASN G 352 -11.48 11.01 -42.37
C ASN G 352 -10.69 11.87 -41.38
N ASN G 353 -11.03 13.15 -41.32
CA ASN G 353 -10.44 14.03 -40.31
C ASN G 353 -11.08 13.72 -38.95
N LYS G 354 -12.39 13.91 -38.88
CA LYS G 354 -13.16 13.61 -37.66
C LYS G 354 -12.76 12.34 -36.93
N LEU G 355 -12.27 11.35 -37.66
CA LEU G 355 -11.92 10.08 -37.05
C LEU G 355 -10.61 10.16 -36.28
N GLU G 356 -9.71 10.99 -36.79
CA GLU G 356 -8.40 11.20 -36.17
C GLU G 356 -8.44 12.20 -35.01
N SER G 357 -9.30 13.20 -35.12
CA SER G 357 -9.42 14.24 -34.09
C SER G 357 -10.67 14.12 -33.21
N ARG G 358 -11.26 12.94 -33.14
CA ARG G 358 -12.41 12.69 -32.28
C ARG G 358 -12.63 11.19 -32.02
N GLY G 359 -11.72 10.38 -32.54
CA GLY G 359 -11.80 8.94 -32.40
C GLY G 359 -13.09 8.37 -32.98
N LEU G 360 -13.47 7.18 -32.53
CA LEU G 360 -14.67 6.52 -33.08
C LEU G 360 -15.92 7.33 -32.81
N VAL G 361 -15.82 8.29 -31.91
CA VAL G 361 -17.00 9.03 -31.49
C VAL G 361 -17.36 10.03 -32.58
N GLY G 362 -16.53 10.10 -33.62
CA GLY G 362 -16.75 11.08 -34.66
C GLY G 362 -17.70 10.53 -35.70
N VAL G 363 -17.86 9.21 -35.69
CA VAL G 363 -18.66 8.54 -36.72
C VAL G 363 -19.69 7.59 -36.12
N GLU G 364 -19.78 7.56 -34.79
CA GLU G 364 -20.82 6.78 -34.13
C GLU G 364 -22.18 7.21 -34.66
N CYS G 365 -22.97 6.22 -35.08
CA CYS G 365 -24.21 6.47 -35.80
C CYS G 365 -25.25 5.37 -35.58
N ILE G 366 -26.49 5.67 -35.94
CA ILE G 366 -27.53 4.65 -36.00
C ILE G 366 -27.21 3.65 -37.12
N THR G 367 -27.00 2.41 -36.73
CA THR G 367 -26.57 1.35 -37.65
C THR G 367 -27.29 0.02 -37.33
N PRO G 368 -27.44 -0.87 -38.33
CA PRO G 368 -27.89 -2.25 -38.09
C PRO G 368 -27.21 -2.96 -36.89
N TYR G 369 -26.06 -2.46 -36.50
CA TYR G 369 -25.38 -2.86 -35.27
C TYR G 369 -26.15 -2.44 -34.02
N SER G 370 -26.20 -3.31 -33.02
CA SER G 370 -26.87 -3.02 -31.75
C SER G 370 -26.21 -1.84 -31.03
N TYR G 371 -25.05 -1.44 -31.56
CA TYR G 371 -24.16 -0.49 -30.91
C TYR G 371 -24.07 0.84 -31.67
N LYS G 372 -24.15 1.94 -30.94
CA LYS G 372 -23.98 3.26 -31.54
C LYS G 372 -22.59 3.35 -32.16
N SER G 373 -21.59 2.76 -31.51
CA SER G 373 -20.24 2.76 -32.07
C SER G 373 -19.41 1.56 -31.66
N LEU G 374 -18.44 1.22 -32.50
CA LEU G 374 -17.65 0.02 -32.27
C LEU G 374 -16.88 0.09 -30.94
N ALA G 375 -16.79 1.32 -30.42
CA ALA G 375 -16.07 1.58 -29.17
C ALA G 375 -16.87 1.11 -27.96
N MSE G 376 -18.19 1.15 -28.11
CA MSE G 376 -19.12 0.75 -27.06
C MSE G 376 -19.02 -0.77 -26.88
O MSE G 376 -19.26 -1.30 -25.79
CB MSE G 376 -20.54 1.17 -27.42
CG MSE G 376 -20.67 2.67 -27.71
SE MSE G 376 -21.62 3.62 -26.31
CE MSE G 376 -23.31 2.67 -26.43
N ALA G 377 -18.66 -1.42 -27.97
CA ALA G 377 -18.56 -2.87 -28.04
C ALA G 377 -17.23 -3.23 -27.41
N LEU G 378 -16.20 -2.57 -27.93
CA LEU G 378 -14.86 -2.91 -27.49
C LEU G 378 -14.71 -2.64 -26.01
N GLN G 379 -15.44 -1.65 -25.50
CA GLN G 379 -15.55 -1.43 -24.06
C GLN G 379 -15.64 -2.76 -23.34
N ARG G 380 -16.73 -3.49 -23.65
CA ARG G 380 -17.04 -4.75 -23.00
C ARG G 380 -15.86 -5.65 -23.26
N CYS G 381 -15.42 -5.67 -24.51
CA CYS G 381 -14.31 -6.53 -24.93
C CYS G 381 -13.09 -6.32 -24.05
N VAL G 382 -13.05 -5.16 -23.40
CA VAL G 382 -11.92 -4.68 -22.62
C VAL G 382 -12.17 -4.98 -21.14
N GLU G 383 -13.45 -5.07 -20.77
CA GLU G 383 -13.84 -5.37 -19.40
C GLU G 383 -13.56 -6.81 -18.96
N VAL G 384 -13.83 -7.77 -19.83
CA VAL G 384 -13.63 -9.19 -19.52
C VAL G 384 -12.19 -9.57 -19.20
N LEU G 385 -11.26 -8.73 -19.64
CA LEU G 385 -9.82 -9.02 -19.61
C LEU G 385 -9.15 -9.20 -18.25
N SER G 386 -8.28 -10.20 -18.16
CA SER G 386 -7.40 -10.36 -17.00
C SER G 386 -6.84 -8.98 -16.62
N ASP G 387 -6.85 -8.63 -15.34
CA ASP G 387 -6.39 -7.32 -14.87
C ASP G 387 -5.03 -6.84 -15.44
N GLU G 388 -4.11 -7.78 -15.56
CA GLU G 388 -2.79 -7.52 -16.09
C GLU G 388 -2.82 -7.34 -17.60
N ASP G 389 -3.70 -8.09 -18.25
CA ASP G 389 -3.85 -7.95 -19.69
C ASP G 389 -4.54 -6.62 -19.94
N ARG G 390 -5.41 -6.22 -19.00
CA ARG G 390 -6.08 -4.94 -19.09
C ARG G 390 -5.03 -3.85 -19.06
N SER G 391 -3.93 -4.14 -18.36
CA SER G 391 -2.84 -3.17 -18.24
C SER G 391 -2.05 -3.09 -19.55
N ALA G 392 -1.54 -4.24 -19.97
CA ALA G 392 -0.86 -4.36 -21.28
C ALA G 392 -1.61 -3.68 -22.42
N LEU G 393 -2.92 -3.95 -22.50
CA LEU G 393 -3.75 -3.37 -23.55
C LEU G 393 -3.74 -1.87 -23.32
N ALA G 394 -3.92 -1.47 -22.06
CA ALA G 394 -4.07 -0.04 -21.74
C ALA G 394 -2.83 0.71 -22.19
N PHE G 395 -1.71 0.00 -22.24
CA PHE G 395 -0.43 0.56 -22.62
C PHE G 395 -0.09 0.54 -24.11
N ALA G 396 -0.54 -0.48 -24.84
CA ALA G 396 -0.28 -0.52 -26.28
C ALA G 396 -0.74 0.70 -27.10
N VAL G 397 -1.28 1.72 -26.45
CA VAL G 397 -1.58 2.98 -27.12
C VAL G 397 -0.30 3.58 -27.68
N VAL G 398 0.65 3.85 -26.79
CA VAL G 398 1.90 4.54 -27.14
C VAL G 398 2.75 3.76 -28.13
N MSE G 399 2.10 2.96 -28.97
CA MSE G 399 2.79 2.24 -30.04
C MSE G 399 2.54 2.93 -31.37
O MSE G 399 1.82 3.93 -31.40
CB MSE G 399 2.33 0.78 -30.03
CG MSE G 399 3.08 -0.01 -28.99
SE MSE G 399 4.98 0.44 -29.16
CE MSE G 399 5.67 -0.52 -27.62
N PRO G 400 3.04 2.37 -32.47
CA PRO G 400 2.64 2.77 -33.83
C PRO G 400 1.56 1.90 -34.42
N PRO G 401 0.50 2.51 -34.96
CA PRO G 401 -0.53 1.62 -35.47
C PRO G 401 -0.16 1.17 -36.87
N GLY G 402 -0.59 -0.03 -37.23
CA GLY G 402 -0.34 -0.59 -38.54
C GLY G 402 1.17 -0.71 -38.69
N VAL G 403 1.83 -1.22 -37.65
CA VAL G 403 3.27 -1.46 -37.66
C VAL G 403 3.66 -2.72 -36.88
N ASP G 404 4.46 -3.58 -37.52
CA ASP G 404 4.96 -4.81 -36.91
C ASP G 404 6.23 -4.61 -36.08
N ILE G 405 6.18 -4.91 -34.79
CA ILE G 405 7.28 -4.52 -33.91
C ILE G 405 7.61 -5.68 -32.97
N PRO G 406 8.90 -5.89 -32.70
CA PRO G 406 9.49 -7.01 -31.93
C PRO G 406 8.98 -7.07 -30.49
N VAL G 407 9.19 -8.20 -29.84
CA VAL G 407 8.67 -8.41 -28.49
C VAL G 407 9.41 -7.52 -27.50
N LYS G 408 10.72 -7.44 -27.63
CA LYS G 408 11.51 -6.63 -26.72
C LYS G 408 11.11 -5.15 -26.89
N LEU G 409 10.97 -4.69 -28.13
CA LEU G 409 10.47 -3.34 -28.41
C LEU G 409 9.12 -3.01 -27.74
N TRP G 410 8.41 -4.05 -27.28
CA TRP G 410 7.14 -3.92 -26.56
C TRP G 410 7.40 -4.00 -25.07
N SER G 411 8.38 -4.82 -24.70
CA SER G 411 8.78 -5.03 -23.31
C SER G 411 9.03 -3.71 -22.57
N CYS G 412 9.16 -2.63 -23.33
CA CYS G 412 9.49 -1.34 -22.77
C CYS G 412 8.26 -0.74 -22.07
N VAL G 413 7.09 -0.86 -22.69
CA VAL G 413 5.88 -0.30 -22.08
C VAL G 413 5.10 -1.32 -21.24
N ILE G 414 5.20 -2.60 -21.58
CA ILE G 414 4.40 -3.65 -20.93
C ILE G 414 4.95 -4.05 -19.56
N PRO G 415 4.07 -4.11 -18.55
CA PRO G 415 4.24 -4.54 -17.14
C PRO G 415 4.71 -5.97 -16.90
N VAL G 416 5.06 -6.23 -15.63
CA VAL G 416 5.39 -7.55 -15.05
C VAL G 416 5.66 -7.37 -13.56
N LEU G 426 14.22 -12.53 -19.29
CA LEU G 426 13.56 -12.81 -20.56
C LEU G 426 12.10 -12.38 -20.55
N ASP G 427 11.81 -11.32 -21.30
CA ASP G 427 10.44 -10.85 -21.43
C ASP G 427 9.78 -11.47 -22.65
N ASP G 428 9.42 -12.74 -22.51
CA ASP G 428 8.60 -13.46 -23.47
C ASP G 428 7.16 -13.37 -22.98
N GLU G 429 7.03 -13.18 -21.67
CA GLU G 429 5.76 -13.00 -20.98
C GLU G 429 4.87 -11.97 -21.69
N VAL G 430 5.52 -11.00 -22.32
CA VAL G 430 4.85 -10.00 -23.12
C VAL G 430 4.10 -10.72 -24.22
N ALA G 431 4.76 -11.65 -24.89
CA ALA G 431 4.11 -12.42 -25.94
C ALA G 431 2.90 -13.17 -25.38
N ASP G 432 3.00 -13.71 -24.18
CA ASP G 432 1.87 -14.45 -23.61
C ASP G 432 0.67 -13.53 -23.43
N ARG G 433 0.95 -12.30 -22.98
CA ARG G 433 -0.12 -11.33 -22.79
C ARG G 433 -0.72 -10.87 -24.11
N LEU G 434 0.15 -10.55 -25.06
CA LEU G 434 -0.28 -10.07 -26.38
C LEU G 434 -1.01 -11.12 -27.20
N LYS G 435 -0.66 -12.39 -26.94
CA LYS G 435 -1.41 -13.48 -27.53
C LYS G 435 -2.78 -13.54 -26.90
N ARG G 436 -2.88 -13.71 -25.58
CA ARG G 436 -4.19 -13.59 -24.93
C ARG G 436 -5.00 -12.39 -25.44
N LEU G 437 -4.30 -11.31 -25.74
CA LEU G 437 -4.92 -10.05 -26.16
C LEU G 437 -5.51 -10.08 -27.55
N SER G 438 -4.84 -10.76 -28.47
CA SER G 438 -5.44 -10.99 -29.78
C SER G 438 -6.48 -12.11 -29.76
N LYS G 439 -6.22 -13.19 -29.03
CA LYS G 439 -7.20 -14.24 -28.80
C LYS G 439 -8.58 -13.80 -28.24
N ARG G 440 -8.61 -12.69 -27.50
CA ARG G 440 -9.76 -12.34 -26.68
C ARG G 440 -10.43 -11.06 -27.16
N GLY G 441 -10.82 -11.03 -28.44
CA GLY G 441 -11.50 -9.88 -28.99
C GLY G 441 -10.80 -9.41 -30.25
N ALA G 442 -9.72 -10.09 -30.59
CA ALA G 442 -8.89 -9.80 -31.76
C ALA G 442 -8.50 -8.34 -31.72
N LEU G 443 -7.79 -7.99 -30.66
CA LEU G 443 -7.42 -6.61 -30.41
C LEU G 443 -6.03 -6.30 -30.98
N LEU G 444 -5.13 -7.29 -30.95
CA LEU G 444 -3.79 -7.14 -31.52
C LEU G 444 -3.65 -7.72 -32.93
N SER G 445 -2.70 -8.66 -33.09
CA SER G 445 -2.19 -9.12 -34.40
C SER G 445 -0.78 -9.75 -34.33
N GLY G 446 -0.73 -11.09 -34.29
CA GLY G 446 0.50 -11.85 -34.26
C GLY G 446 1.11 -12.30 -35.59
N LYS G 447 2.43 -12.31 -35.65
CA LYS G 447 3.16 -12.63 -36.89
C LYS G 447 4.48 -13.30 -36.54
N ARG G 448 4.49 -14.63 -36.64
CA ARG G 448 5.55 -15.47 -36.05
C ARG G 448 6.94 -15.14 -36.57
N MSE G 449 7.18 -15.38 -37.86
CA MSE G 449 8.43 -14.99 -38.48
C MSE G 449 8.19 -13.86 -39.49
O MSE G 449 7.04 -13.62 -39.87
CB MSE G 449 9.11 -16.21 -39.12
CG MSE G 449 8.56 -16.63 -40.46
SE MSE G 449 9.43 -18.26 -41.06
CE MSE G 449 11.28 -17.79 -40.64
N PRO G 450 9.25 -13.14 -39.92
CA PRO G 450 10.70 -13.31 -39.75
C PRO G 450 11.13 -13.33 -38.30
N VAL G 451 10.56 -12.44 -37.46
CA VAL G 451 10.85 -12.46 -36.05
C VAL G 451 9.56 -12.30 -35.27
N LEU G 452 9.46 -12.98 -34.12
CA LEU G 452 8.28 -12.90 -33.27
C LEU G 452 7.99 -11.43 -33.00
N THR G 453 6.95 -10.94 -33.67
CA THR G 453 6.56 -9.53 -33.63
C THR G 453 5.05 -9.43 -33.53
N PHE G 454 4.56 -8.38 -32.88
CA PHE G 454 3.12 -8.18 -32.85
C PHE G 454 2.76 -6.88 -33.55
N LYS G 455 1.47 -6.52 -33.53
CA LYS G 455 1.03 -5.30 -34.20
C LYS G 455 -0.39 -4.87 -33.77
N ILE G 456 -0.59 -3.56 -33.63
CA ILE G 456 -1.90 -2.99 -33.32
C ILE G 456 -2.56 -2.24 -34.50
N ASP G 457 -3.81 -2.58 -34.80
CA ASP G 457 -4.56 -1.95 -35.88
C ASP G 457 -5.07 -0.55 -35.50
N HIS G 458 -5.79 0.10 -36.42
CA HIS G 458 -6.27 1.46 -36.16
C HIS G 458 -7.59 1.68 -35.39
N ILE G 459 -8.61 0.88 -35.64
CA ILE G 459 -9.88 1.02 -34.92
C ILE G 459 -9.59 0.73 -33.46
N ILE G 460 -8.84 -0.35 -33.30
CA ILE G 460 -8.37 -0.83 -32.03
C ILE G 460 -7.38 0.16 -31.40
N HIS G 461 -7.01 1.18 -32.16
CA HIS G 461 -6.11 2.19 -31.61
C HIS G 461 -7.02 3.33 -31.16
N MSE G 462 -7.77 3.95 -32.07
CA MSE G 462 -8.63 5.09 -31.65
C MSE G 462 -9.68 4.69 -30.62
O MSE G 462 -10.38 5.55 -30.09
CB MSE G 462 -9.30 5.75 -32.85
CG MSE G 462 -8.35 6.45 -33.80
SE MSE G 462 -7.73 5.44 -35.33
CE MSE G 462 -6.50 6.78 -36.02
N PHE G 463 -9.79 3.40 -30.34
CA PHE G 463 -10.56 2.97 -29.20
C PHE G 463 -9.80 3.47 -27.99
N LEU G 464 -8.57 2.96 -27.86
CA LEU G 464 -7.66 3.33 -26.80
C LEU G 464 -7.29 4.81 -26.68
N LYS G 465 -7.03 5.50 -27.81
CA LYS G 465 -6.84 6.96 -27.78
C LYS G 465 -7.79 7.65 -26.82
N HIS G 466 -9.01 7.95 -27.26
CA HIS G 466 -9.95 8.67 -26.41
C HIS G 466 -10.56 7.81 -25.29
N VAL G 467 -9.78 6.90 -24.71
CA VAL G 467 -10.35 5.98 -23.73
C VAL G 467 -9.40 5.67 -22.57
N VAL G 468 -8.10 5.55 -22.83
CA VAL G 468 -7.16 5.36 -21.73
C VAL G 468 -6.92 6.70 -21.05
N ASP G 469 -6.46 6.64 -19.80
CA ASP G 469 -6.21 7.82 -19.00
C ASP G 469 -5.27 8.80 -19.71
N ALA G 470 -5.75 10.02 -19.93
CA ALA G 470 -5.00 11.05 -20.66
C ALA G 470 -3.54 11.19 -20.21
N GLN G 471 -3.29 10.90 -18.94
CA GLN G 471 -1.93 10.92 -18.40
C GLN G 471 -1.12 9.75 -18.94
N THR G 472 -1.70 8.56 -18.84
CA THR G 472 -1.05 7.29 -19.15
C THR G 472 -0.55 7.23 -20.59
N ILE G 473 -1.14 8.04 -21.47
CA ILE G 473 -0.60 8.19 -22.81
C ILE G 473 0.80 8.78 -22.68
N ALA G 474 0.89 9.97 -22.10
CA ALA G 474 2.18 10.65 -21.95
C ALA G 474 3.15 9.82 -21.11
N ASN G 475 2.63 9.07 -20.15
CA ASN G 475 3.48 8.22 -19.33
C ASN G 475 4.05 7.05 -20.13
N GLY G 476 3.29 6.53 -21.07
CA GLY G 476 3.78 5.41 -21.86
C GLY G 476 4.79 5.90 -22.88
N ILE G 477 4.54 7.11 -23.38
CA ILE G 477 5.45 7.73 -24.34
C ILE G 477 6.80 7.99 -23.68
N SER G 478 6.76 8.54 -22.46
CA SER G 478 8.01 8.75 -21.75
C SER G 478 8.69 7.45 -21.35
N ILE G 479 7.96 6.49 -20.77
CA ILE G 479 8.52 5.17 -20.42
C ILE G 479 9.13 4.43 -21.61
N LEU G 480 8.73 4.87 -22.81
CA LEU G 480 9.31 4.28 -23.98
C LEU G 480 10.58 5.02 -24.29
N GLU G 481 10.56 6.35 -24.38
CA GLU G 481 11.82 7.04 -24.67
C GLU G 481 12.92 6.65 -23.65
N GLN G 482 12.45 6.18 -22.49
CA GLN G 482 13.34 5.70 -21.46
C GLN G 482 13.95 4.36 -21.82
N ARG G 483 13.15 3.28 -21.93
CA ARG G 483 13.87 2.04 -22.26
C ARG G 483 14.57 2.08 -23.63
N LEU G 484 14.22 3.07 -24.46
CA LEU G 484 14.77 3.06 -25.80
C LEU G 484 16.20 3.48 -25.54
N LEU G 485 16.36 4.52 -24.71
CA LEU G 485 17.71 5.05 -24.56
C LEU G 485 18.54 4.07 -23.72
N GLU G 486 17.83 3.35 -22.84
CA GLU G 486 18.42 2.19 -22.14
C GLU G 486 19.10 1.23 -23.10
N ILE G 487 18.36 0.81 -24.13
CA ILE G 487 18.92 -0.05 -25.16
C ILE G 487 20.06 0.69 -25.86
N GLY G 488 19.94 2.00 -25.94
CA GLY G 488 20.96 2.84 -26.53
C GLY G 488 22.30 2.81 -25.81
N ASN G 489 22.29 2.53 -24.52
CA ASN G 489 23.55 2.51 -23.76
C ASN G 489 24.22 1.14 -23.62
N ASN G 490 23.65 0.10 -24.22
CA ASN G 490 24.28 -1.22 -24.15
C ASN G 490 25.53 -1.33 -25.00
N ASN G 491 25.71 -0.36 -25.89
CA ASN G 491 26.85 -0.36 -26.81
C ASN G 491 27.90 0.66 -26.39
N GLU G 521 7.15 -1.23 -45.24
CA GLU G 521 7.62 -2.12 -46.30
C GLU G 521 7.80 -3.55 -45.80
N THR G 522 8.00 -4.48 -46.74
CA THR G 522 8.23 -5.89 -46.43
C THR G 522 9.50 -6.17 -45.63
N VAL G 523 9.96 -5.22 -44.81
CA VAL G 523 11.12 -5.49 -43.95
C VAL G 523 10.93 -5.13 -42.48
N ILE G 524 11.24 -6.10 -41.61
CA ILE G 524 11.18 -5.91 -40.16
C ILE G 524 12.32 -5.03 -39.66
N ARG G 525 12.10 -4.33 -38.55
CA ARG G 525 13.08 -3.43 -37.96
C ARG G 525 14.21 -4.19 -37.25
N PRO G 526 15.45 -3.94 -37.68
CA PRO G 526 16.64 -4.64 -37.19
C PRO G 526 17.06 -4.21 -35.79
N GLU G 527 17.83 -5.07 -35.15
CA GLU G 527 18.29 -4.87 -33.78
C GLU G 527 19.41 -3.85 -33.69
N ASP G 528 19.90 -3.40 -34.85
CA ASP G 528 20.90 -2.34 -34.88
C ASP G 528 20.17 -1.01 -34.78
N PHE G 529 18.87 -1.02 -35.10
CA PHE G 529 18.07 0.20 -35.18
C PHE G 529 16.83 0.29 -34.27
N PRO G 530 16.80 -0.41 -33.11
CA PRO G 530 15.61 -0.20 -32.28
C PRO G 530 15.75 1.11 -31.51
N LYS G 531 17.01 1.43 -31.23
CA LYS G 531 17.42 2.60 -30.47
C LYS G 531 16.76 3.90 -30.92
N PHE G 532 16.34 4.00 -32.17
CA PHE G 532 15.60 5.19 -32.58
C PHE G 532 14.18 4.86 -33.05
N MSE G 533 13.23 4.83 -32.12
CA MSE G 533 11.82 4.80 -32.51
C MSE G 533 11.42 6.12 -33.17
O MSE G 533 10.25 6.36 -33.49
CB MSE G 533 10.93 4.52 -31.30
CG MSE G 533 10.64 3.05 -31.10
SE MSE G 533 9.77 2.26 -32.66
CE MSE G 533 8.04 1.84 -31.86
N GLN G 534 12.42 6.95 -33.43
CA GLN G 534 12.23 8.30 -33.94
C GLN G 534 11.71 8.19 -35.35
N LEU G 535 11.79 6.99 -35.91
CA LEU G 535 11.26 6.71 -37.22
C LEU G 535 9.77 7.07 -37.24
N HIS G 536 9.06 6.70 -36.18
CA HIS G 536 7.63 7.00 -36.10
C HIS G 536 7.39 8.31 -35.33
N GLN G 537 8.40 9.17 -35.30
CA GLN G 537 8.28 10.48 -34.66
C GLN G 537 7.07 11.25 -35.11
N LYS G 538 6.77 11.16 -36.40
CA LYS G 538 5.63 11.85 -36.97
C LYS G 538 4.39 11.54 -36.15
N PHE G 539 4.02 10.27 -36.06
CA PHE G 539 2.80 9.99 -35.35
C PHE G 539 3.09 10.13 -33.88
N TYR G 540 4.33 9.84 -33.49
CA TYR G 540 4.65 9.97 -32.09
C TYR G 540 4.52 11.41 -31.68
N ASP G 541 4.77 12.34 -32.59
CA ASP G 541 4.67 13.72 -32.17
C ASP G 541 3.21 14.12 -31.93
N SER G 542 2.31 13.44 -32.63
CA SER G 542 0.89 13.76 -32.51
C SER G 542 0.31 13.23 -31.24
N LEU G 543 0.64 11.98 -30.94
CA LEU G 543 0.27 11.40 -29.68
C LEU G 543 0.78 12.32 -28.57
N LYS G 544 1.96 12.90 -28.75
CA LYS G 544 2.51 13.69 -27.66
C LYS G 544 1.73 14.98 -27.58
N ASN G 545 1.31 15.46 -28.73
CA ASN G 545 0.48 16.65 -28.81
C ASN G 545 -0.89 16.41 -28.17
N PHE G 546 -1.24 15.15 -27.98
CA PHE G 546 -2.56 14.80 -27.46
C PHE G 546 -2.61 14.81 -25.94
N ALA G 547 -1.76 14.02 -25.30
CA ALA G 547 -1.77 13.85 -23.84
C ALA G 547 -1.50 15.15 -23.09
N CYS G 548 -0.24 15.59 -23.11
CA CYS G 548 0.18 16.76 -22.36
C CYS G 548 -0.46 18.07 -22.83
N CYS G 549 -1.13 18.01 -23.98
CA CYS G 549 -1.76 19.18 -24.60
C CYS G 549 -0.73 20.27 -24.87
N PRO H 1 -7.59 6.75 -12.62
CA PRO H 1 -8.84 6.53 -13.35
C PRO H 1 -8.61 5.91 -14.73
N MSE H 2 -7.58 5.06 -14.82
CA MSE H 2 -7.19 4.45 -16.09
C MSE H 2 -8.35 3.77 -16.80
O MSE H 2 -9.06 2.95 -16.22
CB MSE H 2 -6.06 3.44 -15.86
CG MSE H 2 -5.50 2.86 -17.15
SE MSE H 2 -4.34 1.32 -16.86
CE MSE H 2 -2.61 2.21 -16.87
N PHE H 3 -8.51 4.15 -18.07
CA PHE H 3 -9.63 3.78 -18.95
C PHE H 3 -10.86 4.66 -18.70
N ASN H 4 -11.98 4.03 -18.37
CA ASN H 4 -13.24 4.75 -18.24
C ASN H 4 -14.18 4.24 -17.15
N PHE H 5 -15.08 3.32 -17.49
CA PHE H 5 -16.21 3.03 -16.61
C PHE H 5 -15.87 2.12 -15.40
N LEU H 6 -15.48 0.85 -15.58
CA LEU H 6 -15.27 0.14 -16.84
C LEU H 6 -16.34 -0.91 -17.10
MG MG I . 13.78 35.91 10.58
PG ATP J . 14.26 33.50 8.16
O1G ATP J . 13.74 34.89 7.85
O2G ATP J . 14.27 33.15 9.63
O3G ATP J . 13.69 32.41 7.28
PB ATP J . 16.95 34.30 8.56
O1B ATP J . 16.36 34.83 9.85
O2B ATP J . 17.67 35.22 7.62
O3B ATP J . 15.81 33.52 7.72
PA ATP J . 18.95 33.14 10.14
O1A ATP J . 19.49 34.53 10.32
O2A ATP J . 18.29 32.43 11.30
O3A ATP J . 17.95 33.08 8.88
O5' ATP J . 20.14 32.21 9.60
C5' ATP J . 19.84 30.91 9.12
C4' ATP J . 20.76 29.92 9.81
O4' ATP J . 22.01 29.87 9.12
C3' ATP J . 21.10 30.35 11.24
O3' ATP J . 20.18 29.80 12.19
C2' ATP J . 22.47 29.76 11.41
O2' ATP J . 22.35 28.37 11.72
C1' ATP J . 23.10 29.88 10.04
N9 ATP J . 23.74 31.20 9.92
C8 ATP J . 23.22 32.26 9.26
N7 ATP J . 24.04 33.33 9.33
C5 ATP J . 25.11 32.97 10.04
C6 ATP J . 26.35 33.64 10.49
N6 ATP J . 26.61 34.93 10.17
N1 ATP J . 27.22 32.90 11.23
C2 ATP J . 26.98 31.62 11.54
N3 ATP J . 25.87 30.96 11.17
C4 ATP J . 24.92 31.56 10.43
MG MG K . 18.77 11.68 35.68
PG ATP L . 19.34 9.21 32.93
O1G ATP L . 19.85 10.56 32.48
O2G ATP L . 18.39 9.28 34.10
O3G ATP L . 18.89 8.30 31.81
PB ATP L . 21.54 9.17 34.66
O1B ATP L . 20.73 10.29 35.26
O2B ATP L . 22.91 9.44 34.08
O3B ATP L . 20.64 8.47 33.53
PA ATP L . 22.18 8.34 37.24
O1A ATP L . 23.19 9.46 37.19
O2A ATP L . 20.95 8.47 38.12
O3A ATP L . 21.70 8.00 35.75
O5' ATP L . 22.95 7.00 37.66
C5' ATP L . 22.38 5.75 37.27
C4' ATP L . 22.25 4.86 38.50
O4' ATP L . 23.50 4.28 38.87
C3' ATP L . 21.77 5.60 39.72
O3' ATP L . 20.34 5.71 39.74
C2' ATP L . 22.26 4.72 40.84
O2' ATP L . 21.22 3.81 41.22
C1' ATP L . 23.42 3.94 40.25
N9 ATP L . 24.62 4.34 41.02
C8 ATP L . 24.84 3.98 42.29
N7 ATP L . 26.00 4.49 42.75
C5 ATP L . 26.55 5.20 41.75
C6 ATP L . 27.79 6.00 41.56
N6 ATP L . 28.70 6.15 42.55
N1 ATP L . 27.99 6.58 40.35
C2 ATP L . 27.11 6.44 39.35
N3 ATP L . 25.97 5.74 39.46
C4 ATP L . 25.64 5.10 40.61
MG MG M . -14.31 -34.05 -12.01
PG ATP N . -11.76 -34.08 -9.47
O1G ATP N . -12.22 -35.27 -8.67
O2G ATP N . -12.82 -33.49 -10.37
O3G ATP N . -10.99 -33.05 -8.67
PB ATP N . -11.01 -35.58 -11.77
O1B ATP N . -12.50 -35.69 -11.92
O2B ATP N . -10.16 -36.83 -11.67
O3B ATP N . -10.65 -34.64 -10.49
PA ATP N . -10.88 -34.92 -14.50
O1A ATP N . -11.35 -36.35 -14.70
O2A ATP N . -11.84 -33.79 -14.80
O3A ATP N . -10.39 -34.72 -12.98
O5' ATP N . -9.55 -34.70 -15.35
C5' ATP N . -8.75 -33.55 -15.13
C4' ATP N . -8.50 -32.83 -16.46
O4' ATP N . -7.40 -33.40 -17.17
C3' ATP N . -9.70 -32.87 -17.39
O3' ATP N . -10.56 -31.76 -17.20
C2' ATP N . -9.07 -32.84 -18.76
O2' ATP N . -8.85 -31.48 -19.15
C1' ATP N . -7.71 -33.51 -18.56
N9 ATP N . -7.85 -34.95 -18.85
C8 ATP N . -8.05 -35.89 -17.91
N7 ATP N . -8.14 -37.11 -18.46
C5 ATP N . -8.01 -36.98 -19.79
C6 ATP N . -8.00 -37.89 -20.95
N6 ATP N . -8.17 -39.23 -20.80
N1 ATP N . -7.83 -37.35 -22.18
C2 ATP N . -7.66 -36.02 -22.34
N3 ATP N . -7.65 -35.13 -21.33
C4 ATP N . -7.81 -35.54 -20.05
MG MG O . -21.84 -12.07 -32.62
PG ATP P . -20.39 -8.83 -32.24
O1G ATP P . -19.48 -10.00 -32.00
O2G ATP P . -21.86 -9.15 -32.05
O3G ATP P . -19.95 -7.56 -31.55
PB ATP P . -21.00 -9.19 -35.03
O1B ATP P . -22.36 -9.65 -34.59
O2B ATP P . -20.06 -10.15 -35.68
O3B ATP P . -20.24 -8.46 -33.81
PA ATP P . -22.46 -7.92 -37.07
O1A ATP P . -22.66 -9.31 -37.65
O2A ATP P . -23.56 -7.25 -36.29
O3A ATP P . -21.17 -7.98 -36.08
O5' ATP P . -22.01 -6.95 -38.27
C5' ATP P . -21.57 -5.63 -37.99
C4' ATP P . -22.27 -4.64 -38.92
O4' ATP P . -21.70 -4.64 -40.23
C3' ATP P . -23.74 -4.95 -39.12
O3' ATP P . -24.54 -4.42 -38.07
C2' ATP P . -24.04 -4.27 -40.44
O2' ATP P . -24.46 -2.93 -40.20
C1' ATP P . -22.71 -4.23 -41.16
N9 ATP P . -22.79 -5.17 -42.31
C8 ATP P . -23.54 -4.97 -43.41
N7 ATP P . -23.40 -6.00 -44.28
C5 ATP P . -22.55 -6.88 -43.73
C6 ATP P . -21.98 -8.19 -44.13
N6 ATP P . -22.31 -8.76 -45.32
N1 ATP P . -21.13 -8.79 -43.27
C2 ATP P . -20.81 -8.24 -42.09
N3 ATP P . -21.28 -7.05 -41.66
C4 ATP P . -22.15 -6.33 -42.43
#